data_2LHH
#
_entry.id   2LHH
#
loop_
_entity.id
_entity.type
_entity.pdbx_description
1 polymer Calmodulin
2 non-polymer 'CALCIUM ION'
#
_entity_poly.entity_id   1
_entity_poly.type   'polypeptide(L)'
_entity_poly.pdbx_seq_one_letter_code
;SSNLTEEQIAEFKEAFALFDKDNNGSISSSELATVMRSLGLSPSEAEVNDLMNEIDVDGNHQIEFSEFLALMSRQLKSND
SEQELLEAFKVFDKNGDGLISAAELKHVLTSIGEKLTDAELEHHHHHH
;
_entity_poly.pdbx_strand_id   A
#
loop_
_chem_comp.id
_chem_comp.type
_chem_comp.name
_chem_comp.formula
CA non-polymer 'CALCIUM ION' 'Ca 2'
#
# COMPACT_ATOMS: atom_id res chain seq x y z
N SER A 1 -4.54 4.21 -19.59
CA SER A 1 -5.74 3.92 -18.81
C SER A 1 -5.63 4.58 -17.43
N SER A 2 -6.73 5.22 -17.04
CA SER A 2 -6.78 5.89 -15.74
C SER A 2 -7.69 5.13 -14.79
N ASN A 3 -7.99 3.89 -15.17
CA ASN A 3 -8.86 3.05 -14.35
C ASN A 3 -8.27 1.64 -14.30
N LEU A 4 -8.62 0.93 -13.24
CA LEU A 4 -8.15 -0.44 -13.06
C LEU A 4 -8.96 -1.38 -13.94
N THR A 5 -8.25 -2.16 -14.75
CA THR A 5 -8.89 -3.10 -15.65
C THR A 5 -8.43 -4.53 -15.33
N GLU A 6 -9.15 -5.48 -15.90
CA GLU A 6 -8.82 -6.88 -15.70
C GLU A 6 -7.30 -7.10 -15.79
N GLU A 7 -6.68 -6.28 -16.62
CA GLU A 7 -5.24 -6.37 -16.80
C GLU A 7 -4.51 -6.00 -15.51
N GLN A 8 -4.77 -4.79 -15.04
CA GLN A 8 -4.15 -4.31 -13.81
C GLN A 8 -4.37 -5.32 -12.68
N ILE A 9 -5.62 -5.73 -12.53
CA ILE A 9 -5.98 -6.68 -11.49
C ILE A 9 -5.16 -7.96 -11.68
N ALA A 10 -5.07 -8.38 -12.93
CA ALA A 10 -4.32 -9.59 -13.26
C ALA A 10 -2.86 -9.39 -12.88
N GLU A 11 -2.43 -8.14 -12.94
CA GLU A 11 -1.06 -7.80 -12.60
C GLU A 11 -0.89 -7.68 -11.09
N PHE A 12 -1.96 -7.24 -10.44
CA PHE A 12 -1.94 -7.07 -9.00
C PHE A 12 -1.96 -8.42 -8.28
N LYS A 13 -2.58 -9.40 -8.95
CA LYS A 13 -2.67 -10.73 -8.39
C LYS A 13 -1.27 -11.22 -8.01
N GLU A 14 -0.28 -10.61 -8.61
CA GLU A 14 1.10 -10.97 -8.33
C GLU A 14 1.65 -10.12 -7.18
N ALA A 15 1.76 -8.83 -7.44
CA ALA A 15 2.26 -7.90 -6.44
C ALA A 15 1.70 -8.29 -5.06
N PHE A 16 0.48 -8.81 -5.09
CA PHE A 16 -0.17 -9.23 -3.86
C PHE A 16 0.47 -10.49 -3.29
N ALA A 17 0.64 -11.47 -4.16
CA ALA A 17 1.24 -12.73 -3.76
C ALA A 17 2.50 -12.45 -2.92
N LEU A 18 3.24 -11.45 -3.35
CA LEU A 18 4.46 -11.07 -2.65
C LEU A 18 4.12 -10.76 -1.19
N PHE A 19 3.00 -10.09 -0.99
CA PHE A 19 2.56 -9.73 0.33
C PHE A 19 1.63 -10.80 0.92
N ASP A 20 1.23 -11.72 0.05
CA ASP A 20 0.35 -12.81 0.46
C ASP A 20 1.17 -14.08 0.65
N LYS A 21 1.18 -14.57 1.88
CA LYS A 21 1.92 -15.78 2.21
C LYS A 21 1.07 -17.00 1.85
N ASP A 22 -0.03 -17.14 2.56
CA ASP A 22 -0.94 -18.29 2.30
C ASP A 22 -1.68 -18.07 0.97
N ASN A 23 -1.47 -16.94 0.32
CA ASN A 23 -2.14 -16.66 -0.94
C ASN A 23 -3.63 -16.93 -0.79
N ASN A 24 -4.23 -16.24 0.17
CA ASN A 24 -5.66 -16.39 0.42
C ASN A 24 -6.41 -15.20 -0.18
N GLY A 25 -5.70 -14.08 -0.28
CA GLY A 25 -6.28 -12.87 -0.83
C GLY A 25 -6.40 -11.78 0.24
N SER A 26 -6.47 -12.23 1.49
CA SER A 26 -6.58 -11.31 2.61
C SER A 26 -5.27 -11.29 3.40
N ILE A 27 -4.76 -10.08 3.62
CA ILE A 27 -3.53 -9.91 4.37
C ILE A 27 -3.84 -9.33 5.74
N SER A 28 -3.09 -9.79 6.73
CA SER A 28 -3.28 -9.32 8.10
C SER A 28 -2.02 -8.59 8.57
N SER A 29 -2.25 -7.57 9.39
CA SER A 29 -1.15 -6.78 9.92
C SER A 29 0.02 -7.69 10.29
N SER A 30 -0.31 -8.92 10.65
CA SER A 30 0.69 -9.89 11.03
C SER A 30 1.56 -10.24 9.81
N GLU A 31 0.89 -10.60 8.74
CA GLU A 31 1.58 -10.96 7.51
C GLU A 31 2.24 -9.72 6.88
N LEU A 32 1.45 -8.65 6.83
CA LEU A 32 1.94 -7.40 6.25
C LEU A 32 3.22 -6.98 6.98
N ALA A 33 3.16 -7.07 8.30
CA ALA A 33 4.30 -6.71 9.12
C ALA A 33 5.48 -7.61 8.78
N THR A 34 5.16 -8.87 8.52
CA THR A 34 6.18 -9.86 8.18
C THR A 34 6.94 -9.43 6.92
N VAL A 35 6.29 -8.59 6.13
CA VAL A 35 6.89 -8.10 4.91
C VAL A 35 7.83 -6.93 5.24
N MET A 36 7.37 -6.07 6.12
CA MET A 36 8.15 -4.91 6.53
C MET A 36 9.44 -5.35 7.24
N ARG A 37 9.27 -6.22 8.21
CA ARG A 37 10.40 -6.73 8.97
C ARG A 37 11.49 -7.24 8.03
N SER A 38 11.06 -7.60 6.82
CA SER A 38 11.98 -8.10 5.82
C SER A 38 12.56 -6.94 5.01
N LEU A 39 11.78 -5.87 4.94
CA LEU A 39 12.21 -4.69 4.20
C LEU A 39 13.42 -4.06 4.88
N GLY A 40 13.18 -3.53 6.07
CA GLY A 40 14.25 -2.91 6.84
C GLY A 40 13.74 -2.49 8.22
N LEU A 41 12.52 -1.97 8.25
CA LEU A 41 11.93 -1.53 9.50
C LEU A 41 11.12 -2.68 10.10
N SER A 42 10.74 -2.50 11.37
CA SER A 42 9.97 -3.51 12.07
C SER A 42 8.81 -2.86 12.80
N PRO A 43 7.65 -2.76 12.09
CA PRO A 43 6.46 -2.17 12.66
C PRO A 43 5.80 -3.11 13.67
N SER A 44 5.31 -2.53 14.74
CA SER A 44 4.65 -3.29 15.79
C SER A 44 3.21 -3.62 15.36
N GLU A 45 2.75 -4.79 15.79
CA GLU A 45 1.41 -5.23 15.47
C GLU A 45 0.41 -4.08 15.69
N ALA A 46 0.42 -3.56 16.90
CA ALA A 46 -0.48 -2.47 17.25
C ALA A 46 -0.17 -1.26 16.35
N GLU A 47 1.08 -1.17 15.93
CA GLU A 47 1.50 -0.08 15.07
C GLU A 47 1.03 -0.33 13.63
N VAL A 48 0.85 -1.60 13.31
CA VAL A 48 0.40 -1.99 11.98
C VAL A 48 -1.11 -1.78 11.87
N ASN A 49 -1.81 -2.24 12.90
CA ASN A 49 -3.26 -2.11 12.93
C ASN A 49 -3.64 -0.67 12.60
N ASP A 50 -2.75 0.25 12.96
CA ASP A 50 -2.99 1.66 12.71
C ASP A 50 -3.05 1.90 11.21
N LEU A 51 -2.17 1.21 10.49
CA LEU A 51 -2.12 1.34 9.05
C LEU A 51 -3.21 0.48 8.42
N MET A 52 -3.51 -0.62 9.09
CA MET A 52 -4.54 -1.54 8.62
C MET A 52 -5.94 -0.97 8.86
N ASN A 53 -6.00 0.00 9.76
CA ASN A 53 -7.26 0.63 10.10
C ASN A 53 -7.80 1.39 8.89
N GLU A 54 -6.91 2.17 8.28
CA GLU A 54 -7.27 2.96 7.11
C GLU A 54 -7.71 2.03 5.97
N ILE A 55 -6.81 1.12 5.62
CA ILE A 55 -7.07 0.18 4.55
C ILE A 55 -8.34 -0.62 4.88
N ASP A 56 -8.60 -0.73 6.17
CA ASP A 56 -9.77 -1.46 6.63
C ASP A 56 -11.01 -0.57 6.50
N VAL A 57 -12.00 -1.09 5.80
CA VAL A 57 -13.24 -0.35 5.58
C VAL A 57 -14.24 -0.72 6.68
N ASP A 58 -14.05 -1.88 7.24
CA ASP A 58 -14.95 -2.35 8.33
C ASP A 58 -14.14 -2.63 9.60
N GLY A 59 -12.84 -2.82 9.47
CA GLY A 59 -12.00 -3.09 10.63
C GLY A 59 -12.01 -4.58 10.97
N ASN A 60 -11.89 -5.40 9.94
CA ASN A 60 -11.88 -6.84 10.12
C ASN A 60 -10.44 -7.31 10.32
N HIS A 61 -9.51 -6.40 10.09
CA HIS A 61 -8.10 -6.70 10.23
C HIS A 61 -7.63 -7.55 9.04
N GLN A 62 -8.18 -7.23 7.88
CA GLN A 62 -7.83 -7.94 6.67
C GLN A 62 -7.99 -7.02 5.45
N ILE A 63 -7.03 -7.14 4.54
CA ILE A 63 -7.03 -6.33 3.34
C ILE A 63 -7.53 -7.18 2.16
N GLU A 64 -8.65 -6.77 1.60
CA GLU A 64 -9.24 -7.48 0.48
C GLU A 64 -8.54 -7.07 -0.82
N PHE A 65 -8.63 -7.96 -1.81
CA PHE A 65 -8.01 -7.70 -3.10
C PHE A 65 -8.55 -6.41 -3.71
N SER A 66 -9.71 -5.99 -3.22
CA SER A 66 -10.33 -4.77 -3.72
C SER A 66 -9.82 -3.57 -2.92
N GLU A 67 -9.72 -3.76 -1.61
CA GLU A 67 -9.25 -2.70 -0.73
C GLU A 67 -7.81 -2.34 -1.07
N PHE A 68 -6.95 -3.34 -1.02
CA PHE A 68 -5.54 -3.15 -1.32
C PHE A 68 -5.36 -2.27 -2.55
N LEU A 69 -6.08 -2.64 -3.61
CA LEU A 69 -6.00 -1.90 -4.85
C LEU A 69 -6.66 -0.54 -4.68
N ALA A 70 -7.62 -0.49 -3.75
CA ALA A 70 -8.32 0.74 -3.48
C ALA A 70 -7.32 1.82 -3.07
N LEU A 71 -6.29 1.39 -2.35
CA LEU A 71 -5.27 2.31 -1.90
C LEU A 71 -4.75 3.13 -3.08
N MET A 72 -4.95 2.58 -4.27
CA MET A 72 -4.52 3.25 -5.48
C MET A 72 -5.68 3.99 -6.15
N SER A 73 -6.88 3.55 -5.82
CA SER A 73 -8.08 4.15 -6.38
C SER A 73 -8.47 5.39 -5.56
N ARG A 74 -7.97 5.42 -4.33
CA ARG A 74 -8.26 6.54 -3.44
C ARG A 74 -8.26 7.85 -4.21
N GLN A 75 -7.26 7.99 -5.08
CA GLN A 75 -7.14 9.20 -5.89
C GLN A 75 -8.43 9.44 -6.68
N LEU A 76 -8.80 10.71 -6.76
CA LEU A 76 -10.00 11.10 -7.48
C LEU A 76 -10.11 12.62 -7.52
N LYS A 77 -10.72 13.11 -8.58
CA LYS A 77 -10.89 14.54 -8.76
C LYS A 77 -11.27 15.18 -7.41
N SER A 78 -12.49 14.88 -6.98
CA SER A 78 -12.98 15.42 -5.72
C SER A 78 -12.41 14.60 -4.55
N ASN A 79 -12.20 15.29 -3.44
CA ASN A 79 -11.67 14.64 -2.25
C ASN A 79 -12.82 14.13 -1.40
N ASP A 80 -13.28 12.93 -1.73
CA ASP A 80 -14.37 12.31 -1.00
C ASP A 80 -13.85 11.09 -0.23
N SER A 81 -12.54 11.06 -0.06
CA SER A 81 -11.90 9.96 0.65
C SER A 81 -10.48 10.36 1.05
N GLU A 82 -10.04 9.81 2.18
CA GLU A 82 -8.72 10.10 2.68
C GLU A 82 -7.68 9.97 1.57
N GLN A 83 -7.04 11.10 1.26
CA GLN A 83 -6.03 11.12 0.22
C GLN A 83 -4.63 11.16 0.84
N GLU A 84 -4.60 11.40 2.14
CA GLU A 84 -3.34 11.47 2.86
C GLU A 84 -2.70 10.08 2.96
N LEU A 85 -3.52 9.07 2.68
CA LEU A 85 -3.06 7.69 2.73
C LEU A 85 -2.19 7.40 1.51
N LEU A 86 -2.51 8.10 0.43
CA LEU A 86 -1.77 7.93 -0.82
C LEU A 86 -0.38 8.53 -0.66
N GLU A 87 -0.22 9.34 0.38
CA GLU A 87 1.05 9.98 0.64
C GLU A 87 2.03 8.98 1.26
N ALA A 88 1.48 8.08 2.06
CA ALA A 88 2.29 7.07 2.71
C ALA A 88 2.71 6.01 1.68
N PHE A 89 1.76 5.67 0.82
CA PHE A 89 2.02 4.67 -0.21
C PHE A 89 2.69 5.31 -1.43
N LYS A 90 3.12 6.56 -1.24
CA LYS A 90 3.76 7.28 -2.32
C LYS A 90 5.20 6.76 -2.49
N VAL A 91 5.71 6.15 -1.43
CA VAL A 91 7.04 5.62 -1.45
C VAL A 91 7.23 4.77 -2.72
N PHE A 92 6.15 4.13 -3.12
CA PHE A 92 6.17 3.28 -4.31
C PHE A 92 6.27 4.13 -5.58
N ASP A 93 5.70 5.31 -5.50
CA ASP A 93 5.72 6.23 -6.67
C ASP A 93 6.97 7.13 -6.59
N LYS A 94 8.11 6.62 -7.02
CA LYS A 94 9.34 7.41 -6.98
C LYS A 94 9.36 8.38 -8.15
N ASN A 95 8.46 8.12 -9.11
CA ASN A 95 8.36 8.97 -10.28
C ASN A 95 7.48 10.17 -9.96
N GLY A 96 7.06 10.25 -8.71
CA GLY A 96 6.21 11.35 -8.27
C GLY A 96 5.05 11.57 -9.23
N ASP A 97 4.15 10.60 -9.25
CA ASP A 97 2.98 10.68 -10.12
C ASP A 97 1.74 10.90 -9.28
N GLY A 98 1.85 10.57 -8.00
CA GLY A 98 0.74 10.72 -7.08
C GLY A 98 -0.18 9.50 -7.11
N LEU A 99 0.10 8.61 -8.04
CA LEU A 99 -0.69 7.40 -8.20
C LEU A 99 0.25 6.21 -8.44
N ILE A 100 -0.05 5.11 -7.77
CA ILE A 100 0.75 3.90 -7.91
C ILE A 100 -0.09 2.80 -8.56
N SER A 101 0.57 1.99 -9.35
CA SER A 101 -0.11 0.89 -10.03
C SER A 101 0.42 -0.45 -9.52
N ALA A 102 -0.06 -1.51 -10.14
CA ALA A 102 0.35 -2.85 -9.75
C ALA A 102 1.81 -3.08 -10.16
N ALA A 103 2.10 -2.72 -11.40
CA ALA A 103 3.45 -2.86 -11.92
C ALA A 103 4.41 -2.04 -11.09
N GLU A 104 3.86 -1.05 -10.39
CA GLU A 104 4.65 -0.18 -9.55
C GLU A 104 4.77 -0.77 -8.14
N LEU A 105 3.68 -1.38 -7.70
CA LEU A 105 3.65 -1.98 -6.37
C LEU A 105 4.45 -3.27 -6.39
N LYS A 106 4.55 -3.87 -7.58
CA LYS A 106 5.29 -5.10 -7.74
C LYS A 106 6.77 -4.78 -8.00
N HIS A 107 6.97 -3.64 -8.65
CA HIS A 107 8.33 -3.21 -8.97
C HIS A 107 9.01 -2.69 -7.72
N VAL A 108 8.22 -2.07 -6.85
CA VAL A 108 8.73 -1.51 -5.62
C VAL A 108 9.10 -2.66 -4.67
N LEU A 109 8.24 -3.66 -4.64
CA LEU A 109 8.46 -4.81 -3.78
C LEU A 109 9.94 -5.20 -3.83
N THR A 110 10.55 -4.92 -4.97
CA THR A 110 11.96 -5.23 -5.16
C THR A 110 12.80 -3.95 -5.13
N SER A 111 12.24 -2.90 -5.71
CA SER A 111 12.93 -1.62 -5.74
C SER A 111 13.22 -1.14 -4.31
N ILE A 112 12.53 -1.76 -3.37
CA ILE A 112 12.71 -1.41 -1.96
C ILE A 112 14.21 -1.25 -1.67
N GLY A 113 14.49 -0.61 -0.54
CA GLY A 113 15.86 -0.40 -0.13
C GLY A 113 15.95 0.70 0.93
N GLU A 114 17.02 0.65 1.70
CA GLU A 114 17.24 1.63 2.75
C GLU A 114 16.90 3.03 2.25
N LYS A 115 17.26 3.28 1.00
CA LYS A 115 17.00 4.57 0.38
C LYS A 115 15.50 4.72 0.12
N LEU A 116 14.76 4.86 1.21
CA LEU A 116 13.31 5.01 1.11
C LEU A 116 12.81 5.81 2.31
N THR A 117 11.82 6.66 2.04
CA THR A 117 11.24 7.49 3.08
C THR A 117 9.82 7.89 2.69
N ASP A 118 9.05 8.27 3.72
CA ASP A 118 7.68 8.69 3.51
C ASP A 118 7.63 10.21 3.35
N ALA A 119 8.81 10.80 3.20
CA ALA A 119 8.91 12.23 3.04
C ALA A 119 9.00 12.58 1.54
N GLU A 120 8.65 11.59 0.73
CA GLU A 120 8.68 11.77 -0.71
C GLU A 120 7.90 13.02 -1.11
N LEU A 121 6.62 13.02 -0.78
CA LEU A 121 5.75 14.14 -1.09
C LEU A 121 5.26 14.78 0.21
N GLU A 122 4.98 13.92 1.17
CA GLU A 122 4.49 14.39 2.46
C GLU A 122 5.23 15.66 2.87
N HIS A 123 4.58 16.80 2.65
CA HIS A 123 5.16 18.08 2.98
C HIS A 123 5.78 18.01 4.38
N HIS A 124 4.92 17.77 5.36
CA HIS A 124 5.38 17.68 6.74
C HIS A 124 5.42 16.22 7.17
N HIS A 125 6.48 15.87 7.89
CA HIS A 125 6.66 14.51 8.37
C HIS A 125 5.65 14.23 9.47
N HIS A 126 4.77 13.28 9.21
CA HIS A 126 3.76 12.90 10.18
C HIS A 126 4.38 12.80 11.57
N HIS A 127 5.54 12.15 11.62
CA HIS A 127 6.26 11.98 12.87
C HIS A 127 7.41 12.99 12.95
N HIS A 128 7.04 14.22 13.31
CA HIS A 128 8.02 15.29 13.42
C HIS A 128 9.16 14.84 14.34
CA CA B . -2.14 -13.34 3.33
CA CA C . -11.23 -4.59 5.64
CA CA D . 3.22 6.04 -11.20
N SER A 1 -8.72 9.62 -16.89
CA SER A 1 -10.14 9.38 -16.82
C SER A 1 -10.43 7.90 -17.05
N SER A 2 -9.56 7.06 -16.51
CA SER A 2 -9.71 5.62 -16.66
C SER A 2 -9.79 4.96 -15.28
N ASN A 3 -10.35 3.76 -15.27
CA ASN A 3 -10.48 3.02 -14.02
C ASN A 3 -9.76 1.68 -14.15
N LEU A 4 -9.71 0.96 -13.04
CA LEU A 4 -9.06 -0.33 -13.02
C LEU A 4 -9.70 -1.25 -14.05
N THR A 5 -8.85 -2.00 -14.74
CA THR A 5 -9.32 -2.91 -15.77
C THR A 5 -8.92 -4.35 -15.41
N GLU A 6 -9.36 -5.28 -16.26
CA GLU A 6 -9.05 -6.68 -16.04
C GLU A 6 -7.54 -6.90 -16.00
N GLU A 7 -6.85 -6.25 -16.93
CA GLU A 7 -5.40 -6.37 -17.01
C GLU A 7 -4.77 -6.08 -15.65
N GLN A 8 -5.16 -4.94 -15.08
CA GLN A 8 -4.64 -4.54 -13.79
C GLN A 8 -4.95 -5.61 -12.74
N ILE A 9 -6.23 -5.94 -12.64
CA ILE A 9 -6.68 -6.95 -11.69
C ILE A 9 -5.73 -8.14 -11.73
N ALA A 10 -5.45 -8.59 -12.95
CA ALA A 10 -4.56 -9.72 -13.14
C ALA A 10 -3.21 -9.44 -12.48
N GLU A 11 -2.78 -8.19 -12.60
CA GLU A 11 -1.52 -7.77 -12.01
C GLU A 11 -1.60 -7.82 -10.48
N PHE A 12 -2.64 -7.18 -9.96
CA PHE A 12 -2.84 -7.14 -8.53
C PHE A 12 -2.88 -8.55 -7.93
N LYS A 13 -3.48 -9.46 -8.70
CA LYS A 13 -3.58 -10.85 -8.26
C LYS A 13 -2.19 -11.38 -7.92
N GLU A 14 -1.20 -10.77 -8.53
CA GLU A 14 0.18 -11.17 -8.29
C GLU A 14 0.80 -10.32 -7.17
N ALA A 15 0.93 -9.03 -7.45
CA ALA A 15 1.50 -8.11 -6.49
C ALA A 15 0.89 -8.37 -5.11
N PHE A 16 -0.33 -8.90 -5.13
CA PHE A 16 -1.03 -9.20 -3.91
C PHE A 16 -0.58 -10.55 -3.33
N ALA A 17 -0.39 -11.50 -4.23
CA ALA A 17 0.04 -12.83 -3.84
C ALA A 17 1.47 -12.76 -3.29
N LEU A 18 2.15 -11.68 -3.65
CA LEU A 18 3.51 -11.48 -3.22
C LEU A 18 3.55 -11.26 -1.70
N PHE A 19 2.49 -10.64 -1.21
CA PHE A 19 2.37 -10.36 0.22
C PHE A 19 1.62 -11.48 0.93
N ASP A 20 0.59 -11.98 0.26
CA ASP A 20 -0.23 -13.05 0.82
C ASP A 20 0.59 -14.34 0.84
N LYS A 21 0.35 -15.13 1.88
CA LYS A 21 1.05 -16.39 2.04
C LYS A 21 0.33 -17.48 1.22
N ASP A 22 -0.89 -17.71 1.59
CA ASP A 22 -1.70 -18.73 0.86
C ASP A 22 -2.53 -18.07 -0.24
N ASN A 23 -2.36 -16.77 -0.43
CA ASN A 23 -3.12 -16.07 -1.46
C ASN A 23 -4.60 -16.44 -1.36
N ASN A 24 -5.18 -16.14 -0.21
CA ASN A 24 -6.58 -16.44 0.03
C ASN A 24 -7.43 -15.21 -0.32
N GLY A 25 -6.75 -14.07 -0.41
CA GLY A 25 -7.43 -12.83 -0.75
C GLY A 25 -7.49 -11.90 0.48
N SER A 26 -6.94 -12.39 1.58
CA SER A 26 -6.93 -11.62 2.81
C SER A 26 -5.49 -11.47 3.32
N ILE A 27 -5.08 -10.22 3.47
CA ILE A 27 -3.74 -9.93 3.94
C ILE A 27 -3.81 -9.45 5.40
N SER A 28 -2.95 -10.04 6.22
CA SER A 28 -2.91 -9.68 7.63
C SER A 28 -1.66 -8.84 7.92
N SER A 29 -1.61 -8.31 9.13
CA SER A 29 -0.49 -7.50 9.55
C SER A 29 0.75 -8.38 9.77
N SER A 30 0.50 -9.67 9.96
CA SER A 30 1.57 -10.62 10.18
C SER A 30 2.13 -11.09 8.84
N GLU A 31 1.28 -11.01 7.82
CA GLU A 31 1.68 -11.44 6.49
C GLU A 31 2.43 -10.31 5.76
N LEU A 32 2.02 -9.09 6.09
CA LEU A 32 2.63 -7.92 5.48
C LEU A 32 3.94 -7.60 6.22
N ALA A 33 3.82 -7.46 7.53
CA ALA A 33 4.99 -7.17 8.35
C ALA A 33 6.15 -8.05 7.93
N THR A 34 5.85 -9.34 7.77
CA THR A 34 6.86 -10.30 7.37
C THR A 34 7.61 -9.80 6.13
N VAL A 35 6.85 -9.23 5.21
CA VAL A 35 7.42 -8.72 3.97
C VAL A 35 8.28 -7.48 4.29
N MET A 36 7.84 -6.75 5.31
CA MET A 36 8.54 -5.54 5.72
C MET A 36 9.94 -5.88 6.24
N ARG A 37 9.97 -6.72 7.27
CA ARG A 37 11.23 -7.13 7.87
C ARG A 37 12.21 -7.57 6.77
N SER A 38 11.66 -8.02 5.66
CA SER A 38 12.47 -8.46 4.54
C SER A 38 12.99 -7.25 3.76
N LEU A 39 12.07 -6.35 3.44
CA LEU A 39 12.41 -5.16 2.69
C LEU A 39 13.59 -4.46 3.36
N GLY A 40 13.37 -4.07 4.61
CA GLY A 40 14.41 -3.39 5.38
C GLY A 40 13.87 -2.91 6.72
N LEU A 41 12.61 -2.52 6.71
CA LEU A 41 11.95 -2.03 7.91
C LEU A 41 11.23 -3.19 8.60
N SER A 42 10.95 -2.99 9.88
CA SER A 42 10.26 -4.01 10.66
C SER A 42 9.23 -3.34 11.59
N PRO A 43 7.98 -3.22 11.07
CA PRO A 43 6.91 -2.62 11.83
C PRO A 43 6.41 -3.57 12.93
N SER A 44 6.10 -2.98 14.08
CA SER A 44 5.62 -3.76 15.21
C SER A 44 4.19 -4.22 14.96
N GLU A 45 3.89 -5.43 15.42
CA GLU A 45 2.57 -5.99 15.25
C GLU A 45 1.49 -4.94 15.57
N ALA A 46 1.60 -4.38 16.76
CA ALA A 46 0.66 -3.37 17.19
C ALA A 46 0.74 -2.15 16.26
N GLU A 47 1.91 -1.99 15.67
CA GLU A 47 2.13 -0.88 14.75
C GLU A 47 1.54 -1.21 13.37
N VAL A 48 1.45 -2.50 13.10
CA VAL A 48 0.92 -2.96 11.83
C VAL A 48 -0.62 -2.95 11.89
N ASN A 49 -1.13 -3.43 13.00
CA ASN A 49 -2.57 -3.46 13.20
C ASN A 49 -3.14 -2.05 13.04
N ASP A 50 -2.26 -1.07 13.16
CA ASP A 50 -2.67 0.32 13.03
C ASP A 50 -2.73 0.69 11.55
N LEU A 51 -1.59 0.60 10.90
CA LEU A 51 -1.50 0.93 9.48
C LEU A 51 -2.58 0.15 8.72
N MET A 52 -2.55 -1.16 8.91
CA MET A 52 -3.52 -2.02 8.25
C MET A 52 -4.95 -1.64 8.63
N ASN A 53 -5.06 -0.86 9.69
CA ASN A 53 -6.36 -0.42 10.18
C ASN A 53 -6.96 0.57 9.17
N GLU A 54 -6.07 1.31 8.52
CA GLU A 54 -6.49 2.30 7.54
C GLU A 54 -7.14 1.60 6.33
N ILE A 55 -6.58 0.45 5.99
CA ILE A 55 -7.07 -0.32 4.85
C ILE A 55 -8.28 -1.15 5.31
N ASP A 56 -8.38 -1.33 6.62
CA ASP A 56 -9.46 -2.10 7.20
C ASP A 56 -10.72 -1.23 7.26
N VAL A 57 -11.80 -1.77 6.71
CA VAL A 57 -13.07 -1.06 6.70
C VAL A 57 -13.87 -1.45 7.95
N ASP A 58 -13.68 -2.67 8.37
CA ASP A 58 -14.40 -3.17 9.57
C ASP A 58 -13.41 -3.37 10.73
N GLY A 59 -12.13 -3.49 10.43
CA GLY A 59 -11.13 -3.70 11.47
C GLY A 59 -11.04 -5.17 11.86
N ASN A 60 -11.08 -6.03 10.84
CA ASN A 60 -10.99 -7.46 11.08
C ASN A 60 -9.53 -7.90 11.03
N HIS A 61 -8.70 -7.01 10.51
CA HIS A 61 -7.28 -7.29 10.40
C HIS A 61 -7.01 -8.14 9.17
N GLN A 62 -7.76 -7.85 8.11
CA GLN A 62 -7.62 -8.58 6.86
C GLN A 62 -8.05 -7.70 5.68
N ILE A 63 -7.12 -7.48 4.77
CA ILE A 63 -7.38 -6.67 3.59
C ILE A 63 -8.05 -7.53 2.52
N GLU A 64 -9.26 -7.15 2.16
CA GLU A 64 -10.00 -7.88 1.15
C GLU A 64 -9.49 -7.54 -0.25
N PHE A 65 -9.69 -8.47 -1.16
CA PHE A 65 -9.24 -8.28 -2.53
C PHE A 65 -9.81 -6.98 -3.12
N SER A 66 -10.91 -6.54 -2.53
CA SER A 66 -11.55 -5.32 -2.98
C SER A 66 -10.95 -4.11 -2.26
N GLU A 67 -10.65 -4.31 -0.99
CA GLU A 67 -10.07 -3.25 -0.19
C GLU A 67 -8.67 -2.90 -0.70
N PHE A 68 -7.84 -3.93 -0.82
CA PHE A 68 -6.48 -3.74 -1.29
C PHE A 68 -6.46 -2.91 -2.58
N LEU A 69 -7.23 -3.36 -3.56
CA LEU A 69 -7.30 -2.67 -4.83
C LEU A 69 -7.75 -1.21 -4.59
N ALA A 70 -8.51 -1.03 -3.52
CA ALA A 70 -9.00 0.29 -3.18
C ALA A 70 -7.81 1.25 -3.03
N LEU A 71 -6.71 0.69 -2.57
CA LEU A 71 -5.50 1.48 -2.37
C LEU A 71 -5.05 2.06 -3.71
N MET A 72 -5.39 1.33 -4.77
CA MET A 72 -5.02 1.76 -6.11
C MET A 72 -6.20 2.45 -6.81
N SER A 73 -7.32 2.48 -6.10
CA SER A 73 -8.52 3.11 -6.63
C SER A 73 -8.55 4.59 -6.25
N ARG A 74 -7.56 5.00 -5.48
CA ARG A 74 -7.45 6.37 -5.04
C ARG A 74 -6.34 7.10 -5.81
N GLN A 75 -6.03 8.29 -5.34
CA GLN A 75 -4.98 9.10 -5.97
C GLN A 75 -5.39 9.47 -7.40
N LEU A 76 -6.69 9.48 -7.62
CA LEU A 76 -7.24 9.83 -8.93
C LEU A 76 -7.62 11.31 -8.95
N LYS A 77 -8.14 11.75 -10.09
CA LYS A 77 -8.55 13.13 -10.25
C LYS A 77 -10.02 13.26 -9.84
N SER A 78 -10.28 14.28 -9.03
CA SER A 78 -11.63 14.53 -8.56
C SER A 78 -12.31 13.21 -8.17
N ASN A 79 -11.53 12.36 -7.51
CA ASN A 79 -12.04 11.08 -7.07
C ASN A 79 -13.17 11.29 -6.07
N ASP A 80 -13.11 12.43 -5.40
CA ASP A 80 -14.12 12.77 -4.40
C ASP A 80 -14.01 11.81 -3.22
N SER A 81 -12.79 11.67 -2.72
CA SER A 81 -12.55 10.79 -1.59
C SER A 81 -11.28 11.23 -0.84
N GLU A 82 -11.03 10.58 0.28
CA GLU A 82 -9.87 10.89 1.08
C GLU A 82 -8.60 10.85 0.23
N GLN A 83 -7.78 11.87 0.41
CA GLN A 83 -6.53 11.97 -0.33
C GLN A 83 -5.35 12.14 0.63
N GLU A 84 -5.59 11.77 1.87
CA GLU A 84 -4.55 11.87 2.89
C GLU A 84 -3.84 10.54 3.07
N LEU A 85 -4.39 9.52 2.41
CA LEU A 85 -3.82 8.19 2.49
C LEU A 85 -2.56 8.12 1.63
N LEU A 86 -2.67 8.68 0.43
CA LEU A 86 -1.56 8.70 -0.49
C LEU A 86 -0.33 9.27 0.20
N GLU A 87 -0.55 10.34 0.95
CA GLU A 87 0.53 10.99 1.66
C GLU A 87 1.15 10.03 2.67
N ALA A 88 0.32 9.12 3.17
CA ALA A 88 0.79 8.14 4.14
C ALA A 88 1.20 6.87 3.41
N PHE A 89 0.84 6.80 2.14
CA PHE A 89 1.17 5.65 1.32
C PHE A 89 2.07 6.04 0.15
N LYS A 90 2.75 7.16 0.33
CA LYS A 90 3.65 7.66 -0.70
C LYS A 90 4.90 6.78 -0.76
N VAL A 91 5.13 6.06 0.33
CA VAL A 91 6.28 5.18 0.42
C VAL A 91 6.32 4.29 -0.83
N PHE A 92 5.14 4.05 -1.39
CA PHE A 92 5.03 3.22 -2.58
C PHE A 92 5.44 4.00 -3.82
N ASP A 93 5.20 5.28 -3.79
CA ASP A 93 5.55 6.14 -4.95
C ASP A 93 6.90 6.84 -4.68
N LYS A 94 7.96 6.37 -5.32
CA LYS A 94 9.27 6.97 -5.13
C LYS A 94 9.48 8.07 -6.17
N ASN A 95 8.62 8.07 -7.17
CA ASN A 95 8.71 9.07 -8.23
C ASN A 95 7.84 10.27 -7.85
N GLY A 96 7.50 10.35 -6.57
CA GLY A 96 6.69 11.43 -6.09
C GLY A 96 5.60 11.82 -7.10
N ASP A 97 4.75 10.85 -7.38
CA ASP A 97 3.67 11.07 -8.33
C ASP A 97 2.34 11.17 -7.57
N GLY A 98 2.34 10.62 -6.36
CA GLY A 98 1.15 10.62 -5.53
C GLY A 98 0.28 9.41 -5.80
N LEU A 99 0.44 8.86 -7.00
CA LEU A 99 -0.32 7.69 -7.39
C LEU A 99 0.62 6.50 -7.59
N ILE A 100 0.01 5.32 -7.67
CA ILE A 100 0.78 4.11 -7.85
C ILE A 100 0.04 3.16 -8.79
N SER A 101 0.79 2.53 -9.68
CA SER A 101 0.21 1.60 -10.64
C SER A 101 0.42 0.16 -10.16
N ALA A 102 -0.12 -0.76 -10.94
CA ALA A 102 0.00 -2.18 -10.62
C ALA A 102 1.47 -2.59 -10.68
N ALA A 103 2.12 -2.21 -11.77
CA ALA A 103 3.52 -2.54 -11.96
C ALA A 103 4.35 -1.90 -10.85
N GLU A 104 4.18 -0.59 -10.71
CA GLU A 104 4.90 0.16 -9.69
C GLU A 104 4.52 -0.36 -8.30
N LEU A 105 3.30 -0.83 -8.19
CA LEU A 105 2.80 -1.35 -6.93
C LEU A 105 3.54 -2.65 -6.59
N LYS A 106 3.71 -3.47 -7.61
CA LYS A 106 4.39 -4.74 -7.45
C LYS A 106 5.89 -4.49 -7.26
N HIS A 107 6.37 -3.47 -7.94
CA HIS A 107 7.78 -3.11 -7.86
C HIS A 107 8.07 -2.46 -6.50
N VAL A 108 7.00 -2.05 -5.85
CA VAL A 108 7.13 -1.42 -4.55
C VAL A 108 8.06 -2.25 -3.66
N LEU A 109 8.09 -3.54 -3.95
CA LEU A 109 8.93 -4.45 -3.18
C LEU A 109 10.40 -4.20 -3.53
N THR A 110 10.64 -4.01 -4.82
CA THR A 110 12.00 -3.75 -5.30
C THR A 110 12.41 -2.32 -4.97
N SER A 111 11.49 -1.59 -4.35
CA SER A 111 11.75 -0.22 -3.98
C SER A 111 12.66 -0.17 -2.74
N ILE A 112 12.99 -1.36 -2.25
CA ILE A 112 13.84 -1.47 -1.08
C ILE A 112 15.00 -0.48 -1.20
N GLY A 113 15.65 -0.25 -0.07
CA GLY A 113 16.77 0.68 -0.03
C GLY A 113 16.99 1.22 1.38
N GLU A 114 17.28 2.52 1.45
CA GLU A 114 17.51 3.16 2.73
C GLU A 114 16.56 4.35 2.90
N LYS A 115 16.69 5.31 2.01
CA LYS A 115 15.85 6.49 2.05
C LYS A 115 14.39 6.08 1.93
N LEU A 116 13.64 6.30 3.01
CA LEU A 116 12.24 5.96 3.03
C LEU A 116 11.63 6.43 4.35
N THR A 117 10.73 7.41 4.23
CA THR A 117 10.06 7.96 5.40
C THR A 117 8.76 8.65 5.00
N ASP A 118 8.13 9.27 5.99
CA ASP A 118 6.88 9.97 5.75
C ASP A 118 7.17 11.32 5.09
N ALA A 119 8.45 11.65 5.03
CA ALA A 119 8.88 12.90 4.43
C ALA A 119 8.97 12.72 2.92
N GLU A 120 8.56 11.55 2.46
CA GLU A 120 8.58 11.26 1.04
C GLU A 120 8.18 12.48 0.22
N LEU A 121 6.97 12.95 0.49
CA LEU A 121 6.46 14.12 -0.20
C LEU A 121 6.25 15.26 0.80
N GLU A 122 5.79 14.90 1.99
CA GLU A 122 5.55 15.87 3.03
C GLU A 122 6.83 16.65 3.32
N HIS A 123 7.02 17.72 2.57
CA HIS A 123 8.20 18.56 2.73
C HIS A 123 7.99 19.51 3.91
N HIS A 124 6.73 19.60 4.34
CA HIS A 124 6.39 20.47 5.45
C HIS A 124 6.49 19.69 6.76
N HIS A 125 7.14 18.54 6.67
CA HIS A 125 7.32 17.68 7.84
C HIS A 125 8.61 18.08 8.58
N HIS A 126 8.45 19.01 9.51
CA HIS A 126 9.58 19.47 10.29
C HIS A 126 9.43 19.01 11.74
N HIS A 127 8.27 19.30 12.30
CA HIS A 127 7.98 18.92 13.68
C HIS A 127 7.99 17.40 13.80
N HIS A 128 8.98 16.91 14.53
CA HIS A 128 9.12 15.48 14.74
C HIS A 128 9.32 14.78 13.40
CA CA B . -3.41 -14.92 3.97
CA CA C . -11.04 -5.19 6.31
CA CA D . 3.62 6.52 -9.84
N SER A 1 -3.95 7.25 -16.93
CA SER A 1 -4.50 5.98 -16.48
C SER A 1 -4.31 5.85 -14.97
N SER A 2 -4.99 6.72 -14.23
CA SER A 2 -4.92 6.69 -12.78
C SER A 2 -5.96 5.73 -12.21
N ASN A 3 -7.12 5.72 -12.84
CA ASN A 3 -8.20 4.85 -12.40
C ASN A 3 -7.78 3.39 -12.59
N LEU A 4 -8.45 2.51 -11.88
CA LEU A 4 -8.16 1.09 -11.95
C LEU A 4 -9.05 0.45 -13.02
N THR A 5 -8.43 -0.40 -13.84
CA THR A 5 -9.15 -1.09 -14.89
C THR A 5 -8.99 -2.60 -14.75
N GLU A 6 -9.73 -3.32 -15.58
CA GLU A 6 -9.68 -4.77 -15.55
C GLU A 6 -8.24 -5.25 -15.58
N GLU A 7 -7.40 -4.50 -16.27
CA GLU A 7 -5.99 -4.83 -16.38
C GLU A 7 -5.32 -4.77 -15.00
N GLN A 8 -5.44 -3.59 -14.39
CA GLN A 8 -4.85 -3.38 -13.07
C GLN A 8 -5.30 -4.49 -12.10
N ILE A 9 -6.56 -4.87 -12.24
CA ILE A 9 -7.12 -5.92 -11.40
C ILE A 9 -6.39 -7.23 -11.66
N ALA A 10 -6.11 -7.47 -12.94
CA ALA A 10 -5.42 -8.68 -13.34
C ALA A 10 -3.98 -8.64 -12.82
N GLU A 11 -3.54 -7.43 -12.48
CA GLU A 11 -2.18 -7.24 -11.97
C GLU A 11 -2.16 -7.45 -10.46
N PHE A 12 -3.17 -6.90 -9.81
CA PHE A 12 -3.27 -7.01 -8.36
C PHE A 12 -3.49 -8.47 -7.94
N LYS A 13 -4.08 -9.24 -8.85
CA LYS A 13 -4.34 -10.64 -8.58
C LYS A 13 -3.03 -11.37 -8.32
N GLU A 14 -1.95 -10.79 -8.84
CA GLU A 14 -0.63 -11.37 -8.67
C GLU A 14 0.06 -10.77 -7.44
N ALA A 15 0.17 -9.45 -7.46
CA ALA A 15 0.80 -8.74 -6.36
C ALA A 15 0.26 -9.27 -5.03
N PHE A 16 -1.07 -9.38 -4.97
CA PHE A 16 -1.73 -9.87 -3.77
C PHE A 16 -1.36 -11.33 -3.51
N ALA A 17 -1.07 -12.04 -4.59
CA ALA A 17 -0.70 -13.44 -4.48
C ALA A 17 0.73 -13.55 -3.95
N LEU A 18 1.51 -12.51 -4.22
CA LEU A 18 2.89 -12.48 -3.77
C LEU A 18 2.93 -12.41 -2.25
N PHE A 19 1.97 -11.71 -1.69
CA PHE A 19 1.88 -11.55 -0.24
C PHE A 19 1.10 -12.71 0.38
N ASP A 20 -0.08 -12.96 -0.19
CA ASP A 20 -0.93 -14.04 0.30
C ASP A 20 -0.15 -15.36 0.24
N LYS A 21 -0.10 -16.02 1.39
CA LYS A 21 0.60 -17.29 1.49
C LYS A 21 -0.36 -18.43 1.11
N ASP A 22 -1.37 -18.59 1.93
CA ASP A 22 -2.37 -19.65 1.67
C ASP A 22 -3.30 -19.24 0.52
N ASN A 23 -3.16 -18.01 0.04
CA ASN A 23 -3.99 -17.54 -1.05
C ASN A 23 -5.46 -17.60 -0.62
N ASN A 24 -5.76 -16.93 0.48
CA ASN A 24 -7.11 -16.91 1.01
C ASN A 24 -7.86 -15.72 0.41
N GLY A 25 -7.09 -14.71 0.04
CA GLY A 25 -7.67 -13.51 -0.55
C GLY A 25 -7.45 -12.29 0.36
N SER A 26 -7.12 -12.58 1.60
CA SER A 26 -6.87 -11.53 2.57
C SER A 26 -5.44 -11.62 3.10
N ILE A 27 -4.93 -10.47 3.53
CA ILE A 27 -3.57 -10.40 4.05
C ILE A 27 -3.61 -9.86 5.48
N SER A 28 -2.73 -10.42 6.31
CA SER A 28 -2.66 -10.01 7.70
C SER A 28 -1.29 -9.37 7.98
N SER A 29 -1.27 -8.54 9.01
CA SER A 29 -0.03 -7.86 9.39
C SER A 29 1.09 -8.88 9.57
N SER A 30 0.70 -10.09 9.93
CA SER A 30 1.66 -11.17 10.13
C SER A 30 2.21 -11.64 8.78
N GLU A 31 1.30 -12.16 7.97
CA GLU A 31 1.68 -12.66 6.66
C GLU A 31 2.28 -11.53 5.82
N LEU A 32 1.98 -10.30 6.23
CA LEU A 32 2.48 -9.12 5.53
C LEU A 32 3.93 -8.86 5.97
N ALA A 33 4.11 -8.80 7.28
CA ALA A 33 5.42 -8.55 7.85
C ALA A 33 6.38 -9.65 7.41
N THR A 34 5.86 -10.87 7.39
CA THR A 34 6.65 -12.02 6.99
C THR A 34 7.25 -11.80 5.60
N VAL A 35 6.59 -10.95 4.83
CA VAL A 35 7.04 -10.64 3.49
C VAL A 35 8.09 -9.54 3.56
N MET A 36 7.87 -8.60 4.46
CA MET A 36 8.79 -7.50 4.63
C MET A 36 10.18 -7.99 5.03
N ARG A 37 10.20 -8.88 6.00
CA ARG A 37 11.46 -9.43 6.48
C ARG A 37 12.31 -9.91 5.30
N SER A 38 11.63 -10.32 4.25
CA SER A 38 12.31 -10.79 3.05
C SER A 38 12.96 -9.62 2.32
N LEU A 39 12.15 -8.60 2.08
CA LEU A 39 12.64 -7.41 1.40
C LEU A 39 13.98 -6.99 1.99
N GLY A 40 13.96 -6.70 3.29
CA GLY A 40 15.17 -6.28 3.99
C GLY A 40 14.83 -5.62 5.32
N LEU A 41 13.65 -5.02 5.36
CA LEU A 41 13.19 -4.34 6.56
C LEU A 41 12.52 -5.35 7.49
N SER A 42 12.43 -4.98 8.76
CA SER A 42 11.82 -5.85 9.75
C SER A 42 10.75 -5.07 10.53
N PRO A 43 9.50 -5.09 9.96
CA PRO A 43 8.39 -4.39 10.59
C PRO A 43 7.88 -5.17 11.80
N SER A 44 7.52 -4.42 12.84
CA SER A 44 7.02 -5.01 14.06
C SER A 44 5.50 -5.14 13.99
N GLU A 45 5.00 -6.25 14.50
CA GLU A 45 3.57 -6.50 14.50
C GLU A 45 2.80 -5.23 14.87
N ALA A 46 3.46 -4.38 15.64
CA ALA A 46 2.86 -3.13 16.07
C ALA A 46 2.91 -2.13 14.90
N GLU A 47 4.09 -2.00 14.33
CA GLU A 47 4.29 -1.08 13.22
C GLU A 47 3.35 -1.45 12.06
N VAL A 48 3.14 -2.75 11.91
CA VAL A 48 2.27 -3.24 10.85
C VAL A 48 0.82 -2.92 11.19
N ASN A 49 0.43 -3.25 12.42
CA ASN A 49 -0.92 -3.00 12.87
C ASN A 49 -1.32 -1.57 12.50
N ASP A 50 -0.32 -0.71 12.42
CA ASP A 50 -0.54 0.68 12.08
C ASP A 50 -0.96 0.79 10.61
N LEU A 51 -0.27 0.03 9.78
CA LEU A 51 -0.56 0.02 8.35
C LEU A 51 -1.91 -0.65 8.12
N MET A 52 -2.13 -1.74 8.84
CA MET A 52 -3.36 -2.49 8.72
C MET A 52 -4.55 -1.66 9.22
N ASN A 53 -4.27 -0.79 10.17
CA ASN A 53 -5.29 0.07 10.74
C ASN A 53 -5.89 0.94 9.64
N GLU A 54 -5.00 1.61 8.92
CA GLU A 54 -5.42 2.48 7.83
C GLU A 54 -6.08 1.66 6.72
N ILE A 55 -5.33 0.69 6.23
CA ILE A 55 -5.82 -0.18 5.16
C ILE A 55 -7.16 -0.78 5.57
N ASP A 56 -7.34 -0.88 6.89
CA ASP A 56 -8.57 -1.44 7.43
C ASP A 56 -9.68 -0.39 7.35
N VAL A 57 -10.79 -0.80 6.75
CA VAL A 57 -11.93 0.10 6.61
C VAL A 57 -12.87 -0.08 7.81
N ASP A 58 -12.81 -1.25 8.38
CA ASP A 58 -13.67 -1.55 9.56
C ASP A 58 -12.80 -1.92 10.76
N GLY A 59 -11.56 -2.33 10.52
CA GLY A 59 -10.67 -2.70 11.61
C GLY A 59 -10.84 -4.17 11.98
N ASN A 60 -10.78 -5.02 10.96
CA ASN A 60 -10.93 -6.45 11.15
C ASN A 60 -9.54 -7.10 11.16
N HIS A 61 -8.56 -6.35 10.68
CA HIS A 61 -7.20 -6.84 10.63
C HIS A 61 -7.01 -7.71 9.38
N GLN A 62 -7.66 -7.30 8.30
CA GLN A 62 -7.58 -8.03 7.05
C GLN A 62 -7.73 -7.07 5.87
N ILE A 63 -6.96 -7.35 4.83
CA ILE A 63 -7.00 -6.52 3.63
C ILE A 63 -7.66 -7.30 2.49
N GLU A 64 -8.70 -6.70 1.93
CA GLU A 64 -9.43 -7.33 0.84
C GLU A 64 -9.04 -6.70 -0.49
N PHE A 65 -9.28 -7.45 -1.56
CA PHE A 65 -8.96 -6.97 -2.89
C PHE A 65 -9.43 -5.53 -3.10
N SER A 66 -10.53 -5.20 -2.42
CA SER A 66 -11.09 -3.86 -2.51
C SER A 66 -10.19 -2.86 -1.76
N GLU A 67 -9.74 -3.30 -0.59
CA GLU A 67 -8.88 -2.46 0.23
C GLU A 67 -7.51 -2.27 -0.45
N PHE A 68 -6.86 -3.39 -0.71
CA PHE A 68 -5.55 -3.36 -1.35
C PHE A 68 -5.56 -2.42 -2.55
N LEU A 69 -6.66 -2.46 -3.30
CA LEU A 69 -6.80 -1.63 -4.48
C LEU A 69 -7.13 -0.19 -4.04
N ALA A 70 -7.79 -0.10 -2.90
CA ALA A 70 -8.17 1.20 -2.36
C ALA A 70 -6.90 2.03 -2.11
N LEU A 71 -5.88 1.36 -1.61
CA LEU A 71 -4.62 2.01 -1.33
C LEU A 71 -4.21 2.88 -2.53
N MET A 72 -4.61 2.42 -3.71
CA MET A 72 -4.29 3.14 -4.93
C MET A 72 -5.38 4.17 -5.25
N SER A 73 -6.60 3.81 -4.93
CA SER A 73 -7.73 4.70 -5.18
C SER A 73 -7.92 5.65 -4.00
N ARG A 74 -6.93 5.63 -3.10
CA ARG A 74 -6.98 6.48 -1.93
C ARG A 74 -6.30 7.82 -2.21
N GLN A 75 -5.47 7.81 -3.24
CA GLN A 75 -4.75 9.01 -3.64
C GLN A 75 -4.92 9.27 -5.14
N LEU A 76 -4.85 10.54 -5.50
CA LEU A 76 -4.99 10.94 -6.90
C LEU A 76 -6.33 10.42 -7.43
N LYS A 77 -7.38 10.73 -6.69
CA LYS A 77 -8.71 10.31 -7.08
C LYS A 77 -9.69 11.47 -6.90
N SER A 78 -9.97 12.13 -8.01
CA SER A 78 -10.88 13.26 -8.00
C SER A 78 -10.65 14.11 -6.75
N ASN A 79 -9.38 14.19 -6.36
CA ASN A 79 -9.01 14.96 -5.18
C ASN A 79 -9.63 14.32 -3.94
N ASP A 80 -9.38 13.03 -3.78
CA ASP A 80 -9.91 12.29 -2.65
C ASP A 80 -9.73 13.13 -1.38
N SER A 81 -10.78 13.13 -0.56
CA SER A 81 -10.75 13.87 0.69
C SER A 81 -9.58 13.40 1.56
N GLU A 82 -9.43 12.08 1.64
CA GLU A 82 -8.37 11.51 2.43
C GLU A 82 -7.06 11.50 1.64
N GLN A 83 -6.14 12.35 2.07
CA GLN A 83 -4.85 12.45 1.41
C GLN A 83 -3.71 12.22 2.42
N GLU A 84 -4.11 11.83 3.62
CA GLU A 84 -3.15 11.57 4.67
C GLU A 84 -2.44 10.23 4.44
N LEU A 85 -3.20 9.28 3.89
CA LEU A 85 -2.67 7.96 3.61
C LEU A 85 -2.06 7.96 2.21
N LEU A 86 -1.96 9.14 1.64
CA LEU A 86 -1.40 9.29 0.31
C LEU A 86 0.11 9.55 0.42
N GLU A 87 0.46 10.39 1.38
CA GLU A 87 1.86 10.73 1.60
C GLU A 87 2.50 9.73 2.57
N ALA A 88 1.64 9.00 3.26
CA ALA A 88 2.10 8.01 4.23
C ALA A 88 2.29 6.66 3.52
N PHE A 89 1.87 6.63 2.26
CA PHE A 89 1.99 5.42 1.46
C PHE A 89 2.73 5.69 0.15
N LYS A 90 3.50 6.77 0.15
CA LYS A 90 4.26 7.15 -1.03
C LYS A 90 5.62 6.46 -0.99
N VAL A 91 5.99 6.00 0.20
CA VAL A 91 7.26 5.33 0.38
C VAL A 91 7.54 4.43 -0.82
N PHE A 92 6.46 3.93 -1.40
CA PHE A 92 6.57 3.05 -2.55
C PHE A 92 6.97 3.84 -3.81
N ASP A 93 6.28 4.91 -4.04
CA ASP A 93 6.58 5.77 -5.21
C ASP A 93 7.95 6.42 -5.05
N LYS A 94 8.96 5.93 -5.76
CA LYS A 94 10.29 6.50 -5.66
C LYS A 94 10.47 7.60 -6.70
N ASN A 95 9.54 7.61 -7.64
CA ASN A 95 9.57 8.61 -8.71
C ASN A 95 8.84 9.87 -8.24
N GLY A 96 8.53 9.89 -6.96
CA GLY A 96 7.85 11.03 -6.38
C GLY A 96 6.69 11.49 -7.28
N ASP A 97 5.68 10.63 -7.39
CA ASP A 97 4.53 10.93 -8.21
C ASP A 97 3.27 10.88 -7.33
N GLY A 98 3.48 10.62 -6.06
CA GLY A 98 2.37 10.54 -5.12
C GLY A 98 1.30 9.57 -5.61
N LEU A 99 1.75 8.53 -6.29
CA LEU A 99 0.85 7.53 -6.82
C LEU A 99 1.62 6.25 -7.10
N ILE A 100 0.92 5.13 -6.94
CA ILE A 100 1.54 3.83 -7.17
C ILE A 100 0.54 2.93 -7.90
N SER A 101 0.98 2.39 -9.02
CA SER A 101 0.15 1.50 -9.82
C SER A 101 0.43 0.05 -9.46
N ALA A 102 -0.21 -0.84 -10.21
CA ALA A 102 -0.04 -2.27 -9.98
C ALA A 102 1.40 -2.67 -10.33
N ALA A 103 1.94 -1.99 -11.33
CA ALA A 103 3.29 -2.27 -11.76
C ALA A 103 4.28 -1.69 -10.75
N GLU A 104 3.82 -0.67 -10.03
CA GLU A 104 4.66 -0.04 -9.02
C GLU A 104 4.62 -0.83 -7.72
N LEU A 105 3.44 -1.34 -7.40
CA LEU A 105 3.26 -2.13 -6.19
C LEU A 105 4.15 -3.37 -6.25
N LYS A 106 4.09 -4.03 -7.40
CA LYS A 106 4.89 -5.24 -7.61
C LYS A 106 6.37 -4.88 -7.55
N HIS A 107 6.65 -3.61 -7.78
CA HIS A 107 8.02 -3.13 -7.76
C HIS A 107 8.45 -2.84 -6.32
N VAL A 108 7.45 -2.77 -5.44
CA VAL A 108 7.69 -2.50 -4.04
C VAL A 108 8.56 -3.62 -3.46
N LEU A 109 8.35 -4.81 -3.98
CA LEU A 109 9.11 -5.97 -3.53
C LEU A 109 10.57 -5.82 -3.96
N THR A 110 10.79 -4.92 -4.89
CA THR A 110 12.13 -4.66 -5.39
C THR A 110 12.65 -3.32 -4.85
N SER A 111 11.78 -2.62 -4.14
CA SER A 111 12.14 -1.35 -3.57
C SER A 111 13.22 -1.53 -2.49
N ILE A 112 12.82 -2.17 -1.40
CA ILE A 112 13.74 -2.42 -0.31
C ILE A 112 14.16 -1.09 0.32
N GLY A 113 13.46 -0.04 -0.09
CA GLY A 113 13.75 1.29 0.42
C GLY A 113 14.03 1.26 1.93
N GLU A 114 15.25 1.60 2.28
CA GLU A 114 15.65 1.62 3.68
C GLU A 114 14.50 2.10 4.56
N LYS A 115 14.40 3.41 4.69
CA LYS A 115 13.34 4.00 5.51
C LYS A 115 12.72 5.17 4.73
N LEU A 116 11.40 5.26 4.84
CA LEU A 116 10.67 6.32 4.16
C LEU A 116 9.49 6.75 5.04
N THR A 117 9.39 8.06 5.25
CA THR A 117 8.31 8.60 6.06
C THR A 117 7.34 9.39 5.18
N ASP A 118 6.39 10.04 5.84
CA ASP A 118 5.39 10.82 5.13
C ASP A 118 5.94 12.23 4.89
N ALA A 119 6.91 12.61 5.72
CA ALA A 119 7.53 13.91 5.61
C ALA A 119 8.35 13.99 4.32
N GLU A 120 8.48 12.83 3.67
CA GLU A 120 9.23 12.75 2.43
C GLU A 120 8.68 13.74 1.41
N LEU A 121 7.36 13.74 1.28
CA LEU A 121 6.70 14.64 0.35
C LEU A 121 5.98 15.74 1.12
N GLU A 122 5.26 15.30 2.16
CA GLU A 122 4.52 16.23 2.99
C GLU A 122 5.31 17.53 3.19
N HIS A 123 4.82 18.60 2.57
CA HIS A 123 5.47 19.89 2.67
C HIS A 123 4.49 20.92 3.20
N HIS A 124 3.28 20.87 2.67
CA HIS A 124 2.23 21.79 3.07
C HIS A 124 1.09 21.01 3.76
N HIS A 125 0.02 21.74 4.05
CA HIS A 125 -1.13 21.13 4.70
C HIS A 125 -2.26 20.95 3.68
N HIS A 126 -2.86 22.07 3.30
CA HIS A 126 -3.94 22.05 2.33
C HIS A 126 -3.63 21.03 1.23
N HIS A 127 -4.56 20.11 1.04
CA HIS A 127 -4.39 19.08 0.03
C HIS A 127 -5.42 19.29 -1.09
N HIS A 128 -6.57 19.81 -0.69
CA HIS A 128 -7.64 20.07 -1.64
C HIS A 128 -7.18 21.08 -2.68
CA CA B . -3.08 -14.88 3.56
CA CA C . -10.58 -4.29 6.62
CA CA D . 4.12 6.51 -9.96
N SER A 1 -15.89 4.70 -13.60
CA SER A 1 -15.26 3.42 -13.33
C SER A 1 -14.69 3.40 -11.91
N SER A 2 -15.28 2.56 -11.08
CA SER A 2 -14.85 2.44 -9.70
C SER A 2 -13.96 1.21 -9.54
N ASN A 3 -14.21 0.22 -10.39
CA ASN A 3 -13.44 -1.01 -10.34
C ASN A 3 -12.37 -0.97 -11.44
N LEU A 4 -11.13 -1.17 -11.01
CA LEU A 4 -10.01 -1.15 -11.94
C LEU A 4 -10.33 -2.06 -13.13
N THR A 5 -9.41 -2.07 -14.08
CA THR A 5 -9.57 -2.88 -15.28
C THR A 5 -8.84 -4.21 -15.12
N GLU A 6 -9.29 -5.20 -15.89
CA GLU A 6 -8.68 -6.51 -15.85
C GLU A 6 -7.17 -6.41 -15.98
N GLU A 7 -6.74 -5.30 -16.56
CA GLU A 7 -5.31 -5.06 -16.76
C GLU A 7 -4.65 -4.65 -15.44
N GLN A 8 -5.08 -3.51 -14.92
CA GLN A 8 -4.55 -3.00 -13.67
C GLN A 8 -4.56 -4.10 -12.61
N ILE A 9 -5.70 -4.78 -12.53
CA ILE A 9 -5.86 -5.86 -11.56
C ILE A 9 -4.90 -7.00 -11.90
N ALA A 10 -5.00 -7.47 -13.14
CA ALA A 10 -4.15 -8.55 -13.60
C ALA A 10 -2.72 -8.30 -13.13
N GLU A 11 -2.40 -7.03 -12.95
CA GLU A 11 -1.07 -6.64 -12.51
C GLU A 11 -0.94 -6.83 -11.00
N PHE A 12 -1.89 -6.26 -10.28
CA PHE A 12 -1.88 -6.35 -8.83
C PHE A 12 -2.04 -7.82 -8.38
N LYS A 13 -2.42 -8.66 -9.33
CA LYS A 13 -2.60 -10.07 -9.04
C LYS A 13 -1.30 -10.65 -8.49
N GLU A 14 -0.19 -10.06 -8.93
CA GLU A 14 1.12 -10.51 -8.48
C GLU A 14 1.57 -9.70 -7.27
N ALA A 15 1.60 -8.38 -7.45
CA ALA A 15 2.02 -7.49 -6.38
C ALA A 15 1.42 -7.97 -5.06
N PHE A 16 0.26 -8.61 -5.17
CA PHE A 16 -0.41 -9.13 -3.99
C PHE A 16 0.19 -10.47 -3.57
N ALA A 17 0.27 -11.38 -4.52
CA ALA A 17 0.81 -12.70 -4.26
C ALA A 17 2.20 -12.57 -3.63
N LEU A 18 2.83 -11.43 -3.92
CA LEU A 18 4.16 -11.17 -3.40
C LEU A 18 4.06 -10.86 -1.89
N PHE A 19 2.97 -10.19 -1.54
CA PHE A 19 2.74 -9.82 -0.15
C PHE A 19 1.97 -10.92 0.58
N ASP A 20 1.51 -11.89 -0.19
CA ASP A 20 0.76 -13.01 0.37
C ASP A 20 1.72 -14.16 0.67
N LYS A 21 1.53 -14.76 1.84
CA LYS A 21 2.36 -15.86 2.26
C LYS A 21 1.84 -17.16 1.63
N ASP A 22 0.66 -17.53 2.04
CA ASP A 22 0.03 -18.76 1.50
C ASP A 22 -0.66 -18.47 0.17
N ASN A 23 -0.71 -17.20 -0.22
CA ASN A 23 -1.35 -16.83 -1.48
C ASN A 23 -2.83 -17.23 -1.42
N ASN A 24 -3.50 -16.75 -0.38
CA ASN A 24 -4.90 -17.04 -0.19
C ASN A 24 -5.74 -15.92 -0.80
N GLY A 25 -5.15 -14.73 -0.81
CA GLY A 25 -5.82 -13.57 -1.36
C GLY A 25 -6.12 -12.53 -0.28
N SER A 26 -6.16 -13.01 0.96
CA SER A 26 -6.42 -12.14 2.09
C SER A 26 -5.16 -11.99 2.95
N ILE A 27 -4.77 -10.74 3.15
CA ILE A 27 -3.58 -10.45 3.95
C ILE A 27 -4.00 -10.10 5.37
N SER A 28 -3.16 -10.50 6.32
CA SER A 28 -3.43 -10.24 7.72
C SER A 28 -2.37 -9.30 8.29
N SER A 29 -2.74 -8.63 9.37
CA SER A 29 -1.82 -7.70 10.02
C SER A 29 -0.45 -8.35 10.19
N SER A 30 -0.46 -9.60 10.63
CA SER A 30 0.77 -10.34 10.84
C SER A 30 1.52 -10.48 9.51
N GLU A 31 0.88 -11.15 8.57
CA GLU A 31 1.47 -11.36 7.26
C GLU A 31 1.78 -10.02 6.60
N LEU A 32 1.16 -8.98 7.12
CA LEU A 32 1.36 -7.64 6.59
C LEU A 32 2.71 -7.10 7.09
N ALA A 33 2.83 -7.05 8.42
CA ALA A 33 4.05 -6.55 9.03
C ALA A 33 5.24 -7.32 8.46
N THR A 34 4.96 -8.49 7.92
CA THR A 34 6.00 -9.32 7.34
C THR A 34 6.66 -8.61 6.17
N VAL A 35 5.85 -7.87 5.41
CA VAL A 35 6.36 -7.14 4.28
C VAL A 35 7.14 -5.93 4.75
N MET A 36 6.69 -5.37 5.87
CA MET A 36 7.34 -4.21 6.45
C MET A 36 8.77 -4.53 6.86
N ARG A 37 8.89 -5.53 7.72
CA ARG A 37 10.19 -5.96 8.20
C ARG A 37 11.18 -6.09 7.04
N SER A 38 10.63 -6.45 5.89
CA SER A 38 11.45 -6.61 4.68
C SER A 38 11.90 -5.24 4.18
N LEU A 39 10.96 -4.31 4.14
CA LEU A 39 11.26 -2.97 3.68
C LEU A 39 12.33 -2.35 4.57
N GLY A 40 11.93 -2.00 5.78
CA GLY A 40 12.84 -1.41 6.74
C GLY A 40 12.09 -0.88 7.97
N LEU A 41 11.10 -1.66 8.39
CA LEU A 41 10.30 -1.29 9.54
C LEU A 41 9.44 -2.48 9.97
N SER A 42 8.96 -2.40 11.20
CA SER A 42 8.12 -3.47 11.74
C SER A 42 7.03 -2.88 12.64
N PRO A 43 5.84 -2.66 12.03
CA PRO A 43 4.72 -2.10 12.78
C PRO A 43 4.10 -3.15 13.71
N SER A 44 3.73 -2.69 14.89
CA SER A 44 3.12 -3.57 15.88
C SER A 44 1.74 -4.01 15.41
N GLU A 45 1.33 -5.18 15.89
CA GLU A 45 0.03 -5.73 15.52
C GLU A 45 -1.04 -4.65 15.65
N ALA A 46 -1.01 -3.96 16.78
CA ALA A 46 -1.98 -2.91 17.04
C ALA A 46 -1.74 -1.75 16.08
N GLU A 47 -0.50 -1.64 15.63
CA GLU A 47 -0.12 -0.58 14.71
C GLU A 47 -0.48 -0.97 13.27
N VAL A 48 -0.59 -2.27 13.06
CA VAL A 48 -0.92 -2.79 11.75
C VAL A 48 -2.44 -2.80 11.57
N ASN A 49 -3.12 -3.20 12.63
CA ASN A 49 -4.57 -3.27 12.61
C ASN A 49 -5.13 -1.88 12.27
N ASP A 50 -4.40 -0.86 12.71
CA ASP A 50 -4.81 0.50 12.46
C ASP A 50 -4.72 0.80 10.96
N LEU A 51 -3.55 0.49 10.40
CA LEU A 51 -3.32 0.72 8.98
C LEU A 51 -4.23 -0.20 8.18
N MET A 52 -4.68 -1.26 8.83
CA MET A 52 -5.55 -2.23 8.17
C MET A 52 -7.02 -1.84 8.37
N ASN A 53 -7.25 -0.92 9.29
CA ASN A 53 -8.60 -0.46 9.57
C ASN A 53 -9.07 0.44 8.44
N GLU A 54 -8.10 1.06 7.77
CA GLU A 54 -8.41 1.95 6.67
C GLU A 54 -8.77 1.14 5.41
N ILE A 55 -8.12 -0.02 5.29
CA ILE A 55 -8.36 -0.89 4.15
C ILE A 55 -9.50 -1.85 4.48
N ASP A 56 -9.82 -1.93 5.76
CA ASP A 56 -10.88 -2.80 6.22
C ASP A 56 -12.23 -2.08 6.11
N VAL A 57 -13.13 -2.71 5.36
CA VAL A 57 -14.45 -2.13 5.16
C VAL A 57 -15.41 -2.67 6.22
N ASP A 58 -15.07 -3.81 6.73
CA ASP A 58 -15.91 -4.45 7.79
C ASP A 58 -15.11 -4.60 9.08
N GLY A 59 -13.79 -4.55 9.00
CA GLY A 59 -12.96 -4.69 10.18
C GLY A 59 -12.75 -6.16 10.53
N ASN A 60 -12.46 -6.95 9.50
CA ASN A 60 -12.24 -8.37 9.70
C ASN A 60 -10.74 -8.64 9.85
N HIS A 61 -9.95 -7.61 9.59
CA HIS A 61 -8.52 -7.71 9.70
C HIS A 61 -7.97 -8.52 8.51
N GLN A 62 -8.58 -8.30 7.35
CA GLN A 62 -8.17 -9.01 6.15
C GLN A 62 -8.33 -8.11 4.93
N ILE A 63 -7.25 -8.03 4.15
CA ILE A 63 -7.27 -7.20 2.95
C ILE A 63 -7.48 -8.10 1.72
N GLU A 64 -8.57 -7.83 1.02
CA GLU A 64 -8.91 -8.59 -0.16
C GLU A 64 -8.25 -7.96 -1.40
N PHE A 65 -8.34 -8.69 -2.51
CA PHE A 65 -7.77 -8.22 -3.76
C PHE A 65 -8.51 -6.98 -4.28
N SER A 66 -9.75 -6.84 -3.82
CA SER A 66 -10.58 -5.71 -4.22
C SER A 66 -10.34 -4.53 -3.29
N GLU A 67 -10.18 -4.84 -2.01
CA GLU A 67 -9.95 -3.81 -1.01
C GLU A 67 -8.54 -3.22 -1.18
N PHE A 68 -7.59 -4.10 -1.47
CA PHE A 68 -6.22 -3.68 -1.65
C PHE A 68 -6.11 -2.63 -2.75
N LEU A 69 -6.92 -2.81 -3.78
CA LEU A 69 -6.93 -1.89 -4.91
C LEU A 69 -7.79 -0.68 -4.56
N ALA A 70 -8.56 -0.83 -3.49
CA ALA A 70 -9.43 0.24 -3.04
C ALA A 70 -8.59 1.47 -2.69
N LEU A 71 -7.49 1.21 -2.01
CA LEU A 71 -6.58 2.29 -1.60
C LEU A 71 -5.80 2.77 -2.82
N MET A 72 -5.53 1.84 -3.72
CA MET A 72 -4.79 2.16 -4.93
C MET A 72 -5.72 2.74 -6.00
N SER A 73 -6.99 2.79 -5.66
CA SER A 73 -7.99 3.33 -6.58
C SER A 73 -8.56 4.64 -6.03
N ARG A 74 -8.39 4.82 -4.73
CA ARG A 74 -8.88 6.01 -4.07
C ARG A 74 -8.26 7.27 -4.70
N GLN A 75 -7.01 7.11 -5.11
CA GLN A 75 -6.29 8.22 -5.74
C GLN A 75 -6.95 8.60 -7.06
N LEU A 76 -7.13 7.60 -7.91
CA LEU A 76 -7.74 7.82 -9.20
C LEU A 76 -9.21 8.23 -9.01
N LYS A 77 -9.39 9.49 -8.62
CA LYS A 77 -10.72 10.01 -8.39
C LYS A 77 -10.64 11.51 -8.15
N SER A 78 -11.32 12.26 -9.01
CA SER A 78 -11.34 13.71 -8.91
C SER A 78 -12.50 14.16 -8.02
N ASN A 79 -12.22 14.23 -6.73
CA ASN A 79 -13.23 14.66 -5.77
C ASN A 79 -12.57 14.88 -4.41
N ASP A 80 -13.01 15.93 -3.73
CA ASP A 80 -12.47 16.27 -2.43
C ASP A 80 -12.61 15.07 -1.49
N SER A 81 -11.54 14.32 -1.37
CA SER A 81 -11.53 13.15 -0.51
C SER A 81 -10.16 12.98 0.15
N GLU A 82 -10.03 11.90 0.90
CA GLU A 82 -8.77 11.62 1.58
C GLU A 82 -7.63 11.51 0.57
N GLN A 83 -6.63 12.35 0.77
CA GLN A 83 -5.47 12.36 -0.11
C GLN A 83 -4.18 12.28 0.71
N GLU A 84 -4.34 11.94 1.98
CA GLU A 84 -3.21 11.83 2.88
C GLU A 84 -2.66 10.40 2.86
N LEU A 85 -3.42 9.51 2.22
CA LEU A 85 -3.02 8.12 2.13
C LEU A 85 -1.86 7.98 1.14
N LEU A 86 -2.07 8.51 -0.05
CA LEU A 86 -1.05 8.46 -1.09
C LEU A 86 0.33 8.73 -0.46
N GLU A 87 0.30 9.52 0.61
CA GLU A 87 1.53 9.86 1.30
C GLU A 87 2.14 8.62 1.96
N ALA A 88 1.34 7.99 2.81
CA ALA A 88 1.79 6.79 3.50
C ALA A 88 2.31 5.78 2.48
N PHE A 89 1.56 5.65 1.40
CA PHE A 89 1.93 4.72 0.34
C PHE A 89 2.76 5.43 -0.74
N LYS A 90 3.44 6.47 -0.33
CA LYS A 90 4.28 7.25 -1.24
C LYS A 90 5.64 6.56 -1.38
N VAL A 91 6.05 5.91 -0.30
CA VAL A 91 7.33 5.21 -0.29
C VAL A 91 7.52 4.50 -1.62
N PHE A 92 6.43 3.96 -2.15
CA PHE A 92 6.46 3.26 -3.42
C PHE A 92 6.80 4.21 -4.57
N ASP A 93 6.04 5.27 -4.64
CA ASP A 93 6.28 6.29 -5.71
C ASP A 93 7.71 6.83 -5.62
N LYS A 94 8.56 6.46 -6.56
CA LYS A 94 9.94 6.93 -6.54
C LYS A 94 10.05 8.22 -7.37
N ASN A 95 9.11 8.37 -8.30
CA ASN A 95 9.09 9.54 -9.16
C ASN A 95 8.22 10.62 -8.50
N GLY A 96 8.01 10.46 -7.21
CA GLY A 96 7.20 11.42 -6.46
C GLY A 96 6.03 11.92 -7.31
N ASP A 97 5.21 10.99 -7.75
CA ASP A 97 4.05 11.33 -8.56
C ASP A 97 2.79 11.27 -7.70
N GLY A 98 2.88 10.51 -6.63
CA GLY A 98 1.76 10.36 -5.72
C GLY A 98 0.92 9.15 -6.09
N LEU A 99 0.91 8.84 -7.39
CA LEU A 99 0.15 7.71 -7.88
C LEU A 99 1.02 6.45 -7.84
N ILE A 100 0.38 5.35 -7.47
CA ILE A 100 1.09 4.08 -7.38
C ILE A 100 0.28 3.00 -8.12
N SER A 101 0.92 2.42 -9.13
CA SER A 101 0.27 1.39 -9.92
C SER A 101 0.72 0.01 -9.43
N ALA A 102 0.31 -1.00 -10.18
CA ALA A 102 0.66 -2.37 -9.83
C ALA A 102 2.11 -2.63 -10.22
N ALA A 103 2.40 -2.42 -11.50
CA ALA A 103 3.75 -2.64 -12.00
C ALA A 103 4.74 -1.84 -11.15
N GLU A 104 4.21 -0.81 -10.50
CA GLU A 104 5.04 0.03 -9.65
C GLU A 104 5.14 -0.55 -8.24
N LEU A 105 3.98 -0.93 -7.71
CA LEU A 105 3.93 -1.52 -6.38
C LEU A 105 4.81 -2.76 -6.34
N LYS A 106 5.09 -3.29 -7.52
CA LYS A 106 5.92 -4.48 -7.64
C LYS A 106 7.38 -4.07 -7.81
N HIS A 107 7.56 -2.86 -8.32
CA HIS A 107 8.90 -2.33 -8.54
C HIS A 107 9.41 -1.66 -7.27
N VAL A 108 8.47 -1.38 -6.37
CA VAL A 108 8.81 -0.75 -5.12
C VAL A 108 9.36 -1.80 -4.14
N LEU A 109 8.92 -3.03 -4.35
CA LEU A 109 9.36 -4.13 -3.50
C LEU A 109 10.89 -4.17 -3.48
N THR A 110 11.48 -3.62 -4.53
CA THR A 110 12.93 -3.59 -4.65
C THR A 110 13.45 -2.17 -4.41
N SER A 111 12.54 -1.21 -4.53
CA SER A 111 12.90 0.18 -4.33
C SER A 111 13.20 0.44 -2.86
N ILE A 112 12.96 -0.58 -2.05
CA ILE A 112 13.20 -0.47 -0.62
C ILE A 112 14.51 0.28 -0.38
N GLY A 113 14.53 1.04 0.71
CA GLY A 113 15.71 1.81 1.06
C GLY A 113 15.88 1.89 2.58
N GLU A 114 16.35 3.05 3.03
CA GLU A 114 16.55 3.26 4.45
C GLU A 114 15.27 3.75 5.11
N LYS A 115 15.34 3.90 6.43
CA LYS A 115 14.18 4.35 7.19
C LYS A 115 13.69 5.69 6.62
N LEU A 116 12.46 5.67 6.13
CA LEU A 116 11.87 6.85 5.55
C LEU A 116 10.72 7.34 6.45
N THR A 117 10.47 8.63 6.39
CA THR A 117 9.40 9.22 7.19
C THR A 117 8.17 9.47 6.33
N ASP A 118 7.19 10.12 6.94
CA ASP A 118 5.94 10.42 6.24
C ASP A 118 5.98 11.87 5.74
N ALA A 119 7.13 12.51 5.98
CA ALA A 119 7.31 13.89 5.56
C ALA A 119 7.89 13.91 4.14
N GLU A 120 7.82 12.77 3.48
CA GLU A 120 8.33 12.65 2.13
C GLU A 120 7.74 13.74 1.24
N LEU A 121 6.42 13.71 1.11
CA LEU A 121 5.72 14.67 0.29
C LEU A 121 5.03 15.69 1.19
N GLU A 122 4.48 15.19 2.29
CA GLU A 122 3.79 16.03 3.25
C GLU A 122 4.65 17.25 3.60
N HIS A 123 5.96 17.08 3.44
CA HIS A 123 6.89 18.15 3.74
C HIS A 123 8.09 18.05 2.79
N HIS A 124 8.73 19.21 2.57
CA HIS A 124 9.88 19.26 1.69
C HIS A 124 11.10 18.69 2.41
N HIS A 125 10.97 18.55 3.72
CA HIS A 125 12.06 18.01 4.52
C HIS A 125 12.33 16.56 4.13
N HIS A 126 13.58 16.31 3.77
CA HIS A 126 13.99 14.97 3.35
C HIS A 126 15.20 14.54 4.17
N HIS A 127 14.94 13.65 5.11
CA HIS A 127 16.01 13.14 5.97
C HIS A 127 16.69 11.95 5.29
N HIS A 128 17.82 12.24 4.65
CA HIS A 128 18.57 11.21 3.96
C HIS A 128 19.96 11.08 4.60
CA CA B . -2.16 -14.49 3.46
CA CA C . -11.83 -6.12 5.13
CA CA D . 4.11 6.89 -10.19
N SER A 1 -9.36 9.25 -11.70
CA SER A 1 -9.09 8.39 -12.84
C SER A 1 -8.56 7.04 -12.36
N SER A 2 -9.02 6.64 -11.18
CA SER A 2 -8.61 5.38 -10.60
C SER A 2 -9.62 4.29 -10.94
N ASN A 3 -9.79 4.06 -12.24
CA ASN A 3 -10.71 3.04 -12.70
C ASN A 3 -9.97 1.71 -12.87
N LEU A 4 -10.33 0.76 -12.04
CA LEU A 4 -9.72 -0.55 -12.08
C LEU A 4 -10.59 -1.50 -12.91
N THR A 5 -9.95 -2.15 -13.88
CA THR A 5 -10.66 -3.08 -14.74
C THR A 5 -9.99 -4.45 -14.71
N GLU A 6 -10.67 -5.42 -15.31
CA GLU A 6 -10.16 -6.77 -15.36
C GLU A 6 -8.67 -6.77 -15.73
N GLU A 7 -8.33 -5.88 -16.65
CA GLU A 7 -6.95 -5.76 -17.10
C GLU A 7 -6.03 -5.48 -15.91
N GLN A 8 -6.22 -4.30 -15.32
CA GLN A 8 -5.40 -3.91 -14.18
C GLN A 8 -5.45 -4.98 -13.10
N ILE A 9 -6.65 -5.27 -12.65
CA ILE A 9 -6.85 -6.28 -11.62
C ILE A 9 -5.91 -7.46 -11.88
N ALA A 10 -5.67 -7.71 -13.16
CA ALA A 10 -4.80 -8.81 -13.56
C ALA A 10 -3.45 -8.67 -12.83
N GLU A 11 -2.89 -7.48 -12.92
CA GLU A 11 -1.61 -7.21 -12.29
C GLU A 11 -1.73 -7.38 -10.76
N PHE A 12 -2.78 -6.80 -10.22
CA PHE A 12 -3.02 -6.88 -8.79
C PHE A 12 -2.99 -8.32 -8.31
N LYS A 13 -3.67 -9.17 -9.06
CA LYS A 13 -3.74 -10.59 -8.73
C LYS A 13 -2.33 -11.11 -8.46
N GLU A 14 -1.35 -10.43 -9.06
CA GLU A 14 0.04 -10.81 -8.89
C GLU A 14 0.67 -10.04 -7.73
N ALA A 15 0.76 -8.72 -7.92
CA ALA A 15 1.34 -7.86 -6.91
C ALA A 15 0.86 -8.31 -5.52
N PHE A 16 -0.34 -8.88 -5.52
CA PHE A 16 -0.92 -9.35 -4.27
C PHE A 16 -0.35 -10.72 -3.88
N ALA A 17 -0.37 -11.63 -4.84
CA ALA A 17 0.15 -12.97 -4.62
C ALA A 17 1.57 -12.88 -4.07
N LEU A 18 2.34 -11.96 -4.64
CA LEU A 18 3.71 -11.75 -4.22
C LEU A 18 3.76 -11.68 -2.69
N PHE A 19 2.71 -11.12 -2.12
CA PHE A 19 2.63 -10.98 -0.67
C PHE A 19 1.94 -12.20 -0.04
N ASP A 20 0.77 -12.53 -0.60
CA ASP A 20 0.01 -13.66 -0.11
C ASP A 20 0.92 -14.88 0.00
N LYS A 21 0.77 -15.59 1.11
CA LYS A 21 1.58 -16.78 1.35
C LYS A 21 0.93 -17.97 0.63
N ASP A 22 -0.25 -18.31 1.08
CA ASP A 22 -0.98 -19.46 0.46
C ASP A 22 -1.77 -18.97 -0.74
N ASN A 23 -1.77 -17.67 -1.00
CA ASN A 23 -2.51 -17.14 -2.14
C ASN A 23 -4.00 -17.41 -1.95
N ASN A 24 -4.48 -17.06 -0.77
CA ASN A 24 -5.89 -17.26 -0.45
C ASN A 24 -6.68 -16.00 -0.84
N GLY A 25 -6.00 -14.87 -0.77
CA GLY A 25 -6.62 -13.60 -1.11
C GLY A 25 -6.69 -12.69 0.12
N SER A 26 -6.66 -13.31 1.28
CA SER A 26 -6.71 -12.57 2.53
C SER A 26 -5.36 -12.62 3.24
N ILE A 27 -4.81 -11.44 3.49
CA ILE A 27 -3.53 -11.33 4.16
C ILE A 27 -3.74 -10.91 5.60
N SER A 28 -2.90 -11.43 6.48
CA SER A 28 -2.99 -11.13 7.90
C SER A 28 -1.74 -10.35 8.34
N SER A 29 -1.91 -9.59 9.41
CA SER A 29 -0.81 -8.80 9.94
C SER A 29 0.44 -9.68 10.08
N SER A 30 0.20 -10.95 10.33
CA SER A 30 1.29 -11.90 10.49
C SER A 30 1.97 -12.16 9.15
N GLU A 31 1.20 -12.71 8.23
CA GLU A 31 1.71 -13.01 6.90
C GLU A 31 2.32 -11.75 6.27
N LEU A 32 1.80 -10.61 6.71
CA LEU A 32 2.28 -9.34 6.20
C LEU A 32 3.66 -9.04 6.77
N ALA A 33 3.73 -9.02 8.10
CA ALA A 33 4.98 -8.75 8.78
C ALA A 33 6.06 -9.69 8.24
N THR A 34 5.63 -10.88 7.84
CA THR A 34 6.54 -11.87 7.30
C THR A 34 7.12 -11.39 5.97
N VAL A 35 6.30 -10.65 5.23
CA VAL A 35 6.72 -10.13 3.94
C VAL A 35 7.68 -8.96 4.16
N MET A 36 7.41 -8.20 5.21
CA MET A 36 8.24 -7.05 5.54
C MET A 36 9.64 -7.48 5.95
N ARG A 37 9.68 -8.33 6.97
CA ARG A 37 10.95 -8.83 7.47
C ARG A 37 11.89 -9.18 6.32
N SER A 38 11.28 -9.56 5.20
CA SER A 38 12.05 -9.92 4.01
C SER A 38 12.55 -8.65 3.32
N LEU A 39 11.60 -7.79 2.98
CA LEU A 39 11.93 -6.54 2.31
C LEU A 39 13.18 -5.93 2.97
N GLY A 40 13.07 -5.70 4.27
CA GLY A 40 14.17 -5.13 5.02
C GLY A 40 13.70 -4.66 6.40
N LEU A 41 12.43 -4.28 6.46
CA LEU A 41 11.85 -3.80 7.71
C LEU A 41 11.07 -4.94 8.37
N SER A 42 10.79 -4.75 9.65
CA SER A 42 10.05 -5.76 10.41
C SER A 42 9.11 -5.07 11.39
N PRO A 43 7.84 -4.88 10.93
CA PRO A 43 6.83 -4.24 11.76
C PRO A 43 6.34 -5.19 12.85
N SER A 44 6.10 -4.63 14.03
CA SER A 44 5.62 -5.42 15.15
C SER A 44 4.15 -5.77 14.96
N GLU A 45 3.78 -6.94 15.44
CA GLU A 45 2.40 -7.40 15.33
C GLU A 45 1.43 -6.27 15.63
N ALA A 46 1.65 -5.65 16.79
CA ALA A 46 0.81 -4.53 17.20
C ALA A 46 0.97 -3.37 16.21
N GLU A 47 2.18 -3.24 15.70
CA GLU A 47 2.47 -2.18 14.75
C GLU A 47 1.80 -2.47 13.40
N VAL A 48 1.54 -3.75 13.18
CA VAL A 48 0.91 -4.18 11.94
C VAL A 48 -0.60 -3.99 12.06
N ASN A 49 -1.12 -4.37 13.21
CA ASN A 49 -2.55 -4.24 13.46
C ASN A 49 -3.00 -2.81 13.17
N ASP A 50 -2.05 -1.89 13.31
CA ASP A 50 -2.33 -0.48 13.07
C ASP A 50 -2.46 -0.25 11.56
N LEU A 51 -1.38 -0.56 10.85
CA LEU A 51 -1.36 -0.39 9.41
C LEU A 51 -2.48 -1.24 8.78
N MET A 52 -2.90 -2.24 9.54
CA MET A 52 -3.94 -3.13 9.06
C MET A 52 -5.33 -2.63 9.48
N ASN A 53 -5.31 -1.66 10.40
CA ASN A 53 -6.55 -1.08 10.89
C ASN A 53 -7.13 -0.16 9.82
N GLU A 54 -6.24 0.41 9.02
CA GLU A 54 -6.64 1.32 7.96
C GLU A 54 -7.21 0.53 6.78
N ILE A 55 -6.57 -0.60 6.51
CA ILE A 55 -7.00 -1.45 5.41
C ILE A 55 -8.20 -2.28 5.85
N ASP A 56 -8.34 -2.41 7.16
CA ASP A 56 -9.45 -3.18 7.73
C ASP A 56 -10.69 -2.28 7.83
N VAL A 57 -11.76 -2.75 7.21
CA VAL A 57 -13.01 -2.00 7.23
C VAL A 57 -13.87 -2.47 8.40
N ASP A 58 -13.61 -3.67 8.83
CA ASP A 58 -14.37 -4.24 9.98
C ASP A 58 -13.41 -4.60 11.12
N GLY A 59 -12.13 -4.75 10.81
CA GLY A 59 -11.15 -5.10 11.83
C GLY A 59 -11.13 -6.62 12.07
N ASN A 60 -11.15 -7.36 10.97
CA ASN A 60 -11.13 -8.81 11.05
C ASN A 60 -9.68 -9.29 11.03
N HIS A 61 -8.79 -8.37 10.73
CA HIS A 61 -7.36 -8.69 10.66
C HIS A 61 -7.07 -9.43 9.36
N GLN A 62 -7.77 -9.03 8.31
CA GLN A 62 -7.59 -9.64 7.00
C GLN A 62 -7.83 -8.61 5.90
N ILE A 63 -6.92 -8.59 4.94
CA ILE A 63 -7.02 -7.66 3.82
C ILE A 63 -7.67 -8.39 2.63
N GLU A 64 -8.83 -7.87 2.24
CA GLU A 64 -9.56 -8.44 1.12
C GLU A 64 -9.08 -7.84 -0.20
N PHE A 65 -9.32 -8.57 -1.28
CA PHE A 65 -8.92 -8.11 -2.60
C PHE A 65 -9.51 -6.74 -2.91
N SER A 66 -10.69 -6.49 -2.33
CA SER A 66 -11.36 -5.22 -2.53
C SER A 66 -10.66 -4.12 -1.74
N GLU A 67 -10.25 -4.49 -0.54
CA GLU A 67 -9.56 -3.54 0.34
C GLU A 67 -8.19 -3.17 -0.24
N PHE A 68 -7.40 -4.20 -0.50
CA PHE A 68 -6.07 -4.00 -1.06
C PHE A 68 -6.13 -3.14 -2.32
N LEU A 69 -7.01 -3.53 -3.23
CA LEU A 69 -7.18 -2.81 -4.47
C LEU A 69 -7.64 -1.37 -4.18
N ALA A 70 -8.29 -1.23 -3.03
CA ALA A 70 -8.79 0.08 -2.62
C ALA A 70 -7.60 0.95 -2.19
N LEU A 71 -6.60 0.30 -1.60
CA LEU A 71 -5.42 1.00 -1.15
C LEU A 71 -4.78 1.75 -2.32
N MET A 72 -4.63 1.02 -3.42
CA MET A 72 -4.04 1.60 -4.61
C MET A 72 -5.06 2.44 -5.39
N SER A 73 -6.25 2.52 -4.81
CA SER A 73 -7.32 3.30 -5.43
C SER A 73 -7.71 4.47 -4.53
N ARG A 74 -7.17 4.44 -3.31
CA ARG A 74 -7.45 5.50 -2.36
C ARG A 74 -7.13 6.87 -2.95
N GLN A 75 -5.94 6.96 -3.54
CA GLN A 75 -5.51 8.20 -4.16
C GLN A 75 -6.68 8.87 -4.87
N LEU A 76 -7.28 9.83 -4.17
CA LEU A 76 -8.41 10.56 -4.72
C LEU A 76 -7.97 11.29 -5.98
N LYS A 77 -8.90 12.05 -6.55
CA LYS A 77 -8.61 12.82 -7.75
C LYS A 77 -7.78 14.05 -7.40
N SER A 78 -8.07 14.59 -6.23
CA SER A 78 -7.36 15.77 -5.76
C SER A 78 -5.85 15.55 -5.87
N ASN A 79 -5.18 16.56 -6.42
CA ASN A 79 -3.74 16.48 -6.59
C ASN A 79 -3.37 15.15 -7.25
N ASP A 80 -4.32 14.63 -8.01
CA ASP A 80 -4.11 13.36 -8.70
C ASP A 80 -3.39 12.39 -7.77
N SER A 81 -3.73 12.47 -6.49
CA SER A 81 -3.12 11.61 -5.49
C SER A 81 -3.70 11.92 -4.11
N GLU A 82 -3.39 11.05 -3.16
CA GLU A 82 -3.87 11.23 -1.80
C GLU A 82 -3.03 12.28 -1.07
N GLN A 83 -3.48 12.63 0.12
CA GLN A 83 -2.79 13.63 0.92
C GLN A 83 -2.45 13.05 2.30
N GLU A 84 -3.39 12.31 2.84
CA GLU A 84 -3.21 11.70 4.15
C GLU A 84 -2.58 10.32 4.00
N LEU A 85 -3.15 9.53 3.11
CA LEU A 85 -2.65 8.19 2.86
C LEU A 85 -1.69 8.22 1.67
N LEU A 86 -1.19 9.41 1.38
CA LEU A 86 -0.26 9.58 0.28
C LEU A 86 1.17 9.53 0.81
N GLU A 87 1.45 10.44 1.73
CA GLU A 87 2.78 10.50 2.33
C GLU A 87 3.12 9.18 3.01
N ALA A 88 2.09 8.37 3.23
CA ALA A 88 2.27 7.08 3.87
C ALA A 88 2.54 6.03 2.79
N PHE A 89 2.01 6.28 1.61
CA PHE A 89 2.18 5.36 0.50
C PHE A 89 2.98 6.01 -0.63
N LYS A 90 3.95 6.82 -0.24
CA LYS A 90 4.79 7.50 -1.21
C LYS A 90 5.99 6.62 -1.55
N VAL A 91 6.32 5.74 -0.63
CA VAL A 91 7.44 4.84 -0.83
C VAL A 91 7.29 4.13 -2.18
N PHE A 92 6.06 3.76 -2.48
CA PHE A 92 5.77 3.08 -3.73
C PHE A 92 6.11 3.97 -4.93
N ASP A 93 6.09 5.26 -4.69
CA ASP A 93 6.42 6.23 -5.77
C ASP A 93 7.86 6.71 -5.62
N LYS A 94 8.79 6.09 -6.35
CA LYS A 94 10.19 6.49 -6.26
C LYS A 94 10.45 7.66 -7.21
N ASN A 95 9.47 7.88 -8.09
CA ASN A 95 9.58 8.96 -9.06
C ASN A 95 8.94 10.23 -8.47
N GLY A 96 8.78 10.22 -7.16
CA GLY A 96 8.19 11.34 -6.47
C GLY A 96 7.06 11.96 -7.30
N ASP A 97 6.07 11.14 -7.60
CA ASP A 97 4.93 11.59 -8.37
C ASP A 97 3.74 11.81 -7.45
N GLY A 98 3.79 11.16 -6.29
CA GLY A 98 2.73 11.28 -5.32
C GLY A 98 1.61 10.27 -5.59
N LEU A 99 1.63 9.74 -6.80
CA LEU A 99 0.63 8.76 -7.21
C LEU A 99 1.30 7.40 -7.42
N ILE A 100 0.60 6.36 -7.01
CA ILE A 100 1.11 5.00 -7.14
C ILE A 100 -0.02 4.09 -7.64
N SER A 101 0.36 3.16 -8.50
CA SER A 101 -0.59 2.22 -9.05
C SER A 101 -0.26 0.80 -8.59
N ALA A 102 -0.83 -0.17 -9.29
CA ALA A 102 -0.60 -1.57 -8.97
C ALA A 102 0.83 -1.95 -9.35
N ALA A 103 1.11 -1.87 -10.64
CA ALA A 103 2.43 -2.20 -11.14
C ALA A 103 3.49 -1.56 -10.25
N GLU A 104 3.28 -0.29 -9.95
CA GLU A 104 4.21 0.45 -9.10
C GLU A 104 4.38 -0.26 -7.76
N LEU A 105 3.26 -0.73 -7.23
CA LEU A 105 3.26 -1.43 -5.96
C LEU A 105 4.05 -2.73 -6.09
N LYS A 106 4.28 -3.11 -7.34
CA LYS A 106 5.03 -4.33 -7.62
C LYS A 106 6.51 -3.99 -7.79
N HIS A 107 6.78 -2.69 -7.93
CA HIS A 107 8.14 -2.23 -8.10
C HIS A 107 8.77 -2.01 -6.72
N VAL A 108 7.92 -1.96 -5.71
CA VAL A 108 8.38 -1.75 -4.34
C VAL A 108 9.18 -2.98 -3.90
N LEU A 109 8.77 -4.13 -4.40
CA LEU A 109 9.44 -5.37 -4.06
C LEU A 109 10.94 -5.21 -4.25
N THR A 110 11.30 -4.26 -5.10
CA THR A 110 12.70 -3.99 -5.38
C THR A 110 13.14 -2.69 -4.71
N SER A 111 12.17 -1.80 -4.52
CA SER A 111 12.44 -0.52 -3.89
C SER A 111 13.07 -0.73 -2.51
N ILE A 112 12.25 -1.26 -1.61
CA ILE A 112 12.71 -1.52 -0.25
C ILE A 112 13.16 -0.21 0.39
N GLY A 113 12.76 0.89 -0.24
CA GLY A 113 13.13 2.21 0.26
C GLY A 113 13.18 2.22 1.78
N GLU A 114 14.36 2.52 2.30
CA GLU A 114 14.55 2.57 3.74
C GLU A 114 14.28 3.98 4.26
N LYS A 115 14.49 4.15 5.56
CA LYS A 115 14.27 5.43 6.19
C LYS A 115 12.94 6.02 5.71
N LEU A 116 12.05 5.11 5.33
CA LEU A 116 10.74 5.52 4.86
C LEU A 116 10.08 6.43 5.89
N THR A 117 9.77 7.64 5.46
CA THR A 117 9.15 8.61 6.34
C THR A 117 7.84 9.13 5.71
N ASP A 118 7.31 10.18 6.32
CA ASP A 118 6.07 10.77 5.85
C ASP A 118 6.37 12.13 5.22
N ALA A 119 7.50 12.71 5.63
CA ALA A 119 7.91 14.00 5.12
C ALA A 119 8.51 13.83 3.72
N GLU A 120 8.54 12.58 3.28
CA GLU A 120 9.10 12.26 1.97
C GLU A 120 8.71 13.36 0.96
N LEU A 121 7.41 13.55 0.82
CA LEU A 121 6.91 14.55 -0.11
C LEU A 121 6.18 15.64 0.68
N GLU A 122 5.32 15.20 1.59
CA GLU A 122 4.55 16.13 2.40
C GLU A 122 5.44 17.30 2.85
N HIS A 123 5.23 18.43 2.21
CA HIS A 123 5.99 19.63 2.51
C HIS A 123 5.06 20.84 2.55
N HIS A 124 4.41 21.00 3.71
CA HIS A 124 3.48 22.11 3.88
C HIS A 124 4.06 23.37 3.23
N HIS A 125 3.30 23.92 2.30
CA HIS A 125 3.73 25.12 1.60
C HIS A 125 2.60 26.16 1.65
N HIS A 126 1.63 25.90 2.51
CA HIS A 126 0.51 26.80 2.67
C HIS A 126 -0.38 26.74 1.42
N HIS A 127 -0.77 25.53 1.07
CA HIS A 127 -1.61 25.32 -0.10
C HIS A 127 -3.02 25.82 0.20
N HIS A 128 -3.56 25.36 1.32
CA HIS A 128 -4.90 25.75 1.72
C HIS A 128 -5.02 27.28 1.67
CA CA B . -2.56 -15.31 3.08
CA CA C . -11.04 -6.24 6.67
CA CA D . 4.02 7.25 -10.28
N SER A 1 -7.72 9.15 -15.86
CA SER A 1 -6.76 8.07 -16.04
C SER A 1 -6.51 7.37 -14.71
N SER A 2 -6.99 7.99 -13.64
CA SER A 2 -6.83 7.44 -12.31
C SER A 2 -7.92 6.40 -12.04
N ASN A 3 -7.80 5.27 -12.72
CA ASN A 3 -8.77 4.20 -12.56
C ASN A 3 -8.08 2.85 -12.79
N LEU A 4 -8.65 1.81 -12.19
CA LEU A 4 -8.10 0.48 -12.33
C LEU A 4 -8.68 -0.18 -13.58
N THR A 5 -7.83 -0.87 -14.32
CA THR A 5 -8.24 -1.55 -15.53
C THR A 5 -7.95 -3.05 -15.43
N GLU A 6 -8.38 -3.77 -16.45
CA GLU A 6 -8.17 -5.21 -16.50
C GLU A 6 -6.68 -5.54 -16.37
N GLU A 7 -5.87 -4.67 -16.95
CA GLU A 7 -4.43 -4.86 -16.91
C GLU A 7 -3.92 -4.78 -15.46
N GLN A 8 -4.25 -3.68 -14.81
CA GLN A 8 -3.85 -3.47 -13.43
C GLN A 8 -4.36 -4.61 -12.55
N ILE A 9 -5.67 -4.80 -12.59
CA ILE A 9 -6.31 -5.85 -11.80
C ILE A 9 -5.45 -7.12 -11.88
N ALA A 10 -5.17 -7.52 -13.11
CA ALA A 10 -4.38 -8.71 -13.35
C ALA A 10 -3.11 -8.65 -12.50
N GLU A 11 -2.49 -7.48 -12.51
CA GLU A 11 -1.27 -7.27 -11.75
C GLU A 11 -1.54 -7.46 -10.26
N PHE A 12 -2.51 -6.70 -9.77
CA PHE A 12 -2.87 -6.78 -8.36
C PHE A 12 -3.02 -8.23 -7.91
N LYS A 13 -3.68 -9.01 -8.75
CA LYS A 13 -3.91 -10.42 -8.45
C LYS A 13 -2.56 -11.07 -8.11
N GLU A 14 -1.53 -10.63 -8.80
CA GLU A 14 -0.20 -11.16 -8.58
C GLU A 14 0.49 -10.42 -7.43
N ALA A 15 0.76 -9.14 -7.67
CA ALA A 15 1.41 -8.32 -6.67
C ALA A 15 0.83 -8.64 -5.29
N PHE A 16 -0.43 -9.05 -5.30
CA PHE A 16 -1.11 -9.39 -4.05
C PHE A 16 -0.69 -10.78 -3.57
N ALA A 17 -0.82 -11.75 -4.46
CA ALA A 17 -0.46 -13.11 -4.13
C ALA A 17 0.99 -13.16 -3.67
N LEU A 18 1.74 -12.15 -4.07
CA LEU A 18 3.15 -12.06 -3.71
C LEU A 18 3.27 -12.04 -2.18
N PHE A 19 2.30 -11.41 -1.54
CA PHE A 19 2.29 -11.32 -0.09
C PHE A 19 1.52 -12.48 0.53
N ASP A 20 0.28 -12.63 0.07
CA ASP A 20 -0.57 -13.69 0.57
C ASP A 20 0.19 -15.03 0.49
N LYS A 21 0.07 -15.81 1.56
CA LYS A 21 0.73 -17.10 1.61
C LYS A 21 -0.13 -18.13 0.89
N ASP A 22 -1.28 -18.38 1.44
CA ASP A 22 -2.20 -19.38 0.82
C ASP A 22 -3.04 -18.69 -0.27
N ASN A 23 -2.84 -17.40 -0.48
CA ASN A 23 -3.59 -16.69 -1.51
C ASN A 23 -5.08 -17.01 -1.36
N ASN A 24 -5.60 -16.71 -0.17
CA ASN A 24 -7.01 -16.96 0.11
C ASN A 24 -7.82 -15.71 -0.23
N GLY A 25 -7.12 -14.60 -0.35
CA GLY A 25 -7.76 -13.34 -0.68
C GLY A 25 -7.67 -12.35 0.49
N SER A 26 -7.43 -12.91 1.68
CA SER A 26 -7.32 -12.10 2.87
C SER A 26 -5.86 -12.07 3.35
N ILE A 27 -5.34 -10.85 3.45
CA ILE A 27 -3.96 -10.67 3.88
C ILE A 27 -3.95 -10.16 5.32
N SER A 28 -3.11 -10.77 6.13
CA SER A 28 -2.99 -10.39 7.53
C SER A 28 -1.68 -9.64 7.76
N SER A 29 -1.59 -9.01 8.92
CA SER A 29 -0.40 -8.26 9.28
C SER A 29 0.77 -9.22 9.53
N SER A 30 0.43 -10.42 9.95
CA SER A 30 1.42 -11.44 10.23
C SER A 30 2.04 -11.94 8.92
N GLU A 31 1.19 -12.04 7.91
CA GLU A 31 1.62 -12.51 6.60
C GLU A 31 2.28 -11.37 5.82
N LEU A 32 1.73 -10.18 6.00
CA LEU A 32 2.25 -9.00 5.32
C LEU A 32 3.61 -8.64 5.91
N ALA A 33 3.63 -8.46 7.23
CA ALA A 33 4.85 -8.10 7.92
C ALA A 33 5.88 -9.19 7.69
N THR A 34 5.39 -10.38 7.33
CA THR A 34 6.27 -11.51 7.09
C THR A 34 7.07 -11.29 5.79
N VAL A 35 6.52 -10.46 4.93
CA VAL A 35 7.17 -10.17 3.65
C VAL A 35 8.25 -9.11 3.88
N MET A 36 7.87 -8.06 4.59
CA MET A 36 8.81 -6.99 4.88
C MET A 36 10.11 -7.53 5.46
N ARG A 37 9.96 -8.36 6.49
CA ARG A 37 11.11 -8.95 7.15
C ARG A 37 12.05 -9.57 6.11
N SER A 38 11.49 -9.87 4.94
CA SER A 38 12.27 -10.46 3.87
C SER A 38 12.98 -9.36 3.09
N LEU A 39 12.31 -8.23 2.96
CA LEU A 39 12.87 -7.10 2.24
C LEU A 39 14.13 -6.61 2.95
N GLY A 40 13.92 -6.03 4.12
CA GLY A 40 15.02 -5.52 4.91
C GLY A 40 14.56 -5.15 6.33
N LEU A 41 13.39 -4.55 6.39
CA LEU A 41 12.82 -4.15 7.67
C LEU A 41 11.79 -5.18 8.11
N SER A 42 11.47 -5.13 9.40
CA SER A 42 10.49 -6.05 9.97
C SER A 42 9.60 -5.31 10.97
N PRO A 43 8.44 -4.83 10.45
CA PRO A 43 7.49 -4.11 11.30
C PRO A 43 6.73 -5.07 12.21
N SER A 44 6.50 -4.62 13.43
CA SER A 44 5.79 -5.43 14.40
C SER A 44 4.29 -5.40 14.12
N GLU A 45 3.63 -6.49 14.45
CA GLU A 45 2.20 -6.60 14.23
C GLU A 45 1.47 -5.39 14.82
N ALA A 46 2.12 -4.78 15.81
CA ALA A 46 1.54 -3.61 16.46
C ALA A 46 1.72 -2.40 15.56
N GLU A 47 2.83 -2.39 14.83
CA GLU A 47 3.12 -1.29 13.93
C GLU A 47 2.43 -1.51 12.58
N VAL A 48 2.16 -2.78 12.29
CA VAL A 48 1.49 -3.13 11.04
C VAL A 48 -0.01 -2.85 11.17
N ASN A 49 -0.58 -3.32 12.27
CA ASN A 49 -2.00 -3.13 12.52
C ASN A 49 -2.36 -1.67 12.25
N ASP A 50 -1.39 -0.80 12.48
CA ASP A 50 -1.61 0.62 12.26
C ASP A 50 -1.89 0.88 10.79
N LEU A 51 -1.13 0.20 9.94
CA LEU A 51 -1.30 0.33 8.50
C LEU A 51 -2.53 -0.45 8.06
N MET A 52 -2.75 -1.58 8.73
CA MET A 52 -3.89 -2.42 8.41
C MET A 52 -5.21 -1.76 8.84
N ASN A 53 -5.09 -0.85 9.80
CA ASN A 53 -6.25 -0.14 10.30
C ASN A 53 -6.90 0.64 9.15
N GLU A 54 -6.06 1.37 8.43
CA GLU A 54 -6.53 2.17 7.31
C GLU A 54 -7.15 1.26 6.24
N ILE A 55 -6.34 0.34 5.75
CA ILE A 55 -6.80 -0.58 4.73
C ILE A 55 -8.02 -1.34 5.24
N ASP A 56 -8.13 -1.39 6.56
CA ASP A 56 -9.24 -2.09 7.20
C ASP A 56 -10.48 -1.19 7.16
N VAL A 57 -11.56 -1.75 6.66
CA VAL A 57 -12.82 -1.01 6.57
C VAL A 57 -13.65 -1.27 7.83
N ASP A 58 -13.47 -2.44 8.38
CA ASP A 58 -14.22 -2.80 9.62
C ASP A 58 -13.24 -2.95 10.79
N GLY A 59 -11.96 -3.17 10.51
CA GLY A 59 -10.97 -3.33 11.56
C GLY A 59 -10.87 -4.79 11.99
N ASN A 60 -10.72 -5.66 11.00
CA ASN A 60 -10.60 -7.08 11.27
C ASN A 60 -9.14 -7.51 11.09
N HIS A 61 -8.37 -6.63 10.46
CA HIS A 61 -6.97 -6.90 10.22
C HIS A 61 -6.82 -7.87 9.05
N GLN A 62 -7.60 -7.61 8.01
CA GLN A 62 -7.58 -8.46 6.82
C GLN A 62 -7.88 -7.62 5.58
N ILE A 63 -7.01 -7.77 4.58
CA ILE A 63 -7.18 -7.04 3.33
C ILE A 63 -7.76 -7.97 2.27
N GLU A 64 -8.88 -7.55 1.70
CA GLU A 64 -9.54 -8.33 0.68
C GLU A 64 -9.29 -7.71 -0.71
N PHE A 65 -9.46 -8.55 -1.73
CA PHE A 65 -9.26 -8.09 -3.09
C PHE A 65 -9.99 -6.77 -3.35
N SER A 66 -11.00 -6.52 -2.53
CA SER A 66 -11.77 -5.30 -2.65
C SER A 66 -11.04 -4.14 -1.95
N GLU A 67 -10.68 -4.39 -0.71
CA GLU A 67 -9.99 -3.39 0.09
C GLU A 67 -8.69 -2.97 -0.62
N PHE A 68 -7.88 -3.97 -0.94
CA PHE A 68 -6.61 -3.71 -1.61
C PHE A 68 -6.82 -2.88 -2.88
N LEU A 69 -7.73 -3.35 -3.71
CA LEU A 69 -8.03 -2.65 -4.95
C LEU A 69 -8.51 -1.22 -4.64
N ALA A 70 -8.91 -1.04 -3.38
CA ALA A 70 -9.38 0.26 -2.94
C ALA A 70 -8.19 1.16 -2.62
N LEU A 71 -7.08 0.51 -2.28
CA LEU A 71 -5.86 1.23 -1.95
C LEU A 71 -5.26 1.82 -3.22
N MET A 72 -5.30 1.03 -4.28
CA MET A 72 -4.77 1.47 -5.56
C MET A 72 -5.66 2.53 -6.20
N SER A 73 -6.85 2.67 -5.64
CA SER A 73 -7.80 3.66 -6.14
C SER A 73 -8.09 4.70 -5.06
N ARG A 74 -7.56 4.45 -3.87
CA ARG A 74 -7.75 5.36 -2.76
C ARG A 74 -7.42 6.79 -3.18
N GLN A 75 -6.41 6.91 -4.01
CA GLN A 75 -5.98 8.20 -4.50
C GLN A 75 -7.13 8.91 -5.24
N LEU A 76 -7.40 10.12 -4.80
CA LEU A 76 -8.47 10.91 -5.41
C LEU A 76 -8.25 12.39 -5.09
N LYS A 77 -9.12 13.22 -5.65
CA LYS A 77 -9.03 14.65 -5.45
C LYS A 77 -9.48 14.98 -4.01
N SER A 78 -10.78 14.87 -3.80
CA SER A 78 -11.34 15.16 -2.49
C SER A 78 -10.89 14.09 -1.48
N ASN A 79 -11.30 14.29 -0.24
CA ASN A 79 -10.96 13.35 0.82
C ASN A 79 -9.49 13.56 1.20
N ASP A 80 -9.19 14.77 1.65
CA ASP A 80 -7.83 15.10 2.05
C ASP A 80 -7.27 13.98 2.93
N SER A 81 -8.12 13.49 3.82
CA SER A 81 -7.73 12.41 4.71
C SER A 81 -7.09 11.27 3.92
N GLU A 82 -7.78 10.87 2.85
CA GLU A 82 -7.30 9.80 2.00
C GLU A 82 -5.94 10.16 1.42
N GLN A 83 -5.77 11.44 1.14
CA GLN A 83 -4.52 11.92 0.58
C GLN A 83 -3.40 11.81 1.60
N GLU A 84 -3.78 11.46 2.82
CA GLU A 84 -2.81 11.30 3.90
C GLU A 84 -2.38 9.84 4.03
N LEU A 85 -3.06 8.99 3.27
CA LEU A 85 -2.76 7.57 3.28
C LEU A 85 -1.42 7.33 2.57
N LEU A 86 -1.32 7.90 1.38
CA LEU A 86 -0.11 7.75 0.59
C LEU A 86 1.10 8.08 1.46
N GLU A 87 0.86 8.86 2.50
CA GLU A 87 1.93 9.26 3.42
C GLU A 87 2.76 8.03 3.80
N ALA A 88 2.07 6.92 3.99
CA ALA A 88 2.75 5.69 4.36
C ALA A 88 2.99 4.85 3.11
N PHE A 89 2.08 4.97 2.16
CA PHE A 89 2.18 4.23 0.91
C PHE A 89 2.98 5.03 -0.12
N LYS A 90 3.82 5.90 0.37
CA LYS A 90 4.64 6.73 -0.50
C LYS A 90 5.92 5.98 -0.86
N VAL A 91 6.27 5.03 -0.01
CA VAL A 91 7.47 4.24 -0.22
C VAL A 91 7.46 3.70 -1.66
N PHE A 92 6.34 3.11 -2.04
CA PHE A 92 6.19 2.56 -3.37
C PHE A 92 6.50 3.62 -4.44
N ASP A 93 6.35 4.85 -4.05
CA ASP A 93 6.61 5.97 -4.99
C ASP A 93 8.03 6.51 -4.78
N LYS A 94 8.98 6.11 -5.61
CA LYS A 94 10.35 6.58 -5.48
C LYS A 94 10.55 7.84 -6.31
N ASN A 95 9.63 8.04 -7.25
CA ASN A 95 9.70 9.20 -8.12
C ASN A 95 8.90 10.35 -7.48
N GLY A 96 8.50 10.13 -6.24
CA GLY A 96 7.74 11.14 -5.52
C GLY A 96 6.57 11.66 -6.36
N ASP A 97 5.63 10.76 -6.61
CA ASP A 97 4.46 11.11 -7.41
C ASP A 97 3.21 11.02 -6.52
N GLY A 98 3.32 10.24 -5.46
CA GLY A 98 2.22 10.06 -4.54
C GLY A 98 1.31 8.91 -4.98
N LEU A 99 1.25 8.73 -6.30
CA LEU A 99 0.43 7.67 -6.86
C LEU A 99 1.31 6.47 -7.19
N ILE A 100 0.82 5.29 -6.83
CA ILE A 100 1.55 4.06 -7.08
C ILE A 100 0.63 3.06 -7.78
N SER A 101 1.21 2.32 -8.71
CA SER A 101 0.45 1.32 -9.46
C SER A 101 0.89 -0.08 -9.04
N ALA A 102 0.34 -1.07 -9.74
CA ALA A 102 0.66 -2.45 -9.46
C ALA A 102 2.16 -2.68 -9.66
N ALA A 103 2.59 -2.51 -10.90
CA ALA A 103 4.00 -2.69 -11.23
C ALA A 103 4.86 -2.02 -10.16
N GLU A 104 4.53 -0.76 -9.90
CA GLU A 104 5.27 0.01 -8.90
C GLU A 104 5.21 -0.69 -7.55
N LEU A 105 4.07 -1.33 -7.29
CA LEU A 105 3.88 -2.03 -6.04
C LEU A 105 4.70 -3.32 -6.05
N LYS A 106 5.13 -3.70 -7.24
CA LYS A 106 5.92 -4.92 -7.40
C LYS A 106 7.39 -4.60 -7.11
N HIS A 107 7.85 -3.50 -7.69
CA HIS A 107 9.23 -3.09 -7.50
C HIS A 107 9.47 -2.77 -6.03
N VAL A 108 8.38 -2.63 -5.30
CA VAL A 108 8.45 -2.33 -3.88
C VAL A 108 9.25 -3.44 -3.18
N LEU A 109 8.99 -4.66 -3.60
CA LEU A 109 9.67 -5.82 -3.02
C LEU A 109 11.17 -5.69 -3.27
N THR A 110 11.52 -4.81 -4.20
CA THR A 110 12.91 -4.59 -4.54
C THR A 110 13.41 -3.28 -3.92
N SER A 111 12.47 -2.52 -3.38
CA SER A 111 12.80 -1.25 -2.74
C SER A 111 13.76 -1.48 -1.58
N ILE A 112 13.24 -2.13 -0.55
CA ILE A 112 14.03 -2.43 0.64
C ILE A 112 14.32 -1.12 1.39
N GLY A 113 13.68 -0.06 0.92
CA GLY A 113 13.85 1.25 1.54
C GLY A 113 13.11 1.32 2.87
N GLU A 114 13.85 1.72 3.90
CA GLU A 114 13.29 1.83 5.23
C GLU A 114 13.08 3.31 5.60
N LYS A 115 14.21 4.01 5.71
CA LYS A 115 14.17 5.42 6.06
C LYS A 115 13.02 6.10 5.30
N LEU A 116 11.93 6.31 6.03
CA LEU A 116 10.76 6.95 5.44
C LEU A 116 9.73 7.22 6.55
N THR A 117 8.93 8.26 6.31
CA THR A 117 7.91 8.63 7.27
C THR A 117 6.60 8.95 6.55
N ASP A 118 5.69 9.59 7.30
CA ASP A 118 4.40 9.95 6.73
C ASP A 118 4.49 11.35 6.12
N ALA A 119 5.32 12.18 6.74
CA ALA A 119 5.51 13.54 6.26
C ALA A 119 6.67 13.57 5.27
N GLU A 120 6.94 12.42 4.68
CA GLU A 120 8.03 12.31 3.72
C GLU A 120 7.46 12.27 2.29
N LEU A 121 6.14 12.42 2.20
CA LEU A 121 5.47 12.40 0.92
C LEU A 121 5.14 13.84 0.50
N GLU A 122 4.45 14.54 1.40
CA GLU A 122 4.05 15.91 1.14
C GLU A 122 5.29 16.77 0.85
N HIS A 123 6.00 17.09 1.91
CA HIS A 123 7.21 17.90 1.79
C HIS A 123 6.93 19.09 0.86
N HIS A 124 5.66 19.47 0.80
CA HIS A 124 5.26 20.58 -0.03
C HIS A 124 3.82 20.99 0.31
N HIS A 125 3.31 21.94 -0.46
CA HIS A 125 1.97 22.43 -0.24
C HIS A 125 1.17 22.36 -1.56
N HIS A 126 -0.14 22.36 -1.42
CA HIS A 126 -1.01 22.30 -2.59
C HIS A 126 -1.78 23.62 -2.72
N HIS A 127 -2.26 24.10 -1.58
CA HIS A 127 -3.02 25.35 -1.56
C HIS A 127 -2.08 26.52 -1.91
N HIS A 128 -1.77 26.60 -3.20
CA HIS A 128 -0.89 27.66 -3.68
C HIS A 128 -1.49 28.29 -4.94
CA CA B . -3.41 -15.26 3.77
CA CA C . -10.89 -5.19 6.60
CA CA D . 4.63 6.85 -9.48
N SER A 1 -5.61 8.24 -16.98
CA SER A 1 -6.56 8.08 -15.89
C SER A 1 -7.64 7.08 -16.28
N SER A 2 -7.64 5.95 -15.58
CA SER A 2 -8.61 4.90 -15.85
C SER A 2 -8.92 4.14 -14.56
N ASN A 3 -9.93 3.29 -14.65
CA ASN A 3 -10.34 2.49 -13.50
C ASN A 3 -9.66 1.12 -13.56
N LEU A 4 -9.91 0.32 -12.54
CA LEU A 4 -9.33 -1.01 -12.47
C LEU A 4 -10.10 -1.94 -13.40
N THR A 5 -9.34 -2.59 -14.29
CA THR A 5 -9.93 -3.51 -15.25
C THR A 5 -9.28 -4.88 -15.14
N GLU A 6 -9.79 -5.82 -15.92
CA GLU A 6 -9.26 -7.17 -15.93
C GLU A 6 -7.75 -7.15 -16.04
N GLU A 7 -7.26 -6.23 -16.86
CA GLU A 7 -5.82 -6.09 -17.06
C GLU A 7 -5.12 -5.85 -15.73
N GLN A 8 -5.40 -4.68 -15.16
CA GLN A 8 -4.80 -4.31 -13.88
C GLN A 8 -5.02 -5.41 -12.85
N ILE A 9 -6.30 -5.74 -12.63
CA ILE A 9 -6.65 -6.76 -11.67
C ILE A 9 -5.70 -7.95 -11.82
N ALA A 10 -5.59 -8.43 -13.06
CA ALA A 10 -4.73 -9.55 -13.35
C ALA A 10 -3.41 -9.40 -12.58
N GLU A 11 -2.90 -8.18 -12.60
CA GLU A 11 -1.66 -7.88 -11.91
C GLU A 11 -1.84 -8.06 -10.40
N PHE A 12 -2.91 -7.47 -9.89
CA PHE A 12 -3.20 -7.55 -8.47
C PHE A 12 -3.20 -9.01 -7.99
N LYS A 13 -3.80 -9.86 -8.80
CA LYS A 13 -3.87 -11.28 -8.48
C LYS A 13 -2.47 -11.80 -8.17
N GLU A 14 -1.48 -11.13 -8.75
CA GLU A 14 -0.10 -11.52 -8.54
C GLU A 14 0.50 -10.73 -7.37
N ALA A 15 0.57 -9.41 -7.56
CA ALA A 15 1.13 -8.55 -6.53
C ALA A 15 0.62 -9.00 -5.16
N PHE A 16 -0.70 -9.08 -5.05
CA PHE A 16 -1.33 -9.49 -3.81
C PHE A 16 -0.77 -10.84 -3.33
N ALA A 17 -0.51 -11.71 -4.29
CA ALA A 17 0.02 -13.03 -3.98
C ALA A 17 1.48 -12.88 -3.54
N LEU A 18 2.14 -11.89 -4.11
CA LEU A 18 3.53 -11.64 -3.78
C LEU A 18 3.64 -11.21 -2.31
N PHE A 19 2.59 -10.55 -1.85
CA PHE A 19 2.55 -10.09 -0.47
C PHE A 19 1.90 -11.13 0.44
N ASP A 20 1.07 -11.97 -0.16
CA ASP A 20 0.38 -13.00 0.58
C ASP A 20 1.34 -14.17 0.83
N LYS A 21 1.29 -14.68 2.05
CA LYS A 21 2.14 -15.79 2.43
C LYS A 21 1.50 -17.10 1.98
N ASP A 22 0.36 -17.38 2.57
CA ASP A 22 -0.37 -18.64 2.21
C ASP A 22 -1.19 -18.41 0.94
N ASN A 23 -1.27 -17.18 0.47
CA ASN A 23 -2.03 -16.88 -0.73
C ASN A 23 -3.50 -17.26 -0.51
N ASN A 24 -4.06 -16.71 0.56
CA ASN A 24 -5.44 -16.98 0.90
C ASN A 24 -6.33 -15.87 0.33
N GLY A 25 -5.73 -14.72 0.13
CA GLY A 25 -6.44 -13.58 -0.42
C GLY A 25 -6.55 -12.45 0.60
N SER A 26 -6.42 -12.83 1.87
CA SER A 26 -6.50 -11.87 2.95
C SER A 26 -5.12 -11.71 3.61
N ILE A 27 -4.65 -10.46 3.64
CA ILE A 27 -3.36 -10.16 4.22
C ILE A 27 -3.57 -9.69 5.67
N SER A 28 -2.58 -10.00 6.50
CA SER A 28 -2.64 -9.62 7.90
C SER A 28 -1.54 -8.61 8.21
N SER A 29 -1.84 -7.72 9.15
CA SER A 29 -0.89 -6.70 9.54
C SER A 29 0.49 -7.33 9.78
N SER A 30 0.46 -8.52 10.35
CA SER A 30 1.69 -9.25 10.64
C SER A 30 2.40 -9.62 9.33
N GLU A 31 1.70 -10.42 8.53
CA GLU A 31 2.24 -10.85 7.25
C GLU A 31 2.73 -9.65 6.44
N LEU A 32 2.06 -8.53 6.66
CA LEU A 32 2.42 -7.30 5.96
C LEU A 32 3.69 -6.72 6.55
N ALA A 33 3.73 -6.70 7.88
CA ALA A 33 4.89 -6.17 8.57
C ALA A 33 6.13 -6.97 8.18
N THR A 34 5.95 -8.28 8.10
CA THR A 34 7.04 -9.17 7.73
C THR A 34 7.71 -8.68 6.43
N VAL A 35 6.90 -8.03 5.61
CA VAL A 35 7.40 -7.52 4.33
C VAL A 35 8.05 -6.15 4.57
N MET A 36 7.48 -5.42 5.51
CA MET A 36 7.99 -4.10 5.85
C MET A 36 9.45 -4.17 6.33
N ARG A 37 9.67 -5.06 7.29
CA ARG A 37 11.00 -5.24 7.84
C ARG A 37 12.00 -5.52 6.73
N SER A 38 11.52 -6.13 5.66
CA SER A 38 12.36 -6.45 4.52
C SER A 38 12.53 -5.22 3.64
N LEU A 39 11.58 -4.31 3.76
CA LEU A 39 11.62 -3.09 2.97
C LEU A 39 12.74 -2.18 3.48
N GLY A 40 12.58 -1.73 4.72
CA GLY A 40 13.57 -0.86 5.34
C GLY A 40 13.17 -0.50 6.76
N LEU A 41 11.89 -0.21 6.93
CA LEU A 41 11.36 0.15 8.24
C LEU A 41 10.89 -1.12 8.96
N SER A 42 10.68 -0.96 10.25
CA SER A 42 10.22 -2.08 11.07
C SER A 42 8.93 -1.70 11.82
N PRO A 43 7.78 -1.90 11.12
CA PRO A 43 6.49 -1.57 11.70
C PRO A 43 6.08 -2.62 12.74
N SER A 44 5.48 -2.14 13.81
CA SER A 44 5.04 -3.02 14.88
C SER A 44 3.60 -3.48 14.62
N GLU A 45 3.35 -4.74 14.92
CA GLU A 45 2.04 -5.32 14.73
C GLU A 45 0.96 -4.31 15.16
N ALA A 46 1.32 -3.47 16.10
CA ALA A 46 0.39 -2.47 16.62
C ALA A 46 0.29 -1.33 15.60
N GLU A 47 1.45 -0.84 15.19
CA GLU A 47 1.50 0.26 14.23
C GLU A 47 0.77 -0.14 12.94
N VAL A 48 0.93 -1.40 12.57
CA VAL A 48 0.30 -1.92 11.37
C VAL A 48 -1.23 -1.95 11.56
N ASN A 49 -1.63 -2.53 12.68
CA ASN A 49 -3.05 -2.63 13.00
C ASN A 49 -3.72 -1.28 12.71
N ASP A 50 -2.94 -0.22 12.82
CA ASP A 50 -3.45 1.11 12.58
C ASP A 50 -3.51 1.36 11.08
N LEU A 51 -2.44 0.98 10.40
CA LEU A 51 -2.37 1.16 8.95
C LEU A 51 -3.40 0.24 8.28
N MET A 52 -3.84 -0.75 9.04
CA MET A 52 -4.82 -1.70 8.52
C MET A 52 -6.25 -1.22 8.83
N ASN A 53 -6.34 -0.25 9.72
CA ASN A 53 -7.63 0.30 10.11
C ASN A 53 -8.20 1.10 8.94
N GLU A 54 -7.30 1.65 8.15
CA GLU A 54 -7.70 2.44 7.00
C GLU A 54 -8.11 1.52 5.84
N ILE A 55 -7.39 0.41 5.73
CA ILE A 55 -7.66 -0.55 4.67
C ILE A 55 -8.81 -1.47 5.11
N ASP A 56 -9.05 -1.48 6.41
CA ASP A 56 -10.11 -2.30 6.97
C ASP A 56 -11.44 -1.54 6.88
N VAL A 57 -12.42 -2.20 6.29
CA VAL A 57 -13.74 -1.61 6.13
C VAL A 57 -14.61 -1.99 7.33
N ASP A 58 -14.29 -3.11 7.91
CA ASP A 58 -15.06 -3.60 9.09
C ASP A 58 -14.13 -3.73 10.30
N GLY A 59 -12.83 -3.82 10.07
CA GLY A 59 -11.89 -3.95 11.17
C GLY A 59 -11.77 -5.41 11.62
N ASN A 60 -11.74 -6.30 10.64
CA ASN A 60 -11.63 -7.72 10.91
C ASN A 60 -10.16 -8.12 10.93
N HIS A 61 -9.31 -7.17 10.55
CA HIS A 61 -7.88 -7.41 10.51
C HIS A 61 -7.54 -8.30 9.32
N GLN A 62 -8.15 -7.98 8.19
CA GLN A 62 -7.92 -8.74 6.98
C GLN A 62 -8.16 -7.87 5.75
N ILE A 63 -7.12 -7.72 4.94
CA ILE A 63 -7.21 -6.92 3.73
C ILE A 63 -7.70 -7.79 2.58
N GLU A 64 -8.86 -7.43 2.05
CA GLU A 64 -9.45 -8.17 0.96
C GLU A 64 -8.98 -7.59 -0.38
N PHE A 65 -9.12 -8.39 -1.42
CA PHE A 65 -8.72 -7.97 -2.76
C PHE A 65 -9.48 -6.71 -3.18
N SER A 66 -10.63 -6.52 -2.57
CA SER A 66 -11.46 -5.36 -2.86
C SER A 66 -10.90 -4.12 -2.17
N GLU A 67 -10.50 -4.31 -0.93
CA GLU A 67 -9.95 -3.21 -0.14
C GLU A 67 -8.62 -2.75 -0.73
N PHE A 68 -7.67 -3.69 -0.78
CA PHE A 68 -6.35 -3.40 -1.32
C PHE A 68 -6.47 -2.57 -2.60
N LEU A 69 -7.34 -3.00 -3.49
CA LEU A 69 -7.55 -2.31 -4.75
C LEU A 69 -8.03 -0.88 -4.47
N ALA A 70 -8.93 -0.77 -3.50
CA ALA A 70 -9.47 0.52 -3.14
C ALA A 70 -8.32 1.47 -2.79
N LEU A 71 -7.26 0.89 -2.25
CA LEU A 71 -6.10 1.67 -1.88
C LEU A 71 -5.54 2.38 -3.11
N MET A 72 -5.68 1.71 -4.25
CA MET A 72 -5.19 2.26 -5.51
C MET A 72 -6.32 2.94 -6.27
N SER A 73 -7.47 3.03 -5.63
CA SER A 73 -8.63 3.66 -6.24
C SER A 73 -9.19 4.74 -5.31
N ARG A 74 -8.47 4.97 -4.22
CA ARG A 74 -8.88 5.98 -3.25
C ARG A 74 -8.43 7.37 -3.71
N GLN A 75 -7.64 7.38 -4.77
CA GLN A 75 -7.14 8.63 -5.31
C GLN A 75 -6.62 8.43 -6.74
N LEU A 76 -6.92 9.39 -7.59
CA LEU A 76 -6.49 9.33 -8.98
C LEU A 76 -5.74 10.61 -9.34
N LYS A 77 -6.51 11.68 -9.53
CA LYS A 77 -5.93 12.97 -9.88
C LYS A 77 -4.93 13.38 -8.80
N SER A 78 -5.05 12.74 -7.64
CA SER A 78 -4.18 13.03 -6.52
C SER A 78 -4.45 14.44 -6.00
N ASN A 79 -5.72 14.80 -5.99
CA ASN A 79 -6.13 16.11 -5.51
C ASN A 79 -7.26 15.95 -4.50
N ASP A 80 -6.98 15.13 -3.48
CA ASP A 80 -7.95 14.89 -2.43
C ASP A 80 -7.53 15.63 -1.16
N SER A 81 -8.48 15.72 -0.22
CA SER A 81 -8.21 16.38 1.04
C SER A 81 -7.45 15.45 1.98
N GLU A 82 -7.60 14.17 1.72
CA GLU A 82 -6.94 13.16 2.54
C GLU A 82 -5.42 13.22 2.35
N GLN A 83 -4.99 12.76 1.19
CA GLN A 83 -3.57 12.77 0.87
C GLN A 83 -2.75 12.36 2.09
N GLU A 84 -3.37 11.55 2.94
CA GLU A 84 -2.71 11.07 4.13
C GLU A 84 -2.14 9.67 3.91
N LEU A 85 -2.90 8.87 3.18
CA LEU A 85 -2.49 7.51 2.89
C LEU A 85 -1.71 7.49 1.57
N LEU A 86 -2.26 8.17 0.58
CA LEU A 86 -1.62 8.24 -0.73
C LEU A 86 -0.13 8.53 -0.55
N GLU A 87 0.15 9.67 0.04
CA GLU A 87 1.53 10.08 0.28
C GLU A 87 2.25 9.04 1.12
N ALA A 88 1.52 8.49 2.09
CA ALA A 88 2.07 7.48 2.97
C ALA A 88 2.27 6.17 2.19
N PHE A 89 1.70 6.15 1.00
CA PHE A 89 1.81 4.98 0.14
C PHE A 89 2.59 5.30 -1.14
N LYS A 90 3.03 6.54 -1.22
CA LYS A 90 3.79 6.99 -2.39
C LYS A 90 5.16 6.33 -2.37
N VAL A 91 5.51 5.76 -1.21
CA VAL A 91 6.79 5.11 -1.05
C VAL A 91 7.11 4.31 -2.32
N PHE A 92 6.06 3.86 -2.98
CA PHE A 92 6.21 3.08 -4.19
C PHE A 92 6.52 3.99 -5.39
N ASP A 93 5.63 4.91 -5.62
CA ASP A 93 5.81 5.87 -6.75
C ASP A 93 7.16 6.58 -6.63
N LYS A 94 8.19 6.06 -7.30
CA LYS A 94 9.50 6.67 -7.23
C LYS A 94 9.65 7.70 -8.35
N ASN A 95 8.87 7.49 -9.40
CA ASN A 95 8.91 8.38 -10.55
C ASN A 95 8.31 9.74 -10.15
N GLY A 96 7.59 9.73 -9.03
CA GLY A 96 6.97 10.94 -8.54
C GLY A 96 5.69 11.25 -9.29
N ASP A 97 4.75 10.32 -9.21
CA ASP A 97 3.47 10.47 -9.89
C ASP A 97 2.36 10.66 -8.85
N GLY A 98 2.65 10.20 -7.63
CA GLY A 98 1.70 10.31 -6.54
C GLY A 98 0.65 9.20 -6.61
N LEU A 99 0.71 8.44 -7.70
CA LEU A 99 -0.22 7.35 -7.90
C LEU A 99 0.56 6.08 -8.26
N ILE A 100 0.16 4.98 -7.65
CA ILE A 100 0.81 3.70 -7.89
C ILE A 100 -0.11 2.82 -8.75
N SER A 101 0.52 1.99 -9.56
CA SER A 101 -0.22 1.09 -10.43
C SER A 101 -0.04 -0.36 -9.96
N ALA A 102 -0.47 -1.28 -10.81
CA ALA A 102 -0.38 -2.69 -10.50
C ALA A 102 1.06 -3.17 -10.75
N ALA A 103 1.58 -2.78 -11.90
CA ALA A 103 2.93 -3.17 -12.28
C ALA A 103 3.93 -2.39 -11.41
N GLU A 104 3.41 -1.37 -10.75
CA GLU A 104 4.25 -0.55 -9.88
C GLU A 104 4.47 -1.25 -8.54
N LEU A 105 3.40 -1.36 -7.78
CA LEU A 105 3.46 -2.01 -6.47
C LEU A 105 4.07 -3.40 -6.63
N LYS A 106 4.01 -3.90 -7.85
CA LYS A 106 4.55 -5.22 -8.15
C LYS A 106 6.08 -5.13 -8.23
N HIS A 107 6.55 -4.20 -9.03
CA HIS A 107 7.98 -4.00 -9.20
C HIS A 107 8.55 -3.33 -7.95
N VAL A 108 7.65 -2.78 -7.15
CA VAL A 108 8.06 -2.10 -5.92
C VAL A 108 8.79 -3.09 -5.02
N LEU A 109 8.57 -4.36 -5.30
CA LEU A 109 9.20 -5.42 -4.51
C LEU A 109 10.72 -5.32 -4.66
N THR A 110 11.13 -4.72 -5.77
CA THR A 110 12.55 -4.56 -6.05
C THR A 110 12.97 -3.10 -5.86
N SER A 111 11.98 -2.26 -5.60
CA SER A 111 12.23 -0.84 -5.40
C SER A 111 12.81 -0.60 -4.01
N ILE A 112 12.96 -1.70 -3.27
CA ILE A 112 13.51 -1.63 -1.93
C ILE A 112 14.74 -0.71 -1.94
N GLY A 113 15.17 -0.35 -0.74
CA GLY A 113 16.32 0.52 -0.59
C GLY A 113 16.51 0.94 0.86
N GLU A 114 17.46 1.85 1.08
CA GLU A 114 17.75 2.34 2.41
C GLU A 114 16.89 3.57 2.72
N LYS A 115 17.25 4.68 2.08
CA LYS A 115 16.53 5.93 2.27
C LYS A 115 15.11 5.77 1.72
N LEU A 116 14.17 5.63 2.63
CA LEU A 116 12.77 5.47 2.25
C LEU A 116 11.88 6.01 3.37
N THR A 117 10.96 6.88 2.98
CA THR A 117 10.05 7.48 3.94
C THR A 117 8.68 7.74 3.29
N ASP A 118 7.71 8.06 4.14
CA ASP A 118 6.37 8.32 3.66
C ASP A 118 6.19 9.84 3.48
N ALA A 119 7.11 10.58 4.06
CA ALA A 119 7.07 12.03 3.98
C ALA A 119 7.75 12.48 2.68
N GLU A 120 8.08 11.50 1.85
CA GLU A 120 8.73 11.78 0.58
C GLU A 120 8.11 13.01 -0.06
N LEU A 121 6.79 13.04 -0.07
CA LEU A 121 6.07 14.17 -0.66
C LEU A 121 5.58 15.09 0.46
N GLU A 122 5.34 14.50 1.62
CA GLU A 122 4.88 15.27 2.77
C GLU A 122 6.07 15.81 3.55
N HIS A 123 6.57 16.95 3.09
CA HIS A 123 7.70 17.59 3.74
C HIS A 123 7.30 18.05 5.15
N HIS A 124 5.99 18.12 5.36
CA HIS A 124 5.46 18.54 6.64
C HIS A 124 5.69 17.44 7.67
N HIS A 125 5.99 17.87 8.90
CA HIS A 125 6.23 16.93 9.98
C HIS A 125 4.90 16.58 10.67
N HIS A 126 4.60 15.30 10.66
CA HIS A 126 3.37 14.82 11.28
C HIS A 126 3.64 13.49 11.99
N HIS A 127 3.45 13.51 13.30
CA HIS A 127 3.66 12.33 14.11
C HIS A 127 2.36 11.93 14.80
N HIS A 128 1.82 12.88 15.55
CA HIS A 128 0.58 12.64 16.27
C HIS A 128 -0.61 12.81 15.32
CA CA B . -2.06 -14.09 4.12
CA CA C . -11.38 -5.57 6.21
CA CA D . 3.31 5.96 -11.26
N SER A 1 -2.61 6.54 -15.41
CA SER A 1 -3.85 5.96 -14.91
C SER A 1 -4.08 6.41 -13.47
N SER A 2 -5.27 6.97 -13.25
CA SER A 2 -5.64 7.44 -11.93
C SER A 2 -6.84 6.64 -11.40
N ASN A 3 -7.20 5.62 -12.15
CA ASN A 3 -8.32 4.77 -11.79
C ASN A 3 -7.97 3.31 -12.07
N LEU A 4 -8.22 2.47 -11.06
CA LEU A 4 -7.93 1.05 -11.19
C LEU A 4 -8.82 0.46 -12.29
N THR A 5 -8.18 -0.28 -13.19
CA THR A 5 -8.88 -0.91 -14.28
C THR A 5 -8.70 -2.43 -14.25
N GLU A 6 -9.38 -3.09 -15.16
CA GLU A 6 -9.30 -4.55 -15.24
C GLU A 6 -7.85 -4.98 -15.47
N GLU A 7 -7.09 -4.10 -16.09
CA GLU A 7 -5.69 -4.39 -16.38
C GLU A 7 -4.88 -4.42 -15.07
N GLN A 8 -5.01 -3.36 -14.30
CA GLN A 8 -4.30 -3.26 -13.04
C GLN A 8 -4.62 -4.47 -12.16
N ILE A 9 -5.90 -4.79 -12.10
CA ILE A 9 -6.34 -5.92 -11.30
C ILE A 9 -5.54 -7.16 -11.68
N ALA A 10 -5.53 -7.44 -12.98
CA ALA A 10 -4.81 -8.60 -13.49
C ALA A 10 -3.34 -8.52 -13.03
N GLU A 11 -2.88 -7.29 -12.85
CA GLU A 11 -1.51 -7.07 -12.43
C GLU A 11 -1.39 -7.25 -10.91
N PHE A 12 -2.47 -6.90 -10.22
CA PHE A 12 -2.50 -7.02 -8.77
C PHE A 12 -2.75 -8.47 -8.35
N LYS A 13 -3.29 -9.25 -9.28
CA LYS A 13 -3.58 -10.65 -9.02
C LYS A 13 -2.32 -11.34 -8.50
N GLU A 14 -1.18 -10.83 -8.97
CA GLU A 14 0.10 -11.40 -8.57
C GLU A 14 0.61 -10.70 -7.31
N ALA A 15 0.81 -9.40 -7.42
CA ALA A 15 1.29 -8.60 -6.31
C ALA A 15 0.56 -9.03 -5.04
N PHE A 16 -0.69 -9.40 -5.20
CA PHE A 16 -1.51 -9.83 -4.08
C PHE A 16 -1.02 -11.16 -3.52
N ALA A 17 -0.72 -12.08 -4.44
CA ALA A 17 -0.25 -13.40 -4.05
C ALA A 17 1.11 -13.25 -3.35
N LEU A 18 1.88 -12.27 -3.81
CA LEU A 18 3.19 -12.01 -3.24
C LEU A 18 3.07 -11.89 -1.72
N PHE A 19 1.93 -11.34 -1.29
CA PHE A 19 1.68 -11.16 0.13
C PHE A 19 0.74 -12.24 0.66
N ASP A 20 -0.08 -12.77 -0.24
CA ASP A 20 -1.03 -13.80 0.12
C ASP A 20 -0.35 -15.17 0.01
N LYS A 21 -0.25 -15.84 1.16
CA LYS A 21 0.37 -17.14 1.20
C LYS A 21 -0.62 -18.19 0.69
N ASP A 22 -1.67 -18.37 1.43
CA ASP A 22 -2.72 -19.36 1.03
C ASP A 22 -3.72 -18.69 0.08
N ASN A 23 -3.52 -17.43 -0.24
CA ASN A 23 -4.43 -16.73 -1.13
C ASN A 23 -5.88 -17.12 -0.79
N ASN A 24 -6.22 -16.91 0.47
CA ASN A 24 -7.56 -17.24 0.95
C ASN A 24 -8.51 -16.10 0.58
N GLY A 25 -7.93 -14.99 0.17
CA GLY A 25 -8.71 -13.82 -0.22
C GLY A 25 -8.50 -12.67 0.77
N SER A 26 -7.88 -13.00 1.89
CA SER A 26 -7.61 -12.01 2.91
C SER A 26 -6.19 -12.17 3.44
N ILE A 27 -5.58 -11.04 3.76
CA ILE A 27 -4.22 -11.04 4.28
C ILE A 27 -4.22 -10.54 5.72
N SER A 28 -3.32 -11.10 6.52
CA SER A 28 -3.21 -10.72 7.92
C SER A 28 -1.86 -10.05 8.17
N SER A 29 -1.78 -9.37 9.31
CA SER A 29 -0.55 -8.70 9.69
C SER A 29 0.59 -9.71 9.82
N SER A 30 0.23 -10.92 10.25
CA SER A 30 1.21 -11.97 10.42
C SER A 30 1.79 -12.37 9.06
N GLU A 31 0.89 -12.75 8.17
CA GLU A 31 1.30 -13.17 6.84
C GLU A 31 2.06 -12.03 6.13
N LEU A 32 1.56 -10.83 6.31
CA LEU A 32 2.18 -9.66 5.72
C LEU A 32 3.60 -9.49 6.28
N ALA A 33 3.72 -9.74 7.58
CA ALA A 33 5.00 -9.62 8.25
C ALA A 33 5.95 -10.69 7.70
N THR A 34 5.39 -11.85 7.42
CA THR A 34 6.18 -12.95 6.88
C THR A 34 6.86 -12.54 5.58
N VAL A 35 6.23 -11.60 4.89
CA VAL A 35 6.76 -11.12 3.63
C VAL A 35 7.83 -10.06 3.90
N MET A 36 7.62 -9.32 4.98
CA MET A 36 8.55 -8.27 5.38
C MET A 36 9.94 -8.85 5.65
N ARG A 37 9.96 -9.84 6.54
CA ARG A 37 11.22 -10.48 6.89
C ARG A 37 12.08 -10.71 5.64
N SER A 38 11.39 -11.03 4.56
CA SER A 38 12.08 -11.29 3.30
C SER A 38 12.62 -9.98 2.72
N LEU A 39 11.71 -9.02 2.56
CA LEU A 39 12.09 -7.73 2.02
C LEU A 39 13.41 -7.28 2.64
N GLY A 40 13.42 -7.25 3.97
CA GLY A 40 14.62 -6.84 4.70
C GLY A 40 14.28 -6.45 6.13
N LEU A 41 13.04 -6.01 6.32
CA LEU A 41 12.58 -5.59 7.63
C LEU A 41 11.67 -6.68 8.21
N SER A 42 11.35 -6.53 9.48
CA SER A 42 10.50 -7.48 10.16
C SER A 42 9.72 -6.79 11.28
N PRO A 43 8.54 -6.23 10.90
CA PRO A 43 7.71 -5.54 11.87
C PRO A 43 6.97 -6.52 12.77
N SER A 44 6.89 -6.16 14.05
CA SER A 44 6.24 -7.01 15.03
C SER A 44 4.73 -7.04 14.76
N GLU A 45 4.12 -8.18 15.06
CA GLU A 45 2.70 -8.35 14.86
C GLU A 45 1.96 -7.06 15.20
N ALA A 46 2.36 -6.46 16.31
CA ALA A 46 1.75 -5.21 16.76
C ALA A 46 2.13 -4.09 15.81
N GLU A 47 3.43 -4.00 15.52
CA GLU A 47 3.94 -2.98 14.62
C GLU A 47 3.26 -3.07 13.26
N VAL A 48 2.79 -4.28 12.95
CA VAL A 48 2.12 -4.52 11.68
C VAL A 48 0.67 -4.06 11.80
N ASN A 49 0.07 -4.34 12.95
CA ASN A 49 -1.31 -3.96 13.19
C ASN A 49 -1.47 -2.45 12.95
N ASP A 50 -0.38 -1.74 13.13
CA ASP A 50 -0.38 -0.29 12.95
C ASP A 50 -0.57 0.01 11.46
N LEU A 51 0.01 -0.84 10.63
CA LEU A 51 -0.08 -0.66 9.19
C LEU A 51 -1.40 -1.24 8.70
N MET A 52 -1.83 -2.32 9.35
CA MET A 52 -3.07 -2.97 8.99
C MET A 52 -4.28 -2.14 9.44
N ASN A 53 -4.02 -1.23 10.37
CA ASN A 53 -5.07 -0.37 10.89
C ASN A 53 -5.62 0.49 9.75
N GLU A 54 -4.70 1.07 9.00
CA GLU A 54 -5.07 1.92 7.88
C GLU A 54 -5.75 1.09 6.78
N ILE A 55 -5.04 0.07 6.33
CA ILE A 55 -5.56 -0.80 5.28
C ILE A 55 -6.90 -1.37 5.73
N ASP A 56 -7.08 -1.43 7.04
CA ASP A 56 -8.31 -1.96 7.61
C ASP A 56 -9.40 -0.89 7.52
N VAL A 57 -10.53 -1.30 6.94
CA VAL A 57 -11.65 -0.39 6.78
C VAL A 57 -12.58 -0.53 7.99
N ASP A 58 -12.53 -1.68 8.60
CA ASP A 58 -13.39 -1.92 9.79
C ASP A 58 -12.51 -2.28 11.00
N GLY A 59 -11.28 -2.72 10.76
CA GLY A 59 -10.38 -3.08 11.84
C GLY A 59 -10.57 -4.54 12.24
N ASN A 60 -10.55 -5.40 11.24
CA ASN A 60 -10.71 -6.83 11.47
C ASN A 60 -9.36 -7.53 11.27
N HIS A 61 -8.42 -6.79 10.73
CA HIS A 61 -7.09 -7.33 10.48
C HIS A 61 -7.13 -8.27 9.28
N GLN A 62 -7.76 -7.79 8.22
CA GLN A 62 -7.87 -8.58 7.00
C GLN A 62 -7.90 -7.66 5.77
N ILE A 63 -6.94 -7.88 4.89
CA ILE A 63 -6.84 -7.09 3.67
C ILE A 63 -7.33 -7.92 2.48
N GLU A 64 -8.25 -7.33 1.74
CA GLU A 64 -8.81 -8.00 0.57
C GLU A 64 -8.36 -7.29 -0.70
N PHE A 65 -8.55 -7.98 -1.82
CA PHE A 65 -8.16 -7.44 -3.11
C PHE A 65 -8.66 -6.00 -3.27
N SER A 66 -9.75 -5.70 -2.57
CA SER A 66 -10.32 -4.37 -2.62
C SER A 66 -9.51 -3.42 -1.72
N GLU A 67 -9.33 -3.85 -0.48
CA GLU A 67 -8.59 -3.05 0.49
C GLU A 67 -7.19 -2.75 -0.05
N PHE A 68 -6.47 -3.82 -0.38
CA PHE A 68 -5.12 -3.68 -0.91
C PHE A 68 -5.06 -2.60 -1.99
N LEU A 69 -6.12 -2.56 -2.79
CA LEU A 69 -6.18 -1.58 -3.87
C LEU A 69 -6.63 -0.23 -3.31
N ALA A 70 -7.37 -0.30 -2.20
CA ALA A 70 -7.87 0.90 -1.55
C ALA A 70 -6.70 1.85 -1.30
N LEU A 71 -5.62 1.30 -0.77
CA LEU A 71 -4.44 2.07 -0.48
C LEU A 71 -4.17 3.04 -1.63
N MET A 72 -4.58 2.62 -2.82
CA MET A 72 -4.39 3.44 -4.00
C MET A 72 -5.63 4.28 -4.30
N SER A 73 -6.79 3.69 -4.00
CA SER A 73 -8.05 4.38 -4.23
C SER A 73 -8.08 5.70 -3.46
N ARG A 74 -7.62 5.63 -2.22
CA ARG A 74 -7.58 6.81 -1.37
C ARG A 74 -6.30 7.61 -1.62
N GLN A 75 -5.50 7.12 -2.55
CA GLN A 75 -4.25 7.76 -2.89
C GLN A 75 -4.44 8.65 -4.13
N LEU A 76 -5.69 8.90 -4.46
CA LEU A 76 -6.01 9.71 -5.62
C LEU A 76 -5.30 11.06 -5.49
N LYS A 77 -5.53 11.91 -6.49
CA LYS A 77 -4.92 13.23 -6.50
C LYS A 77 -6.00 14.29 -6.73
N SER A 78 -7.24 13.84 -6.67
CA SER A 78 -8.37 14.73 -6.87
C SER A 78 -8.99 15.12 -5.52
N ASN A 79 -9.75 16.19 -5.54
CA ASN A 79 -10.39 16.67 -4.33
C ASN A 79 -11.09 15.50 -3.63
N ASP A 80 -10.38 14.91 -2.68
CA ASP A 80 -10.91 13.78 -1.93
C ASP A 80 -10.85 14.09 -0.43
N SER A 81 -11.32 13.14 0.36
CA SER A 81 -11.33 13.31 1.80
C SER A 81 -9.95 12.98 2.37
N GLU A 82 -9.67 11.69 2.46
CA GLU A 82 -8.40 11.22 2.98
C GLU A 82 -7.32 11.30 1.88
N GLN A 83 -6.41 12.25 2.05
CA GLN A 83 -5.34 12.43 1.10
C GLN A 83 -3.99 12.47 1.82
N GLU A 84 -4.05 12.25 3.12
CA GLU A 84 -2.84 12.25 3.93
C GLU A 84 -2.05 10.97 3.71
N LEU A 85 -2.75 9.94 3.25
CA LEU A 85 -2.13 8.66 3.00
C LEU A 85 -1.62 8.62 1.55
N LEU A 86 -1.56 9.81 0.96
CA LEU A 86 -1.10 9.92 -0.42
C LEU A 86 0.40 10.23 -0.43
N GLU A 87 0.73 11.41 0.09
CA GLU A 87 2.12 11.85 0.15
C GLU A 87 2.88 11.04 1.19
N ALA A 88 2.12 10.37 2.05
CA ALA A 88 2.71 9.57 3.11
C ALA A 88 2.91 8.14 2.60
N PHE A 89 2.41 7.90 1.39
CA PHE A 89 2.53 6.59 0.79
C PHE A 89 3.03 6.69 -0.66
N LYS A 90 3.55 7.86 -0.98
CA LYS A 90 4.06 8.11 -2.32
C LYS A 90 5.54 7.71 -2.37
N VAL A 91 6.15 7.64 -1.20
CA VAL A 91 7.54 7.27 -1.10
C VAL A 91 7.84 6.15 -2.10
N PHE A 92 6.84 5.34 -2.36
CA PHE A 92 6.98 4.24 -3.29
C PHE A 92 7.08 4.75 -4.72
N ASP A 93 6.16 5.60 -5.08
CA ASP A 93 6.16 6.17 -6.46
C ASP A 93 7.43 6.99 -6.68
N LYS A 94 8.37 6.48 -7.46
CA LYS A 94 9.61 7.20 -7.72
C LYS A 94 9.44 8.05 -8.98
N ASN A 95 8.39 7.75 -9.72
CA ASN A 95 8.10 8.48 -10.95
C ASN A 95 7.26 9.71 -10.62
N GLY A 96 7.16 10.00 -9.32
CA GLY A 96 6.40 11.14 -8.87
C GLY A 96 5.10 11.29 -9.67
N ASP A 97 4.25 10.28 -9.55
CA ASP A 97 2.98 10.29 -10.26
C ASP A 97 1.85 10.52 -9.25
N GLY A 98 2.22 10.54 -7.99
CA GLY A 98 1.25 10.76 -6.92
C GLY A 98 0.32 9.55 -6.78
N LEU A 99 0.80 8.41 -7.26
CA LEU A 99 0.03 7.18 -7.20
C LEU A 99 0.95 5.99 -7.48
N ILE A 100 0.50 4.82 -7.04
CA ILE A 100 1.26 3.61 -7.23
C ILE A 100 0.34 2.51 -7.78
N SER A 101 0.92 1.67 -8.61
CA SER A 101 0.17 0.57 -9.21
C SER A 101 0.73 -0.77 -8.74
N ALA A 102 0.21 -1.83 -9.32
CA ALA A 102 0.64 -3.17 -8.96
C ALA A 102 2.11 -3.35 -9.36
N ALA A 103 2.36 -3.18 -10.65
CA ALA A 103 3.71 -3.31 -11.18
C ALA A 103 4.66 -2.44 -10.37
N GLU A 104 4.08 -1.44 -9.72
CA GLU A 104 4.86 -0.52 -8.91
C GLU A 104 5.06 -1.09 -7.50
N LEU A 105 4.10 -1.90 -7.08
CA LEU A 105 4.16 -2.51 -5.77
C LEU A 105 5.01 -3.78 -5.84
N LYS A 106 5.22 -4.24 -7.08
CA LYS A 106 6.01 -5.43 -7.31
C LYS A 106 7.50 -5.07 -7.30
N HIS A 107 7.77 -3.79 -7.52
CA HIS A 107 9.13 -3.31 -7.54
C HIS A 107 9.59 -2.96 -6.12
N VAL A 108 8.71 -2.26 -5.41
CA VAL A 108 9.00 -1.87 -4.05
C VAL A 108 9.27 -3.12 -3.20
N LEU A 109 8.67 -4.22 -3.64
CA LEU A 109 8.84 -5.48 -2.94
C LEU A 109 10.33 -5.81 -2.82
N THR A 110 11.10 -5.23 -3.73
CA THR A 110 12.54 -5.44 -3.74
C THR A 110 13.27 -4.21 -3.22
N SER A 111 12.55 -3.08 -3.22
CA SER A 111 13.11 -1.84 -2.76
C SER A 111 13.53 -1.96 -1.29
N ILE A 112 12.52 -2.10 -0.43
CA ILE A 112 12.77 -2.22 0.99
C ILE A 112 13.21 -0.88 1.56
N GLY A 113 13.18 0.12 0.69
CA GLY A 113 13.57 1.47 1.08
C GLY A 113 12.38 2.44 0.99
N GLU A 114 11.29 2.04 1.63
CA GLU A 114 10.09 2.86 1.62
C GLU A 114 9.97 3.64 2.94
N LYS A 115 8.92 4.44 3.01
CA LYS A 115 8.69 5.25 4.20
C LYS A 115 10.02 5.80 4.71
N LEU A 116 10.67 6.58 3.85
CA LEU A 116 11.95 7.18 4.19
C LEU A 116 11.80 8.70 4.23
N THR A 117 10.65 9.17 3.76
CA THR A 117 10.38 10.60 3.73
C THR A 117 8.87 10.84 3.58
N ASP A 118 8.42 11.93 4.20
CA ASP A 118 7.02 12.29 4.15
C ASP A 118 6.87 13.62 3.42
N ALA A 119 7.74 14.56 3.78
CA ALA A 119 7.71 15.88 3.18
C ALA A 119 8.30 15.80 1.77
N GLU A 120 8.75 14.61 1.41
CA GLU A 120 9.33 14.39 0.10
C GLU A 120 8.56 15.18 -0.96
N LEU A 121 7.24 15.03 -0.93
CA LEU A 121 6.38 15.72 -1.87
C LEU A 121 5.49 16.71 -1.12
N GLU A 122 5.06 16.29 0.06
CA GLU A 122 4.21 17.13 0.89
C GLU A 122 4.96 18.38 1.33
N HIS A 123 4.50 19.52 0.83
CA HIS A 123 5.11 20.79 1.16
C HIS A 123 4.17 21.62 2.04
N HIS A 124 4.57 22.84 2.31
CA HIS A 124 3.78 23.73 3.13
C HIS A 124 2.53 24.16 2.35
N HIS A 125 1.62 23.22 2.18
CA HIS A 125 0.38 23.49 1.47
C HIS A 125 -0.56 22.30 1.60
N HIS A 126 -1.82 22.60 1.87
CA HIS A 126 -2.83 21.57 2.02
C HIS A 126 -4.16 22.06 1.45
N HIS A 127 -5.18 21.22 1.62
CA HIS A 127 -6.51 21.56 1.12
C HIS A 127 -6.96 22.88 1.75
N HIS A 128 -7.34 22.81 3.01
CA HIS A 128 -7.80 23.98 3.73
C HIS A 128 -6.82 25.13 3.52
CA CA B . -3.37 -14.90 3.14
CA CA C . -10.35 -4.81 6.96
CA CA D . 2.86 5.54 -10.72
N SER A 1 -2.88 6.76 -16.53
CA SER A 1 -3.72 7.13 -15.40
C SER A 1 -5.19 6.87 -15.74
N SER A 2 -5.65 5.68 -15.36
CA SER A 2 -7.02 5.29 -15.60
C SER A 2 -7.55 4.44 -14.45
N ASN A 3 -8.86 4.32 -14.39
CA ASN A 3 -9.50 3.54 -13.35
C ASN A 3 -8.96 2.12 -13.38
N LEU A 4 -9.48 1.30 -12.48
CA LEU A 4 -9.06 -0.09 -12.40
C LEU A 4 -9.89 -0.93 -13.37
N THR A 5 -9.18 -1.64 -14.23
CA THR A 5 -9.84 -2.49 -15.22
C THR A 5 -9.35 -3.93 -15.09
N GLU A 6 -9.97 -4.80 -15.87
CA GLU A 6 -9.61 -6.21 -15.86
C GLU A 6 -8.09 -6.37 -15.85
N GLU A 7 -7.43 -5.57 -16.69
CA GLU A 7 -5.98 -5.62 -16.78
C GLU A 7 -5.35 -5.45 -15.40
N GLN A 8 -5.51 -4.25 -14.86
CA GLN A 8 -4.96 -3.94 -13.55
C GLN A 8 -5.40 -5.00 -12.54
N ILE A 9 -6.70 -5.15 -12.40
CA ILE A 9 -7.26 -6.13 -11.48
C ILE A 9 -6.47 -7.43 -11.59
N ALA A 10 -6.16 -7.80 -12.83
CA ALA A 10 -5.42 -9.02 -13.09
C ALA A 10 -4.07 -8.95 -12.38
N GLU A 11 -3.39 -7.82 -12.57
CA GLU A 11 -2.09 -7.61 -11.96
C GLU A 11 -2.20 -7.71 -10.44
N PHE A 12 -3.17 -6.98 -9.89
CA PHE A 12 -3.38 -6.97 -8.46
C PHE A 12 -3.50 -8.40 -7.92
N LYS A 13 -4.22 -9.22 -8.65
CA LYS A 13 -4.42 -10.61 -8.26
C LYS A 13 -3.06 -11.26 -8.01
N GLU A 14 -2.05 -10.76 -8.72
CA GLU A 14 -0.70 -11.28 -8.58
C GLU A 14 0.07 -10.48 -7.53
N ALA A 15 0.32 -9.22 -7.86
CA ALA A 15 1.04 -8.34 -6.96
C ALA A 15 0.55 -8.58 -5.52
N PHE A 16 -0.70 -8.97 -5.41
CA PHE A 16 -1.30 -9.23 -4.12
C PHE A 16 -0.85 -10.58 -3.56
N ALA A 17 -0.91 -11.58 -4.42
CA ALA A 17 -0.51 -12.93 -4.03
C ALA A 17 0.97 -12.92 -3.62
N LEU A 18 1.71 -12.03 -4.26
CA LEU A 18 3.13 -11.90 -3.97
C LEU A 18 3.33 -11.75 -2.46
N PHE A 19 2.33 -11.16 -1.81
CA PHE A 19 2.39 -10.96 -0.39
C PHE A 19 1.68 -12.08 0.36
N ASP A 20 0.48 -12.40 -0.11
CA ASP A 20 -0.31 -13.45 0.49
C ASP A 20 0.45 -14.78 0.39
N LYS A 21 0.45 -15.51 1.51
CA LYS A 21 1.13 -16.79 1.56
C LYS A 21 0.23 -17.86 0.93
N ASP A 22 -0.86 -18.11 1.58
CA ASP A 22 -1.82 -19.13 1.07
C ASP A 22 -2.74 -18.52 0.02
N ASN A 23 -2.54 -17.23 -0.29
CA ASN A 23 -3.38 -16.57 -1.28
C ASN A 23 -4.84 -16.98 -1.08
N ASN A 24 -5.34 -16.69 0.11
CA ASN A 24 -6.72 -17.02 0.45
C ASN A 24 -7.63 -15.83 0.11
N GLY A 25 -6.99 -14.68 -0.08
CA GLY A 25 -7.72 -13.48 -0.41
C GLY A 25 -7.59 -12.43 0.71
N SER A 26 -7.26 -12.92 1.89
CA SER A 26 -7.10 -12.05 3.04
C SER A 26 -5.67 -12.15 3.58
N ILE A 27 -5.05 -10.99 3.73
CA ILE A 27 -3.69 -10.93 4.23
C ILE A 27 -3.71 -10.59 5.72
N SER A 28 -2.73 -11.11 6.43
CA SER A 28 -2.63 -10.86 7.87
C SER A 28 -1.42 -9.96 8.16
N SER A 29 -1.50 -9.27 9.29
CA SER A 29 -0.43 -8.37 9.69
C SER A 29 0.89 -9.13 9.77
N SER A 30 0.80 -10.37 10.27
CA SER A 30 1.97 -11.20 10.40
C SER A 30 2.56 -11.52 9.03
N GLU A 31 1.71 -12.05 8.16
CA GLU A 31 2.13 -12.40 6.81
C GLU A 31 2.67 -11.16 6.10
N LEU A 32 2.05 -10.03 6.40
CA LEU A 32 2.46 -8.77 5.78
C LEU A 32 3.84 -8.38 6.30
N ALA A 33 4.01 -8.51 7.62
CA ALA A 33 5.27 -8.17 8.24
C ALA A 33 6.37 -9.09 7.70
N THR A 34 5.98 -10.33 7.45
CA THR A 34 6.91 -11.32 6.93
C THR A 34 7.57 -10.81 5.65
N VAL A 35 6.84 -9.94 4.96
CA VAL A 35 7.33 -9.38 3.71
C VAL A 35 8.25 -8.19 4.02
N MET A 36 7.91 -7.49 5.09
CA MET A 36 8.69 -6.34 5.51
C MET A 36 10.10 -6.76 5.94
N ARG A 37 10.15 -7.83 6.70
CA ARG A 37 11.43 -8.35 7.19
C ARG A 37 12.38 -8.60 6.01
N SER A 38 11.78 -8.91 4.87
CA SER A 38 12.56 -9.19 3.68
C SER A 38 12.92 -7.87 2.98
N LEU A 39 12.15 -6.84 3.30
CA LEU A 39 12.38 -5.53 2.71
C LEU A 39 13.62 -4.90 3.34
N GLY A 40 13.71 -5.02 4.65
CA GLY A 40 14.84 -4.47 5.38
C GLY A 40 14.42 -4.05 6.79
N LEU A 41 13.17 -3.63 6.91
CA LEU A 41 12.65 -3.20 8.20
C LEU A 41 11.99 -4.39 8.90
N SER A 42 11.77 -4.23 10.20
CA SER A 42 11.14 -5.28 10.98
C SER A 42 9.97 -4.71 11.77
N PRO A 43 8.78 -4.71 11.11
CA PRO A 43 7.57 -4.20 11.74
C PRO A 43 7.03 -5.18 12.78
N SER A 44 6.54 -4.62 13.87
CA SER A 44 5.99 -5.45 14.94
C SER A 44 4.49 -5.67 14.71
N GLU A 45 4.06 -6.90 14.98
CA GLU A 45 2.67 -7.26 14.81
C GLU A 45 1.77 -6.13 15.31
N ALA A 46 2.28 -5.37 16.27
CA ALA A 46 1.54 -4.27 16.83
C ALA A 46 1.59 -3.08 15.87
N GLU A 47 2.80 -2.77 15.44
CA GLU A 47 3.00 -1.66 14.52
C GLU A 47 2.19 -1.87 13.24
N VAL A 48 2.12 -3.13 12.83
CA VAL A 48 1.39 -3.48 11.63
C VAL A 48 -0.10 -3.27 11.86
N ASN A 49 -0.57 -3.79 12.99
CA ASN A 49 -1.97 -3.67 13.34
C ASN A 49 -2.42 -2.22 13.16
N ASP A 50 -1.44 -1.32 13.25
CA ASP A 50 -1.72 0.10 13.09
C ASP A 50 -1.80 0.44 11.61
N LEU A 51 -0.76 0.07 10.88
CA LEU A 51 -0.71 0.32 9.45
C LEU A 51 -1.89 -0.37 8.77
N MET A 52 -2.43 -1.37 9.47
CA MET A 52 -3.56 -2.12 8.95
C MET A 52 -4.88 -1.46 9.35
N ASN A 53 -4.80 -0.57 10.32
CA ASN A 53 -5.98 0.13 10.80
C ASN A 53 -6.46 1.10 9.73
N GLU A 54 -5.53 1.53 8.89
CA GLU A 54 -5.85 2.45 7.81
C GLU A 54 -6.50 1.71 6.65
N ILE A 55 -6.03 0.49 6.42
CA ILE A 55 -6.55 -0.33 5.35
C ILE A 55 -7.77 -1.11 5.85
N ASP A 56 -7.89 -1.17 7.17
CA ASP A 56 -9.00 -1.88 7.79
C ASP A 56 -10.21 -0.95 7.85
N VAL A 57 -11.28 -1.40 7.19
CA VAL A 57 -12.51 -0.62 7.17
C VAL A 57 -13.42 -1.06 8.33
N ASP A 58 -13.20 -2.28 8.76
CA ASP A 58 -14.01 -2.82 9.89
C ASP A 58 -13.12 -3.07 11.10
N GLY A 59 -11.81 -3.15 10.90
CA GLY A 59 -10.89 -3.39 12.00
C GLY A 59 -10.85 -4.87 12.37
N ASN A 60 -10.65 -5.71 11.35
CA ASN A 60 -10.59 -7.14 11.56
C ASN A 60 -9.14 -7.61 11.41
N HIS A 61 -8.32 -6.75 10.84
CA HIS A 61 -6.93 -7.06 10.64
C HIS A 61 -6.78 -8.04 9.48
N GLN A 62 -7.51 -7.75 8.41
CA GLN A 62 -7.47 -8.58 7.22
C GLN A 62 -7.59 -7.72 5.96
N ILE A 63 -6.59 -7.84 5.10
CA ILE A 63 -6.57 -7.09 3.86
C ILE A 63 -7.13 -7.96 2.73
N GLU A 64 -8.25 -7.50 2.18
CA GLU A 64 -8.90 -8.23 1.10
C GLU A 64 -8.58 -7.55 -0.25
N PHE A 65 -9.01 -8.21 -1.31
CA PHE A 65 -8.79 -7.69 -2.65
C PHE A 65 -9.49 -6.35 -2.84
N SER A 66 -10.54 -6.14 -2.05
CA SER A 66 -11.30 -4.91 -2.12
C SER A 66 -10.50 -3.76 -1.49
N GLU A 67 -9.89 -4.06 -0.35
CA GLU A 67 -9.10 -3.08 0.36
C GLU A 67 -7.82 -2.76 -0.42
N PHE A 68 -7.12 -3.82 -0.79
CA PHE A 68 -5.88 -3.68 -1.55
C PHE A 68 -6.08 -2.79 -2.77
N LEU A 69 -7.14 -3.09 -3.51
CA LEU A 69 -7.46 -2.34 -4.71
C LEU A 69 -7.81 -0.90 -4.32
N ALA A 70 -8.41 -0.77 -3.15
CA ALA A 70 -8.81 0.54 -2.65
C ALA A 70 -7.56 1.39 -2.42
N LEU A 71 -6.45 0.70 -2.15
CA LEU A 71 -5.19 1.38 -1.92
C LEU A 71 -4.87 2.28 -3.10
N MET A 72 -5.18 1.78 -4.29
CA MET A 72 -4.94 2.52 -5.52
C MET A 72 -6.06 3.51 -5.79
N SER A 73 -7.18 3.30 -5.10
CA SER A 73 -8.33 4.17 -5.27
C SER A 73 -8.36 5.23 -4.17
N ARG A 74 -7.26 5.28 -3.41
CA ARG A 74 -7.14 6.23 -2.32
C ARG A 74 -6.94 7.65 -2.88
N GLN A 75 -6.50 7.70 -4.13
CA GLN A 75 -6.26 8.97 -4.79
C GLN A 75 -6.67 8.89 -6.26
N LEU A 76 -7.56 9.79 -6.65
CA LEU A 76 -8.03 9.83 -8.02
C LEU A 76 -7.47 11.08 -8.72
N LYS A 77 -7.77 12.23 -8.14
CA LYS A 77 -7.31 13.50 -8.68
C LYS A 77 -7.23 14.52 -7.56
N SER A 78 -6.50 15.61 -7.85
CA SER A 78 -6.34 16.67 -6.86
C SER A 78 -7.71 17.11 -6.32
N ASN A 79 -8.10 16.48 -5.22
CA ASN A 79 -9.37 16.78 -4.60
C ASN A 79 -9.21 16.76 -3.09
N ASP A 80 -10.32 16.98 -2.39
CA ASP A 80 -10.31 16.98 -0.94
C ASP A 80 -10.75 15.62 -0.43
N SER A 81 -9.76 14.83 -0.04
CA SER A 81 -10.02 13.49 0.47
C SER A 81 -8.81 12.97 1.25
N GLU A 82 -8.96 11.78 1.80
CA GLU A 82 -7.88 11.16 2.57
C GLU A 82 -6.72 10.78 1.65
N GLN A 83 -5.64 11.54 1.77
CA GLN A 83 -4.46 11.30 0.96
C GLN A 83 -3.30 10.81 1.83
N GLU A 84 -3.37 11.18 3.10
CA GLU A 84 -2.35 10.80 4.06
C GLU A 84 -1.87 9.37 3.79
N LEU A 85 -2.82 8.53 3.39
CA LEU A 85 -2.52 7.15 3.08
C LEU A 85 -1.60 7.07 1.87
N LEU A 86 -2.06 7.68 0.79
CA LEU A 86 -1.29 7.69 -0.45
C LEU A 86 0.13 8.20 -0.15
N GLU A 87 0.19 9.22 0.69
CA GLU A 87 1.47 9.81 1.06
C GLU A 87 2.39 8.74 1.66
N ALA A 88 1.76 7.80 2.36
CA ALA A 88 2.50 6.72 3.00
C ALA A 88 2.85 5.66 1.95
N PHE A 89 2.09 5.69 0.86
CA PHE A 89 2.31 4.74 -0.22
C PHE A 89 3.28 5.31 -1.26
N LYS A 90 4.12 6.21 -0.82
CA LYS A 90 5.10 6.84 -1.69
C LYS A 90 6.37 5.99 -1.74
N VAL A 91 6.56 5.22 -0.67
CA VAL A 91 7.73 4.36 -0.58
C VAL A 91 7.90 3.60 -1.89
N PHE A 92 6.79 3.43 -2.60
CA PHE A 92 6.81 2.72 -3.87
C PHE A 92 7.11 3.68 -5.02
N ASP A 93 6.62 4.88 -4.88
CA ASP A 93 6.84 5.91 -5.94
C ASP A 93 8.15 6.65 -5.67
N LYS A 94 9.23 6.22 -6.30
CA LYS A 94 10.53 6.87 -6.10
C LYS A 94 10.70 7.97 -7.15
N ASN A 95 9.98 7.81 -8.25
CA ASN A 95 10.05 8.77 -9.33
C ASN A 95 9.38 10.07 -8.90
N GLY A 96 8.66 9.99 -7.79
CA GLY A 96 7.95 11.14 -7.26
C GLY A 96 6.71 11.45 -8.09
N ASP A 97 5.80 10.48 -8.13
CA ASP A 97 4.57 10.64 -8.88
C ASP A 97 3.40 10.70 -7.90
N GLY A 98 3.62 10.18 -6.71
CA GLY A 98 2.59 10.17 -5.68
C GLY A 98 1.54 9.11 -5.97
N LEU A 99 1.73 8.40 -7.07
CA LEU A 99 0.81 7.35 -7.47
C LEU A 99 1.61 6.13 -7.93
N ILE A 100 1.07 4.96 -7.60
CA ILE A 100 1.73 3.72 -7.98
C ILE A 100 0.67 2.74 -8.53
N SER A 101 1.01 2.13 -9.65
CA SER A 101 0.12 1.19 -10.29
C SER A 101 0.46 -0.24 -9.85
N ALA A 102 -0.19 -1.20 -10.50
CA ALA A 102 0.04 -2.60 -10.19
C ALA A 102 1.49 -2.96 -10.49
N ALA A 103 2.06 -2.25 -11.46
CA ALA A 103 3.43 -2.48 -11.85
C ALA A 103 4.37 -1.97 -10.75
N GLU A 104 4.32 -0.66 -10.55
CA GLU A 104 5.16 -0.03 -9.53
C GLU A 104 5.00 -0.75 -8.19
N LEU A 105 3.75 -1.05 -7.86
CA LEU A 105 3.44 -1.73 -6.62
C LEU A 105 4.10 -3.12 -6.62
N LYS A 106 4.33 -3.61 -7.83
CA LYS A 106 4.95 -4.92 -7.98
C LYS A 106 6.47 -4.75 -8.10
N HIS A 107 6.87 -3.51 -8.33
CA HIS A 107 8.28 -3.20 -8.47
C HIS A 107 8.89 -2.94 -7.09
N VAL A 108 8.01 -2.69 -6.13
CA VAL A 108 8.44 -2.42 -4.77
C VAL A 108 9.16 -3.65 -4.23
N LEU A 109 8.77 -4.80 -4.72
CA LEU A 109 9.37 -6.06 -4.29
C LEU A 109 10.83 -6.11 -4.75
N THR A 110 11.11 -5.34 -5.80
CA THR A 110 12.46 -5.28 -6.34
C THR A 110 13.11 -3.95 -5.99
N SER A 111 12.34 -3.10 -5.33
CA SER A 111 12.84 -1.79 -4.92
C SER A 111 13.89 -1.94 -3.83
N ILE A 112 13.44 -2.38 -2.66
CA ILE A 112 14.33 -2.58 -1.54
C ILE A 112 14.93 -1.23 -1.13
N GLY A 113 14.34 -0.17 -1.67
CA GLY A 113 14.80 1.18 -1.38
C GLY A 113 14.52 1.54 0.08
N GLU A 114 15.57 1.94 0.77
CA GLU A 114 15.45 2.32 2.17
C GLU A 114 15.48 3.84 2.31
N LYS A 115 15.49 4.29 3.55
CA LYS A 115 15.51 5.72 3.84
C LYS A 115 14.43 6.42 3.01
N LEU A 116 13.19 6.10 3.33
CA LEU A 116 12.06 6.69 2.62
C LEU A 116 10.79 6.51 3.47
N THR A 117 10.15 7.64 3.74
CA THR A 117 8.93 7.63 4.53
C THR A 117 7.84 8.48 3.85
N ASP A 118 6.77 8.71 4.59
CA ASP A 118 5.67 9.50 4.08
C ASP A 118 6.06 10.99 4.11
N ALA A 119 7.15 11.26 4.79
CA ALA A 119 7.63 12.63 4.90
C ALA A 119 8.20 13.07 3.55
N GLU A 120 8.27 12.12 2.63
CA GLU A 120 8.78 12.40 1.29
C GLU A 120 7.94 13.47 0.61
N LEU A 121 6.63 13.34 0.76
CA LEU A 121 5.71 14.29 0.17
C LEU A 121 5.02 15.08 1.28
N GLU A 122 4.66 14.36 2.34
CA GLU A 122 3.99 14.98 3.47
C GLU A 122 4.71 16.26 3.89
N HIS A 123 3.99 17.36 3.81
CA HIS A 123 4.55 18.65 4.17
C HIS A 123 4.85 18.67 5.67
N HIS A 124 5.46 19.77 6.10
CA HIS A 124 5.80 19.93 7.51
C HIS A 124 4.52 19.97 8.34
N HIS A 125 3.49 20.60 7.78
CA HIS A 125 2.21 20.71 8.46
C HIS A 125 1.18 21.34 7.52
N HIS A 126 -0.02 21.51 8.03
CA HIS A 126 -1.10 22.09 7.25
C HIS A 126 -1.04 23.61 7.34
N HIS A 127 -1.52 24.26 6.30
CA HIS A 127 -1.52 25.71 6.25
C HIS A 127 -2.87 26.21 5.73
N HIS A 128 -3.32 27.30 6.31
CA HIS A 128 -4.60 27.89 5.92
C HIS A 128 -4.36 28.93 4.82
CA CA B . -2.89 -14.93 3.96
CA CA C . -10.46 -5.13 6.84
CA CA D . 4.65 6.24 -10.60
N SER A 1 -4.12 10.83 -12.27
CA SER A 1 -4.41 9.56 -11.64
C SER A 1 -4.59 8.48 -12.70
N SER A 2 -4.46 7.23 -12.25
CA SER A 2 -4.60 6.10 -13.15
C SER A 2 -5.62 5.10 -12.58
N ASN A 3 -6.86 5.27 -13.01
CA ASN A 3 -7.93 4.39 -12.56
C ASN A 3 -7.49 2.93 -12.67
N LEU A 4 -8.18 2.07 -11.94
CA LEU A 4 -7.86 0.65 -11.97
C LEU A 4 -8.75 -0.05 -12.99
N THR A 5 -8.09 -0.79 -13.87
CA THR A 5 -8.80 -1.51 -14.91
C THR A 5 -8.52 -3.02 -14.80
N GLU A 6 -9.05 -3.76 -15.77
CA GLU A 6 -8.86 -5.20 -15.80
C GLU A 6 -7.37 -5.54 -15.80
N GLU A 7 -6.62 -4.79 -16.59
CA GLU A 7 -5.18 -5.01 -16.69
C GLU A 7 -4.54 -4.90 -15.30
N GLN A 8 -4.83 -3.79 -14.63
CA GLN A 8 -4.29 -3.55 -13.30
C GLN A 8 -4.66 -4.70 -12.36
N ILE A 9 -5.96 -4.96 -12.28
CA ILE A 9 -6.47 -6.02 -11.43
C ILE A 9 -5.57 -7.26 -11.58
N ALA A 10 -5.25 -7.57 -12.83
CA ALA A 10 -4.41 -8.71 -13.12
C ALA A 10 -3.06 -8.55 -12.40
N GLU A 11 -2.52 -7.35 -12.50
CA GLU A 11 -1.24 -7.05 -11.86
C GLU A 11 -1.35 -7.21 -10.35
N PHE A 12 -2.33 -6.52 -9.77
CA PHE A 12 -2.55 -6.58 -8.34
C PHE A 12 -2.69 -8.03 -7.87
N LYS A 13 -3.46 -8.80 -8.63
CA LYS A 13 -3.68 -10.19 -8.32
C LYS A 13 -2.35 -10.87 -8.01
N GLU A 14 -1.28 -10.29 -8.57
CA GLU A 14 0.05 -10.82 -8.36
C GLU A 14 0.72 -10.13 -7.18
N ALA A 15 0.96 -8.84 -7.35
CA ALA A 15 1.60 -8.05 -6.30
C ALA A 15 1.03 -8.46 -4.94
N PHE A 16 -0.22 -8.90 -4.96
CA PHE A 16 -0.88 -9.33 -3.75
C PHE A 16 -0.33 -10.67 -3.26
N ALA A 17 -0.28 -11.62 -4.17
CA ALA A 17 0.23 -12.95 -3.86
C ALA A 17 1.62 -12.82 -3.24
N LEU A 18 2.41 -11.92 -3.83
CA LEU A 18 3.77 -11.68 -3.35
C LEU A 18 3.76 -11.56 -1.82
N PHE A 19 2.68 -10.97 -1.32
CA PHE A 19 2.54 -10.79 0.11
C PHE A 19 1.79 -11.96 0.75
N ASP A 20 0.61 -12.23 0.21
CA ASP A 20 -0.21 -13.33 0.71
C ASP A 20 0.63 -14.61 0.72
N LYS A 21 0.50 -15.34 1.82
CA LYS A 21 1.22 -16.59 1.98
C LYS A 21 0.45 -17.72 1.30
N ASP A 22 -0.70 -18.00 1.83
CA ASP A 22 -1.55 -19.07 1.25
C ASP A 22 -2.37 -18.52 0.07
N ASN A 23 -2.32 -17.22 -0.15
CA ASN A 23 -3.05 -16.62 -1.25
C ASN A 23 -4.55 -16.91 -1.08
N ASN A 24 -5.06 -16.52 0.07
CA ASN A 24 -6.46 -16.73 0.38
C ASN A 24 -7.27 -15.50 -0.04
N GLY A 25 -6.57 -14.38 -0.15
CA GLY A 25 -7.21 -13.13 -0.54
C GLY A 25 -7.22 -12.14 0.62
N SER A 26 -6.93 -12.65 1.81
CA SER A 26 -6.92 -11.82 3.00
C SER A 26 -5.51 -11.80 3.60
N ILE A 27 -4.96 -10.60 3.71
CA ILE A 27 -3.63 -10.43 4.27
C ILE A 27 -3.73 -10.06 5.75
N SER A 28 -2.99 -10.78 6.58
CA SER A 28 -3.00 -10.54 8.00
C SER A 28 -1.92 -9.51 8.36
N SER A 29 -1.85 -9.20 9.65
CA SER A 29 -0.88 -8.25 10.14
C SER A 29 0.47 -8.93 10.37
N SER A 30 0.41 -10.24 10.55
CA SER A 30 1.60 -11.03 10.78
C SER A 30 2.21 -11.45 9.44
N GLU A 31 1.34 -11.81 8.52
CA GLU A 31 1.78 -12.24 7.20
C GLU A 31 2.39 -11.07 6.44
N LEU A 32 1.85 -9.88 6.69
CA LEU A 32 2.33 -8.68 6.04
C LEU A 32 3.74 -8.37 6.53
N ALA A 33 3.95 -8.56 7.82
CA ALA A 33 5.24 -8.30 8.42
C ALA A 33 6.25 -9.32 7.90
N THR A 34 5.74 -10.51 7.59
CA THR A 34 6.59 -11.57 7.07
C THR A 34 7.25 -11.14 5.75
N VAL A 35 6.61 -10.17 5.11
CA VAL A 35 7.12 -9.66 3.85
C VAL A 35 8.21 -8.61 4.12
N MET A 36 7.90 -7.74 5.06
CA MET A 36 8.83 -6.68 5.43
C MET A 36 10.22 -7.25 5.73
N ARG A 37 10.22 -8.24 6.62
CA ARG A 37 11.47 -8.88 7.02
C ARG A 37 12.34 -9.17 5.78
N SER A 38 11.66 -9.49 4.68
CA SER A 38 12.35 -9.78 3.45
C SER A 38 13.04 -8.52 2.92
N LEU A 39 12.34 -7.41 3.03
CA LEU A 39 12.87 -6.13 2.58
C LEU A 39 14.11 -5.79 3.39
N GLY A 40 13.88 -5.49 4.66
CA GLY A 40 14.98 -5.14 5.54
C GLY A 40 14.47 -4.84 6.96
N LEU A 41 13.29 -4.23 7.00
CA LEU A 41 12.68 -3.90 8.28
C LEU A 41 11.88 -5.09 8.80
N SER A 42 11.53 -5.03 10.07
CA SER A 42 10.77 -6.09 10.69
C SER A 42 9.73 -5.51 11.65
N PRO A 43 8.56 -5.12 11.07
CA PRO A 43 7.48 -4.54 11.85
C PRO A 43 6.76 -5.62 12.66
N SER A 44 6.42 -5.27 13.90
CA SER A 44 5.73 -6.19 14.78
C SER A 44 4.22 -6.13 14.52
N GLU A 45 3.54 -7.16 14.98
CA GLU A 45 2.10 -7.23 14.82
C GLU A 45 1.42 -5.98 15.39
N ALA A 46 2.13 -5.34 16.30
CA ALA A 46 1.63 -4.13 16.94
C ALA A 46 1.93 -2.93 16.04
N GLU A 47 2.96 -3.07 15.23
CA GLU A 47 3.37 -2.01 14.32
C GLU A 47 2.69 -2.19 12.97
N VAL A 48 2.26 -3.41 12.71
CA VAL A 48 1.60 -3.72 11.46
C VAL A 48 0.12 -3.37 11.56
N ASN A 49 -0.48 -3.79 12.67
CA ASN A 49 -1.88 -3.52 12.91
C ASN A 49 -2.16 -2.03 12.71
N ASP A 50 -1.13 -1.24 12.93
CA ASP A 50 -1.25 0.20 12.78
C ASP A 50 -1.46 0.54 11.30
N LEU A 51 -0.73 -0.16 10.45
CA LEU A 51 -0.84 0.05 9.02
C LEU A 51 -2.09 -0.66 8.49
N MET A 52 -2.45 -1.74 9.18
CA MET A 52 -3.62 -2.52 8.79
C MET A 52 -4.91 -1.84 9.26
N ASN A 53 -4.75 -0.93 10.21
CA ASN A 53 -5.89 -0.21 10.76
C ASN A 53 -6.50 0.66 9.65
N GLU A 54 -5.63 1.34 8.93
CA GLU A 54 -6.06 2.21 7.85
C GLU A 54 -6.66 1.38 6.71
N ILE A 55 -5.92 0.36 6.31
CA ILE A 55 -6.37 -0.52 5.24
C ILE A 55 -7.64 -1.25 5.69
N ASP A 56 -7.78 -1.39 7.00
CA ASP A 56 -8.93 -2.06 7.56
C ASP A 56 -10.13 -1.11 7.56
N VAL A 57 -11.21 -1.58 6.95
CA VAL A 57 -12.42 -0.77 6.87
C VAL A 57 -13.33 -1.11 8.06
N ASP A 58 -13.16 -2.31 8.56
CA ASP A 58 -13.98 -2.75 9.73
C ASP A 58 -13.07 -3.06 10.91
N GLY A 59 -11.79 -3.30 10.66
CA GLY A 59 -10.86 -3.61 11.74
C GLY A 59 -10.90 -5.10 12.09
N ASN A 60 -10.76 -5.92 11.05
CA ASN A 60 -10.77 -7.36 11.23
C ASN A 60 -9.34 -7.90 11.14
N HIS A 61 -8.46 -7.05 10.62
CA HIS A 61 -7.07 -7.42 10.46
C HIS A 61 -6.90 -8.30 9.22
N GLN A 62 -7.62 -7.93 8.17
CA GLN A 62 -7.56 -8.68 6.93
C GLN A 62 -7.81 -7.75 5.74
N ILE A 63 -6.84 -7.72 4.84
CA ILE A 63 -6.94 -6.88 3.66
C ILE A 63 -7.67 -7.65 2.55
N GLU A 64 -8.81 -7.09 2.16
CA GLU A 64 -9.61 -7.71 1.11
C GLU A 64 -9.12 -7.28 -0.27
N PHE A 65 -9.37 -8.13 -1.25
CA PHE A 65 -8.96 -7.85 -2.61
C PHE A 65 -9.45 -6.47 -3.06
N SER A 66 -10.46 -5.98 -2.35
CA SER A 66 -11.03 -4.68 -2.66
C SER A 66 -10.28 -3.59 -1.90
N GLU A 67 -10.08 -3.83 -0.61
CA GLU A 67 -9.38 -2.88 0.23
C GLU A 67 -7.98 -2.60 -0.32
N PHE A 68 -7.29 -3.70 -0.63
CA PHE A 68 -5.94 -3.59 -1.17
C PHE A 68 -5.90 -2.64 -2.37
N LEU A 69 -6.80 -2.89 -3.31
CA LEU A 69 -6.88 -2.06 -4.51
C LEU A 69 -7.33 -0.65 -4.13
N ALA A 70 -8.15 -0.59 -3.09
CA ALA A 70 -8.66 0.69 -2.62
C ALA A 70 -7.48 1.58 -2.22
N LEU A 71 -6.42 0.93 -1.77
CA LEU A 71 -5.23 1.65 -1.35
C LEU A 71 -4.68 2.46 -2.53
N MET A 72 -5.00 1.99 -3.72
CA MET A 72 -4.55 2.66 -4.94
C MET A 72 -5.70 3.43 -5.60
N SER A 73 -6.73 3.68 -4.81
CA SER A 73 -7.90 4.40 -5.30
C SER A 73 -7.98 5.77 -4.64
N ARG A 74 -8.03 5.76 -3.32
CA ARG A 74 -8.11 6.99 -2.56
C ARG A 74 -7.22 8.08 -3.20
N GLN A 75 -6.15 7.62 -3.82
CA GLN A 75 -5.22 8.53 -4.48
C GLN A 75 -5.89 9.18 -5.69
N LEU A 76 -6.14 10.47 -5.58
CA LEU A 76 -6.77 11.21 -6.66
C LEU A 76 -6.79 12.69 -6.30
N LYS A 77 -7.04 13.51 -7.32
CA LYS A 77 -7.09 14.95 -7.13
C LYS A 77 -7.84 15.26 -5.83
N SER A 78 -7.47 16.39 -5.24
CA SER A 78 -8.10 16.81 -3.99
C SER A 78 -9.60 16.53 -4.03
N ASN A 79 -10.04 15.69 -3.11
CA ASN A 79 -11.45 15.33 -3.03
C ASN A 79 -11.73 14.71 -1.66
N ASP A 80 -13.01 14.49 -1.40
CA ASP A 80 -13.43 13.90 -0.13
C ASP A 80 -12.93 12.46 -0.05
N SER A 81 -11.78 12.31 0.60
CA SER A 81 -11.17 11.00 0.76
C SER A 81 -9.91 11.10 1.61
N GLU A 82 -9.54 9.97 2.21
CA GLU A 82 -8.37 9.92 3.05
C GLU A 82 -7.10 10.08 2.20
N GLN A 83 -6.43 11.21 2.40
CA GLN A 83 -5.21 11.50 1.67
C GLN A 83 -3.99 11.30 2.57
N GLU A 84 -4.27 10.86 3.80
CA GLU A 84 -3.20 10.63 4.77
C GLU A 84 -2.51 9.31 4.47
N LEU A 85 -3.26 8.39 3.88
CA LEU A 85 -2.72 7.09 3.54
C LEU A 85 -1.86 7.20 2.28
N LEU A 86 -2.14 8.24 1.50
CA LEU A 86 -1.41 8.46 0.26
C LEU A 86 0.09 8.57 0.58
N GLU A 87 0.41 9.58 1.37
CA GLU A 87 1.80 9.81 1.75
C GLU A 87 2.37 8.58 2.45
N ALA A 88 1.53 7.96 3.27
CA ALA A 88 1.93 6.78 4.00
C ALA A 88 2.29 5.67 3.01
N PHE A 89 1.89 5.87 1.77
CA PHE A 89 2.17 4.91 0.72
C PHE A 89 3.03 5.52 -0.39
N LYS A 90 4.03 6.29 0.05
CA LYS A 90 4.92 6.94 -0.88
C LYS A 90 6.06 5.97 -1.25
N VAL A 91 6.33 5.06 -0.34
CA VAL A 91 7.38 4.08 -0.55
C VAL A 91 7.24 3.48 -1.96
N PHE A 92 6.02 3.16 -2.31
CA PHE A 92 5.74 2.58 -3.62
C PHE A 92 6.10 3.57 -4.73
N ASP A 93 6.02 4.83 -4.41
CA ASP A 93 6.35 5.90 -5.40
C ASP A 93 7.84 6.22 -5.34
N LYS A 94 8.59 5.92 -6.39
CA LYS A 94 10.01 6.19 -6.41
C LYS A 94 10.26 7.58 -6.99
N ASN A 95 9.35 7.99 -7.87
CA ASN A 95 9.45 9.29 -8.51
C ASN A 95 8.63 10.31 -7.72
N GLY A 96 7.71 9.79 -6.94
CA GLY A 96 6.85 10.63 -6.12
C GLY A 96 5.93 11.49 -6.99
N ASP A 97 4.89 10.85 -7.49
CA ASP A 97 3.92 11.54 -8.34
C ASP A 97 2.64 11.79 -7.56
N GLY A 98 2.51 11.06 -6.45
CA GLY A 98 1.33 11.20 -5.60
C GLY A 98 0.38 10.01 -5.80
N LEU A 99 0.89 8.98 -6.46
CA LEU A 99 0.10 7.80 -6.71
C LEU A 99 1.02 6.65 -7.15
N ILE A 100 0.53 5.44 -6.97
CA ILE A 100 1.30 4.26 -7.34
C ILE A 100 0.37 3.21 -7.96
N SER A 101 0.86 2.58 -9.01
CA SER A 101 0.09 1.57 -9.70
C SER A 101 0.56 0.18 -9.28
N ALA A 102 0.01 -0.83 -9.96
CA ALA A 102 0.38 -2.20 -9.67
C ALA A 102 1.85 -2.42 -10.00
N ALA A 103 2.22 -2.04 -11.21
CA ALA A 103 3.60 -2.19 -11.65
C ALA A 103 4.51 -1.39 -10.73
N GLU A 104 3.92 -0.40 -10.08
CA GLU A 104 4.68 0.44 -9.16
C GLU A 104 4.66 -0.17 -7.75
N LEU A 105 3.60 -0.92 -7.47
CA LEU A 105 3.45 -1.55 -6.18
C LEU A 105 4.36 -2.78 -6.11
N LYS A 106 4.82 -3.20 -7.28
CA LYS A 106 5.70 -4.36 -7.37
C LYS A 106 7.13 -3.94 -7.07
N HIS A 107 7.54 -2.86 -7.71
CA HIS A 107 8.88 -2.33 -7.52
C HIS A 107 9.22 -2.31 -6.02
N VAL A 108 8.17 -2.20 -5.22
CA VAL A 108 8.34 -2.18 -3.77
C VAL A 108 9.14 -3.40 -3.33
N LEU A 109 8.67 -4.56 -3.78
CA LEU A 109 9.33 -5.81 -3.43
C LEU A 109 10.78 -5.76 -3.92
N THR A 110 11.04 -4.84 -4.82
CA THR A 110 12.38 -4.68 -5.37
C THR A 110 13.09 -3.49 -4.72
N SER A 111 12.29 -2.66 -4.06
CA SER A 111 12.83 -1.49 -3.39
C SER A 111 13.88 -1.90 -2.36
N ILE A 112 13.42 -2.60 -1.33
CA ILE A 112 14.30 -3.07 -0.28
C ILE A 112 14.77 -1.87 0.55
N GLY A 113 14.19 -0.72 0.25
CA GLY A 113 14.53 0.50 0.97
C GLY A 113 13.66 0.67 2.20
N GLU A 114 14.31 0.72 3.36
CA GLU A 114 13.61 0.88 4.62
C GLU A 114 13.16 2.34 4.78
N LYS A 115 14.07 3.25 4.46
CA LYS A 115 13.77 4.67 4.56
C LYS A 115 12.43 4.96 3.91
N LEU A 116 11.46 5.34 4.74
CA LEU A 116 10.13 5.65 4.25
C LEU A 116 9.32 6.30 5.37
N THR A 117 8.90 7.54 5.11
CA THR A 117 8.13 8.29 6.07
C THR A 117 6.84 8.82 5.44
N ASP A 118 6.18 9.71 6.17
CA ASP A 118 4.95 10.29 5.69
C ASP A 118 5.24 11.64 5.03
N ALA A 119 5.99 12.46 5.76
CA ALA A 119 6.35 13.77 5.27
C ALA A 119 7.41 13.62 4.18
N GLU A 120 7.85 12.39 3.97
CA GLU A 120 8.86 12.10 2.97
C GLU A 120 8.61 12.95 1.71
N LEU A 121 7.34 13.04 1.35
CA LEU A 121 6.95 13.81 0.18
C LEU A 121 6.10 15.00 0.61
N GLU A 122 5.25 14.75 1.60
CA GLU A 122 4.37 15.78 2.12
C GLU A 122 5.19 16.92 2.71
N HIS A 123 5.41 17.94 1.88
CA HIS A 123 6.17 19.10 2.31
C HIS A 123 5.25 20.33 2.36
N HIS A 124 4.08 20.18 1.76
CA HIS A 124 3.12 21.26 1.73
C HIS A 124 1.81 20.77 1.10
N HIS A 125 0.71 21.05 1.78
CA HIS A 125 -0.60 20.64 1.29
C HIS A 125 -0.88 21.31 -0.05
N HIS A 126 -1.14 20.49 -1.04
CA HIS A 126 -1.43 20.99 -2.37
C HIS A 126 -1.80 19.82 -3.29
N HIS A 127 -2.60 20.13 -4.30
CA HIS A 127 -3.04 19.13 -5.25
C HIS A 127 -3.85 19.80 -6.37
N HIS A 128 -4.08 19.03 -7.43
CA HIS A 128 -4.82 19.53 -8.57
C HIS A 128 -6.15 18.79 -8.68
CA CA B . -2.95 -14.86 4.01
CA CA C . -10.61 -5.12 6.72
CA CA D . 4.04 7.27 -9.69
N SER A 1 -4.33 11.11 -13.52
CA SER A 1 -5.51 10.58 -14.18
C SER A 1 -5.33 9.09 -14.47
N SER A 2 -4.78 8.39 -13.48
CA SER A 2 -4.54 6.97 -13.61
C SER A 2 -5.68 6.19 -12.95
N ASN A 3 -6.46 5.53 -13.78
CA ASN A 3 -7.58 4.73 -13.28
C ASN A 3 -7.22 3.25 -13.33
N LEU A 4 -7.93 2.47 -12.53
CA LEU A 4 -7.69 1.04 -12.46
C LEU A 4 -8.44 0.35 -13.60
N THR A 5 -7.75 -0.56 -14.26
CA THR A 5 -8.33 -1.30 -15.36
C THR A 5 -8.23 -2.80 -15.12
N GLU A 6 -8.90 -3.56 -15.98
CA GLU A 6 -8.88 -5.01 -15.88
C GLU A 6 -7.44 -5.52 -15.74
N GLU A 7 -6.59 -5.03 -16.65
CA GLU A 7 -5.20 -5.43 -16.64
C GLU A 7 -4.61 -5.27 -15.24
N GLN A 8 -4.80 -4.10 -14.68
CA GLN A 8 -4.29 -3.80 -13.35
C GLN A 8 -4.83 -4.82 -12.34
N ILE A 9 -6.15 -4.95 -12.34
CA ILE A 9 -6.82 -5.88 -11.44
C ILE A 9 -6.12 -7.24 -11.53
N ALA A 10 -5.76 -7.62 -12.74
CA ALA A 10 -5.09 -8.89 -12.98
C ALA A 10 -3.71 -8.85 -12.33
N GLU A 11 -3.11 -7.67 -12.35
CA GLU A 11 -1.78 -7.50 -11.77
C GLU A 11 -1.85 -7.62 -10.25
N PHE A 12 -2.84 -6.94 -9.67
CA PHE A 12 -3.02 -6.97 -8.23
C PHE A 12 -3.20 -8.40 -7.73
N LYS A 13 -3.92 -9.19 -8.52
CA LYS A 13 -4.16 -10.58 -8.15
C LYS A 13 -2.90 -11.19 -7.56
N GLU A 14 -1.88 -11.30 -8.41
CA GLU A 14 -0.61 -11.86 -7.98
C GLU A 14 0.01 -11.00 -6.88
N ALA A 15 0.19 -9.72 -7.19
CA ALA A 15 0.76 -8.78 -6.24
C ALA A 15 0.20 -9.07 -4.85
N PHE A 16 -1.03 -9.57 -4.83
CA PHE A 16 -1.70 -9.88 -3.58
C PHE A 16 -1.08 -11.12 -2.92
N ALA A 17 -1.13 -12.22 -3.64
CA ALA A 17 -0.58 -13.47 -3.14
C ALA A 17 0.87 -13.23 -2.71
N LEU A 18 1.56 -12.42 -3.49
CA LEU A 18 2.96 -12.11 -3.20
C LEU A 18 3.10 -11.81 -1.71
N PHE A 19 2.06 -11.20 -1.16
CA PHE A 19 2.06 -10.86 0.26
C PHE A 19 1.26 -11.87 1.08
N ASP A 20 0.19 -12.36 0.47
CA ASP A 20 -0.66 -13.34 1.13
C ASP A 20 -0.29 -14.75 0.64
N LYS A 21 0.24 -15.54 1.56
CA LYS A 21 0.64 -16.90 1.23
C LYS A 21 -0.61 -17.76 1.05
N ASP A 22 -1.31 -17.94 2.13
CA ASP A 22 -2.56 -18.75 2.09
C ASP A 22 -3.55 -18.14 1.10
N ASN A 23 -3.30 -16.93 0.65
CA ASN A 23 -4.20 -16.27 -0.30
C ASN A 23 -5.64 -16.56 0.10
N ASN A 24 -5.90 -16.44 1.40
CA ASN A 24 -7.24 -16.68 1.91
C ASN A 24 -8.21 -15.66 1.32
N GLY A 25 -7.63 -14.64 0.70
CA GLY A 25 -8.43 -13.59 0.09
C GLY A 25 -8.22 -12.25 0.79
N SER A 26 -7.43 -12.29 1.84
CA SER A 26 -7.13 -11.09 2.60
C SER A 26 -5.67 -11.11 3.05
N ILE A 27 -5.21 -9.94 3.51
CA ILE A 27 -3.84 -9.81 3.97
C ILE A 27 -3.83 -9.33 5.43
N SER A 28 -2.92 -9.89 6.19
CA SER A 28 -2.80 -9.53 7.59
C SER A 28 -1.44 -8.87 7.86
N SER A 29 -1.40 -8.07 8.91
CA SER A 29 -0.18 -7.36 9.27
C SER A 29 0.99 -8.36 9.33
N SER A 30 0.64 -9.61 9.59
CA SER A 30 1.65 -10.65 9.67
C SER A 30 2.13 -11.05 8.27
N GLU A 31 1.16 -11.39 7.43
CA GLU A 31 1.47 -11.78 6.07
C GLU A 31 2.16 -10.62 5.32
N LEU A 32 1.84 -9.42 5.75
CA LEU A 32 2.42 -8.24 5.14
C LEU A 32 3.86 -8.06 5.64
N ALA A 33 3.99 -7.98 6.95
CA ALA A 33 5.30 -7.82 7.56
C ALA A 33 6.23 -8.93 7.09
N THR A 34 5.62 -10.08 6.81
CA THR A 34 6.38 -11.23 6.35
C THR A 34 7.16 -10.88 5.08
N VAL A 35 6.55 -10.03 4.27
CA VAL A 35 7.16 -9.61 3.02
C VAL A 35 8.19 -8.50 3.31
N MET A 36 7.92 -7.75 4.37
CA MET A 36 8.80 -6.67 4.77
C MET A 36 10.13 -7.21 5.28
N ARG A 37 10.03 -8.17 6.19
CA ARG A 37 11.22 -8.78 6.77
C ARG A 37 12.21 -9.18 5.66
N SER A 38 11.65 -9.52 4.51
CA SER A 38 12.46 -9.92 3.38
C SER A 38 13.06 -8.68 2.70
N LEU A 39 12.31 -7.59 2.78
CA LEU A 39 12.75 -6.34 2.18
C LEU A 39 14.10 -5.92 2.80
N GLY A 40 14.15 -6.01 4.11
CA GLY A 40 15.37 -5.65 4.84
C GLY A 40 15.03 -5.09 6.23
N LEU A 41 13.88 -4.44 6.31
CA LEU A 41 13.44 -3.86 7.56
C LEU A 41 12.69 -4.92 8.38
N SER A 42 12.47 -4.59 9.64
CA SER A 42 11.76 -5.50 10.53
C SER A 42 10.62 -4.77 11.23
N PRO A 43 9.46 -4.73 10.54
CA PRO A 43 8.28 -4.06 11.09
C PRO A 43 7.64 -4.90 12.19
N SER A 44 7.17 -4.20 13.22
CA SER A 44 6.53 -4.87 14.34
C SER A 44 5.02 -4.94 14.12
N GLU A 45 4.46 -6.07 14.53
CA GLU A 45 3.03 -6.27 14.37
C GLU A 45 2.26 -5.00 14.75
N ALA A 46 2.87 -4.22 15.63
CA ALA A 46 2.25 -2.98 16.08
C ALA A 46 2.44 -1.91 15.00
N GLU A 47 3.68 -1.80 14.53
CA GLU A 47 4.01 -0.82 13.51
C GLU A 47 3.19 -1.09 12.24
N VAL A 48 2.93 -2.37 12.01
CA VAL A 48 2.17 -2.77 10.84
C VAL A 48 0.69 -2.43 11.05
N ASN A 49 0.19 -2.83 12.21
CA ASN A 49 -1.21 -2.57 12.55
C ASN A 49 -1.54 -1.11 12.23
N ASP A 50 -0.53 -0.26 12.37
CA ASP A 50 -0.71 1.16 12.10
C ASP A 50 -1.09 1.34 10.63
N LEU A 51 -0.41 0.60 9.77
CA LEU A 51 -0.67 0.68 8.34
C LEU A 51 -1.95 -0.09 8.02
N MET A 52 -2.17 -1.16 8.76
CA MET A 52 -3.35 -1.98 8.57
C MET A 52 -4.60 -1.28 9.10
N ASN A 53 -4.37 -0.31 9.97
CA ASN A 53 -5.47 0.44 10.57
C ASN A 53 -6.13 1.30 9.49
N GLU A 54 -5.29 2.03 8.76
CA GLU A 54 -5.78 2.90 7.70
C GLU A 54 -6.50 2.07 6.63
N ILE A 55 -5.80 1.07 6.14
CA ILE A 55 -6.36 0.20 5.11
C ILE A 55 -7.61 -0.49 5.66
N ASP A 56 -7.66 -0.60 6.98
CA ASP A 56 -8.79 -1.23 7.64
C ASP A 56 -9.97 -0.24 7.68
N VAL A 57 -11.10 -0.71 7.17
CA VAL A 57 -12.29 0.13 7.13
C VAL A 57 -13.12 -0.14 8.40
N ASP A 58 -12.89 -1.28 8.97
CA ASP A 58 -13.63 -1.65 10.23
C ASP A 58 -12.64 -1.95 11.35
N GLY A 59 -11.39 -2.25 11.01
CA GLY A 59 -10.40 -2.55 12.02
C GLY A 59 -10.41 -4.03 12.38
N ASN A 60 -10.56 -4.86 11.36
CA ASN A 60 -10.59 -6.30 11.57
C ASN A 60 -9.23 -6.89 11.23
N HIS A 61 -8.27 -6.00 11.00
CA HIS A 61 -6.93 -6.42 10.66
C HIS A 61 -6.97 -7.41 9.49
N GLN A 62 -7.60 -6.98 8.42
CA GLN A 62 -7.73 -7.81 7.24
C GLN A 62 -7.99 -6.95 6.00
N ILE A 63 -7.05 -7.02 5.07
CA ILE A 63 -7.17 -6.25 3.84
C ILE A 63 -7.95 -7.05 2.80
N GLU A 64 -9.10 -6.52 2.43
CA GLU A 64 -9.95 -7.19 1.45
C GLU A 64 -9.45 -6.89 0.03
N PHE A 65 -9.90 -7.71 -0.91
CA PHE A 65 -9.52 -7.56 -2.29
C PHE A 65 -9.84 -6.15 -2.80
N SER A 66 -10.82 -5.53 -2.15
CA SER A 66 -11.23 -4.20 -2.52
C SER A 66 -10.38 -3.16 -1.79
N GLU A 67 -10.30 -3.33 -0.47
CA GLU A 67 -9.53 -2.43 0.35
C GLU A 67 -8.09 -2.34 -0.15
N PHE A 68 -7.60 -3.47 -0.64
CA PHE A 68 -6.25 -3.53 -1.17
C PHE A 68 -6.11 -2.71 -2.45
N LEU A 69 -7.09 -2.87 -3.33
CA LEU A 69 -7.10 -2.15 -4.59
C LEU A 69 -7.30 -0.66 -4.31
N ALA A 70 -7.93 -0.37 -3.18
CA ALA A 70 -8.19 1.00 -2.80
C ALA A 70 -6.87 1.76 -2.70
N LEU A 71 -5.88 1.08 -2.13
CA LEU A 71 -4.57 1.68 -1.97
C LEU A 71 -4.04 2.14 -3.33
N MET A 72 -4.64 1.58 -4.37
CA MET A 72 -4.25 1.93 -5.73
C MET A 72 -5.17 3.01 -6.31
N SER A 73 -6.35 3.11 -5.71
CA SER A 73 -7.33 4.09 -6.15
C SER A 73 -7.53 5.15 -5.07
N ARG A 74 -6.60 5.19 -4.13
CA ARG A 74 -6.66 6.15 -3.05
C ARG A 74 -6.60 7.57 -3.60
N GLN A 75 -5.90 7.72 -4.72
CA GLN A 75 -5.76 9.02 -5.34
C GLN A 75 -6.90 9.26 -6.34
N LEU A 76 -7.86 8.35 -6.32
CA LEU A 76 -9.01 8.44 -7.21
C LEU A 76 -10.29 8.35 -6.40
N LYS A 77 -10.15 8.53 -5.09
CA LYS A 77 -11.29 8.47 -4.20
C LYS A 77 -12.13 9.73 -4.37
N SER A 78 -13.27 9.75 -3.67
CA SER A 78 -14.16 10.88 -3.74
C SER A 78 -13.37 12.19 -3.75
N ASN A 79 -12.22 12.14 -3.10
CA ASN A 79 -11.35 13.31 -3.03
C ASN A 79 -10.40 13.31 -4.23
N ASP A 80 -10.60 14.28 -5.09
CA ASP A 80 -9.78 14.41 -6.29
C ASP A 80 -8.42 15.00 -5.90
N SER A 81 -7.73 14.29 -5.04
CA SER A 81 -6.42 14.72 -4.58
C SER A 81 -5.80 13.66 -3.66
N GLU A 82 -4.56 13.91 -3.26
CA GLU A 82 -3.87 13.00 -2.37
C GLU A 82 -4.40 13.12 -0.95
N GLN A 83 -4.06 12.13 -0.14
CA GLN A 83 -4.49 12.11 1.25
C GLN A 83 -3.29 12.04 2.18
N GLU A 84 -3.56 11.68 3.42
CA GLU A 84 -2.51 11.58 4.42
C GLU A 84 -1.96 10.15 4.47
N LEU A 85 -2.63 9.27 3.75
CA LEU A 85 -2.23 7.87 3.70
C LEU A 85 -1.24 7.68 2.55
N LEU A 86 -1.59 8.23 1.40
CA LEU A 86 -0.75 8.12 0.23
C LEU A 86 0.61 8.78 0.51
N GLU A 87 0.54 10.03 0.93
CA GLU A 87 1.75 10.78 1.24
C GLU A 87 2.69 9.93 2.09
N ALA A 88 2.11 8.98 2.81
CA ALA A 88 2.88 8.10 3.66
C ALA A 88 3.19 6.81 2.91
N PHE A 89 2.27 6.43 2.04
CA PHE A 89 2.44 5.22 1.25
C PHE A 89 3.35 5.48 0.05
N LYS A 90 3.91 6.67 0.01
CA LYS A 90 4.81 7.05 -1.07
C LYS A 90 6.09 6.23 -0.97
N VAL A 91 6.22 5.53 0.14
CA VAL A 91 7.40 4.70 0.36
C VAL A 91 7.61 3.79 -0.84
N PHE A 92 6.50 3.39 -1.44
CA PHE A 92 6.55 2.52 -2.61
C PHE A 92 6.96 3.30 -3.86
N ASP A 93 6.73 4.58 -3.81
CA ASP A 93 7.10 5.45 -4.97
C ASP A 93 8.56 5.90 -4.84
N LYS A 94 9.47 5.26 -5.55
CA LYS A 94 10.87 5.62 -5.47
C LYS A 94 11.18 6.65 -6.55
N ASN A 95 10.24 6.80 -7.48
CA ASN A 95 10.41 7.75 -8.57
C ASN A 95 9.66 9.04 -8.23
N GLY A 96 9.27 9.14 -6.97
CA GLY A 96 8.55 10.31 -6.50
C GLY A 96 7.47 10.73 -7.50
N ASP A 97 6.47 9.86 -7.64
CA ASP A 97 5.38 10.11 -8.55
C ASP A 97 4.10 10.38 -7.75
N GLY A 98 4.10 9.90 -6.52
CA GLY A 98 2.96 10.08 -5.64
C GLY A 98 1.81 9.16 -6.05
N LEU A 99 2.15 8.15 -6.83
CA LEU A 99 1.16 7.20 -7.30
C LEU A 99 1.81 5.82 -7.46
N ILE A 100 1.04 4.80 -7.12
CA ILE A 100 1.53 3.43 -7.22
C ILE A 100 0.53 2.60 -8.02
N SER A 101 1.06 1.83 -8.95
CA SER A 101 0.23 0.98 -9.78
C SER A 101 0.49 -0.49 -9.46
N ALA A 102 -0.09 -1.36 -10.28
CA ALA A 102 0.07 -2.79 -10.09
C ALA A 102 1.54 -3.16 -10.33
N ALA A 103 2.19 -2.40 -11.18
CA ALA A 103 3.59 -2.63 -11.50
C ALA A 103 4.44 -2.30 -10.28
N GLU A 104 4.35 -1.05 -9.85
CA GLU A 104 5.11 -0.59 -8.70
C GLU A 104 4.82 -1.48 -7.49
N LEU A 105 3.53 -1.70 -7.25
CA LEU A 105 3.11 -2.53 -6.14
C LEU A 105 3.77 -3.90 -6.25
N LYS A 106 4.05 -4.29 -7.48
CA LYS A 106 4.68 -5.58 -7.73
C LYS A 106 6.20 -5.40 -7.76
N HIS A 107 6.61 -4.17 -8.00
CA HIS A 107 8.04 -3.85 -8.06
C HIS A 107 8.55 -3.55 -6.65
N VAL A 108 7.62 -3.29 -5.76
CA VAL A 108 7.96 -2.99 -4.38
C VAL A 108 8.81 -4.13 -3.81
N LEU A 109 8.43 -5.34 -4.17
CA LEU A 109 9.14 -6.52 -3.70
C LEU A 109 10.59 -6.46 -4.18
N THR A 110 10.79 -5.71 -5.26
CA THR A 110 12.12 -5.56 -5.82
C THR A 110 12.70 -4.19 -5.48
N SER A 111 11.84 -3.34 -4.94
CA SER A 111 12.25 -2.00 -4.55
C SER A 111 13.38 -2.08 -3.51
N ILE A 112 13.01 -2.59 -2.34
CA ILE A 112 13.98 -2.72 -1.26
C ILE A 112 14.33 -1.34 -0.72
N GLY A 113 13.60 -0.34 -1.22
CA GLY A 113 13.83 1.03 -0.80
C GLY A 113 13.24 1.28 0.59
N GLU A 114 14.12 1.22 1.59
CA GLU A 114 13.70 1.44 2.96
C GLU A 114 13.78 2.93 3.31
N LYS A 115 14.89 3.53 2.91
CA LYS A 115 15.10 4.95 3.18
C LYS A 115 14.02 5.77 2.47
N LEU A 116 12.87 5.85 3.13
CA LEU A 116 11.76 6.60 2.57
C LEU A 116 10.90 7.15 3.73
N THR A 117 10.59 8.43 3.61
CA THR A 117 9.78 9.09 4.63
C THR A 117 8.34 9.22 4.16
N ASP A 118 7.48 9.66 5.08
CA ASP A 118 6.07 9.83 4.77
C ASP A 118 5.74 11.32 4.78
N ALA A 119 6.47 12.06 5.62
CA ALA A 119 6.25 13.49 5.73
C ALA A 119 7.17 14.22 4.75
N GLU A 120 7.59 13.49 3.72
CA GLU A 120 8.46 14.05 2.72
C GLU A 120 7.66 14.87 1.70
N LEU A 121 6.52 14.31 1.30
CA LEU A 121 5.66 14.97 0.34
C LEU A 121 4.37 15.42 1.04
N GLU A 122 4.06 14.73 2.13
CA GLU A 122 2.87 15.04 2.90
C GLU A 122 2.67 16.56 2.97
N HIS A 123 3.77 17.27 3.13
CA HIS A 123 3.73 18.71 3.20
C HIS A 123 2.51 19.15 4.02
N HIS A 124 2.48 18.69 5.26
CA HIS A 124 1.39 19.03 6.16
C HIS A 124 0.98 20.49 5.95
N HIS A 125 -0.25 20.68 5.49
CA HIS A 125 -0.77 22.01 5.26
C HIS A 125 -2.30 21.98 5.26
N HIS A 126 -2.89 23.12 4.96
CA HIS A 126 -4.33 23.24 4.94
C HIS A 126 -4.86 22.68 3.62
N HIS A 127 -5.65 21.61 3.74
CA HIS A 127 -6.22 20.97 2.58
C HIS A 127 -7.75 20.99 2.68
N HIS A 128 -8.26 20.11 3.52
CA HIS A 128 -9.70 20.01 3.73
C HIS A 128 -10.11 20.89 4.92
CA CA B . -4.93 -14.30 4.81
CA CA C . -10.71 -4.18 6.87
CA CA D . 5.22 5.47 -9.59
N SER A 1 -4.46 6.07 -16.34
CA SER A 1 -5.23 5.11 -15.55
C SER A 1 -6.20 5.87 -14.64
N SER A 2 -7.40 6.09 -15.17
CA SER A 2 -8.43 6.79 -14.42
C SER A 2 -9.27 5.78 -13.62
N ASN A 3 -9.31 4.56 -14.13
CA ASN A 3 -10.08 3.50 -13.48
C ASN A 3 -9.35 2.18 -13.66
N LEU A 4 -9.48 1.32 -12.66
CA LEU A 4 -8.84 0.01 -12.69
C LEU A 4 -9.55 -0.87 -13.73
N THR A 5 -8.74 -1.58 -14.49
CA THR A 5 -9.28 -2.47 -15.51
C THR A 5 -8.76 -3.89 -15.31
N GLU A 6 -9.28 -4.79 -16.13
CA GLU A 6 -8.90 -6.20 -16.04
C GLU A 6 -7.37 -6.33 -16.19
N GLU A 7 -6.80 -5.40 -16.92
CA GLU A 7 -5.37 -5.39 -17.14
C GLU A 7 -4.62 -5.19 -15.82
N GLN A 8 -5.02 -4.15 -15.11
CA GLN A 8 -4.40 -3.84 -13.83
C GLN A 8 -4.67 -4.95 -12.82
N ILE A 9 -5.94 -5.30 -12.70
CA ILE A 9 -6.35 -6.35 -11.78
C ILE A 9 -5.36 -7.51 -11.88
N ALA A 10 -5.24 -8.04 -13.08
CA ALA A 10 -4.34 -9.16 -13.33
C ALA A 10 -3.04 -8.94 -12.54
N GLU A 11 -2.38 -7.84 -12.83
CA GLU A 11 -1.14 -7.51 -12.16
C GLU A 11 -1.33 -7.53 -10.65
N PHE A 12 -2.30 -6.75 -10.20
CA PHE A 12 -2.60 -6.67 -8.77
C PHE A 12 -2.84 -8.06 -8.19
N LYS A 13 -3.18 -8.99 -9.06
CA LYS A 13 -3.44 -10.35 -8.64
C LYS A 13 -2.19 -10.92 -7.96
N GLU A 14 -1.12 -11.03 -8.74
CA GLU A 14 0.13 -11.55 -8.24
C GLU A 14 0.67 -10.64 -7.13
N ALA A 15 0.78 -9.36 -7.46
CA ALA A 15 1.27 -8.38 -6.51
C ALA A 15 0.70 -8.69 -5.12
N PHE A 16 -0.49 -9.26 -5.13
CA PHE A 16 -1.17 -9.61 -3.88
C PHE A 16 -0.49 -10.81 -3.22
N ALA A 17 -0.31 -11.87 -4.00
CA ALA A 17 0.31 -13.08 -3.50
C ALA A 17 1.67 -12.73 -2.89
N LEU A 18 2.37 -11.83 -3.56
CA LEU A 18 3.68 -11.40 -3.09
C LEU A 18 3.62 -11.13 -1.59
N PHE A 19 2.47 -10.61 -1.16
CA PHE A 19 2.27 -10.30 0.24
C PHE A 19 1.46 -11.40 0.94
N ASP A 20 0.65 -12.08 0.15
CA ASP A 20 -0.18 -13.15 0.66
C ASP A 20 0.33 -14.49 0.14
N LYS A 21 1.01 -15.22 1.00
CA LYS A 21 1.54 -16.51 0.64
C LYS A 21 0.40 -17.54 0.53
N ASP A 22 -0.22 -17.78 1.65
CA ASP A 22 -1.36 -18.74 1.68
C ASP A 22 -2.42 -18.33 0.65
N ASN A 23 -2.36 -17.10 0.16
CA ASN A 23 -3.32 -16.64 -0.81
C ASN A 23 -4.73 -17.06 -0.37
N ASN A 24 -4.97 -16.94 0.92
CA ASN A 24 -6.25 -17.31 1.48
C ASN A 24 -7.34 -16.44 0.85
N GLY A 25 -6.90 -15.37 0.21
CA GLY A 25 -7.83 -14.46 -0.44
C GLY A 25 -7.79 -13.08 0.22
N SER A 26 -6.93 -12.95 1.22
CA SER A 26 -6.78 -11.71 1.94
C SER A 26 -5.35 -11.57 2.47
N ILE A 27 -5.06 -10.39 3.00
CA ILE A 27 -3.74 -10.12 3.55
C ILE A 27 -3.87 -9.75 5.03
N SER A 28 -2.98 -10.31 5.83
CA SER A 28 -2.98 -10.06 7.26
C SER A 28 -1.71 -9.31 7.66
N SER A 29 -1.71 -8.83 8.89
CA SER A 29 -0.56 -8.10 9.41
C SER A 29 0.61 -9.05 9.64
N SER A 30 0.26 -10.31 9.86
CA SER A 30 1.28 -11.33 10.11
C SER A 30 2.01 -11.65 8.79
N GLU A 31 1.21 -11.79 7.73
CA GLU A 31 1.77 -12.10 6.43
C GLU A 31 2.46 -10.86 5.84
N LEU A 32 1.84 -9.72 6.07
CA LEU A 32 2.38 -8.47 5.57
C LEU A 32 3.66 -8.12 6.33
N ALA A 33 3.53 -8.03 7.64
CA ALA A 33 4.66 -7.70 8.49
C ALA A 33 5.80 -8.68 8.21
N THR A 34 5.43 -9.96 8.12
CA THR A 34 6.41 -11.00 7.86
C THR A 34 7.21 -10.67 6.60
N VAL A 35 6.55 -10.01 5.67
CA VAL A 35 7.18 -9.63 4.42
C VAL A 35 8.08 -8.42 4.66
N MET A 36 7.55 -7.46 5.41
CA MET A 36 8.29 -6.25 5.72
C MET A 36 9.69 -6.58 6.21
N ARG A 37 9.75 -7.32 7.30
CA ARG A 37 11.03 -7.72 7.87
C ARG A 37 12.01 -8.11 6.77
N SER A 38 11.45 -8.63 5.69
CA SER A 38 12.26 -9.05 4.56
C SER A 38 12.76 -7.83 3.78
N LEU A 39 11.82 -6.94 3.48
CA LEU A 39 12.14 -5.73 2.75
C LEU A 39 13.34 -5.04 3.40
N GLY A 40 13.15 -4.67 4.66
CA GLY A 40 14.20 -4.02 5.41
C GLY A 40 13.69 -3.54 6.78
N LEU A 41 12.42 -3.17 6.80
CA LEU A 41 11.80 -2.70 8.02
C LEU A 41 10.97 -3.82 8.63
N SER A 42 10.63 -3.64 9.90
CA SER A 42 9.83 -4.63 10.61
C SER A 42 8.84 -3.93 11.54
N PRO A 43 7.63 -3.66 10.99
CA PRO A 43 6.59 -3.00 11.76
C PRO A 43 5.95 -3.96 12.76
N SER A 44 5.65 -3.43 13.94
CA SER A 44 5.04 -4.23 14.99
C SER A 44 3.62 -4.62 14.59
N GLU A 45 3.25 -5.84 14.92
CA GLU A 45 1.92 -6.34 14.60
C GLU A 45 0.87 -5.31 14.96
N ALA A 46 0.98 -4.79 16.18
CA ALA A 46 0.04 -3.79 16.66
C ALA A 46 0.18 -2.51 15.82
N GLU A 47 1.39 -2.31 15.30
CA GLU A 47 1.66 -1.14 14.49
C GLU A 47 1.13 -1.37 13.07
N VAL A 48 1.05 -2.63 12.69
CA VAL A 48 0.57 -2.98 11.37
C VAL A 48 -0.97 -2.93 11.35
N ASN A 49 -1.55 -3.48 12.40
CA ASN A 49 -3.00 -3.50 12.53
C ASN A 49 -3.54 -2.08 12.39
N ASP A 50 -2.78 -1.13 12.91
CA ASP A 50 -3.16 0.27 12.85
C ASP A 50 -3.20 0.72 11.39
N LEU A 51 -2.26 0.21 10.62
CA LEU A 51 -2.18 0.55 9.21
C LEU A 51 -3.18 -0.30 8.43
N MET A 52 -3.52 -1.44 9.01
CA MET A 52 -4.46 -2.35 8.38
C MET A 52 -5.90 -2.03 8.79
N ASN A 53 -6.01 -1.22 9.84
CA ASN A 53 -7.32 -0.83 10.34
C ASN A 53 -7.95 0.16 9.38
N GLU A 54 -7.09 0.84 8.63
CA GLU A 54 -7.55 1.83 7.67
C GLU A 54 -8.16 1.14 6.45
N ILE A 55 -7.60 -0.02 6.13
CA ILE A 55 -8.07 -0.78 4.98
C ILE A 55 -9.20 -1.71 5.44
N ASP A 56 -9.31 -1.87 6.75
CA ASP A 56 -10.33 -2.73 7.32
C ASP A 56 -11.64 -1.94 7.41
N VAL A 57 -12.66 -2.48 6.77
CA VAL A 57 -13.97 -1.84 6.77
C VAL A 57 -14.81 -2.41 7.92
N ASP A 58 -14.43 -3.57 8.35
CA ASP A 58 -15.15 -4.23 9.48
C ASP A 58 -14.20 -4.47 10.65
N GLY A 59 -12.90 -4.47 10.40
CA GLY A 59 -11.93 -4.70 11.46
C GLY A 59 -11.68 -6.19 11.66
N ASN A 60 -11.51 -6.89 10.54
CA ASN A 60 -11.27 -8.33 10.58
C ASN A 60 -9.79 -8.58 10.25
N HIS A 61 -9.04 -7.51 10.15
CA HIS A 61 -7.62 -7.61 9.85
C HIS A 61 -7.42 -8.45 8.59
N GLN A 62 -8.12 -8.05 7.54
CA GLN A 62 -8.03 -8.77 6.27
C GLN A 62 -8.26 -7.80 5.10
N ILE A 63 -7.23 -7.69 4.27
CA ILE A 63 -7.30 -6.81 3.11
C ILE A 63 -7.86 -7.59 1.92
N GLU A 64 -8.95 -7.07 1.37
CA GLU A 64 -9.58 -7.71 0.23
C GLU A 64 -9.18 -6.99 -1.07
N PHE A 65 -9.37 -7.69 -2.18
CA PHE A 65 -9.03 -7.15 -3.48
C PHE A 65 -9.74 -5.81 -3.71
N SER A 66 -10.80 -5.59 -2.94
CA SER A 66 -11.56 -4.36 -3.05
C SER A 66 -10.96 -3.28 -2.16
N GLU A 67 -10.68 -3.66 -0.93
CA GLU A 67 -10.09 -2.74 0.03
C GLU A 67 -8.72 -2.29 -0.45
N PHE A 68 -8.06 -3.17 -1.19
CA PHE A 68 -6.73 -2.87 -1.71
C PHE A 68 -6.82 -1.92 -2.91
N LEU A 69 -7.62 -2.31 -3.88
CA LEU A 69 -7.80 -1.50 -5.07
C LEU A 69 -8.28 -0.10 -4.67
N ALA A 70 -9.17 -0.07 -3.70
CA ALA A 70 -9.71 1.19 -3.20
C ALA A 70 -8.62 1.95 -2.44
N LEU A 71 -7.59 1.21 -2.06
CA LEU A 71 -6.47 1.79 -1.33
C LEU A 71 -5.50 2.42 -2.31
N MET A 72 -5.49 1.87 -3.53
CA MET A 72 -4.59 2.37 -4.56
C MET A 72 -5.32 3.39 -5.44
N SER A 73 -6.64 3.38 -5.36
CA SER A 73 -7.45 4.30 -6.15
C SER A 73 -7.64 5.60 -5.38
N ARG A 74 -7.38 5.54 -4.08
CA ARG A 74 -7.53 6.70 -3.23
C ARG A 74 -6.28 7.61 -3.33
N GLN A 75 -5.40 7.23 -4.25
CA GLN A 75 -4.18 7.99 -4.47
C GLN A 75 -4.50 9.33 -5.14
N LEU A 76 -3.44 10.02 -5.52
CA LEU A 76 -3.59 11.31 -6.17
C LEU A 76 -4.71 11.23 -7.20
N LYS A 77 -5.89 11.69 -6.77
CA LYS A 77 -7.06 11.68 -7.64
C LYS A 77 -8.22 12.37 -6.94
N SER A 78 -9.15 12.86 -7.75
CA SER A 78 -10.31 13.56 -7.21
C SER A 78 -11.21 12.56 -6.46
N ASN A 79 -11.30 12.75 -5.16
CA ASN A 79 -12.11 11.89 -4.32
C ASN A 79 -12.74 12.71 -3.20
N ASP A 80 -13.75 12.12 -2.57
CA ASP A 80 -14.45 12.79 -1.48
C ASP A 80 -14.34 11.93 -0.22
N SER A 81 -13.10 11.64 0.16
CA SER A 81 -12.87 10.83 1.35
C SER A 81 -11.37 10.82 1.67
N GLU A 82 -11.06 10.34 2.88
CA GLU A 82 -9.68 10.28 3.33
C GLU A 82 -8.76 9.87 2.17
N GLN A 83 -7.96 10.82 1.73
CA GLN A 83 -7.03 10.57 0.64
C GLN A 83 -5.59 10.75 1.11
N GLU A 84 -5.45 11.25 2.34
CA GLU A 84 -4.15 11.47 2.92
C GLU A 84 -3.36 10.16 2.98
N LEU A 85 -4.09 9.07 2.84
CA LEU A 85 -3.47 7.74 2.86
C LEU A 85 -2.55 7.59 1.66
N LEU A 86 -2.68 8.53 0.73
CA LEU A 86 -1.85 8.51 -0.47
C LEU A 86 -0.39 8.75 -0.08
N GLU A 87 -0.20 9.72 0.80
CA GLU A 87 1.14 10.06 1.26
C GLU A 87 1.81 8.85 1.89
N ALA A 88 0.99 7.86 2.22
CA ALA A 88 1.48 6.63 2.83
C ALA A 88 1.86 5.64 1.73
N PHE A 89 1.14 5.72 0.63
CA PHE A 89 1.39 4.83 -0.49
C PHE A 89 1.95 5.61 -1.69
N LYS A 90 2.49 6.79 -1.40
CA LYS A 90 3.05 7.63 -2.43
C LYS A 90 4.53 7.28 -2.62
N VAL A 91 5.11 6.71 -1.57
CA VAL A 91 6.51 6.33 -1.60
C VAL A 91 6.69 5.20 -2.62
N PHE A 92 5.70 4.34 -2.69
CA PHE A 92 5.73 3.21 -3.61
C PHE A 92 5.74 3.70 -5.07
N ASP A 93 5.38 4.95 -5.23
CA ASP A 93 5.35 5.53 -6.60
C ASP A 93 6.68 6.20 -6.91
N LYS A 94 7.59 5.50 -7.57
CA LYS A 94 8.89 6.06 -7.90
C LYS A 94 8.73 7.06 -9.05
N ASN A 95 7.57 7.01 -9.68
CA ASN A 95 7.28 7.90 -10.79
C ASN A 95 6.95 9.29 -10.25
N GLY A 96 6.97 9.39 -8.92
CA GLY A 96 6.68 10.65 -8.27
C GLY A 96 5.55 11.41 -8.99
N ASP A 97 4.43 10.72 -9.14
CA ASP A 97 3.27 11.31 -9.81
C ASP A 97 2.08 11.29 -8.85
N GLY A 98 2.30 10.72 -7.67
CA GLY A 98 1.25 10.64 -6.67
C GLY A 98 0.24 9.55 -7.03
N LEU A 99 0.67 8.63 -7.88
CA LEU A 99 -0.18 7.54 -8.30
C LEU A 99 0.62 6.23 -8.27
N ILE A 100 -0.07 5.16 -7.90
CA ILE A 100 0.57 3.85 -7.83
C ILE A 100 -0.24 2.85 -8.67
N SER A 101 0.46 2.13 -9.52
CA SER A 101 -0.18 1.15 -10.37
C SER A 101 0.31 -0.26 -10.01
N ALA A 102 -0.20 -1.24 -10.74
CA ALA A 102 0.17 -2.62 -10.49
C ALA A 102 1.66 -2.81 -10.80
N ALA A 103 2.21 -1.82 -11.49
CA ALA A 103 3.62 -1.87 -11.87
C ALA A 103 4.45 -1.28 -10.72
N GLU A 104 4.17 -0.03 -10.40
CA GLU A 104 4.89 0.65 -9.34
C GLU A 104 4.76 -0.13 -8.03
N LEU A 105 3.52 -0.45 -7.69
CA LEU A 105 3.24 -1.19 -6.46
C LEU A 105 4.22 -2.37 -6.36
N LYS A 106 4.39 -3.05 -7.47
CA LYS A 106 5.30 -4.20 -7.52
C LYS A 106 6.74 -3.69 -7.47
N HIS A 107 6.95 -2.52 -8.03
CA HIS A 107 8.27 -1.92 -8.05
C HIS A 107 8.76 -1.68 -6.62
N VAL A 108 7.81 -1.74 -5.70
CA VAL A 108 8.12 -1.54 -4.29
C VAL A 108 9.01 -2.68 -3.80
N LEU A 109 8.65 -3.88 -4.21
CA LEU A 109 9.41 -5.06 -3.82
C LEU A 109 10.87 -4.89 -4.23
N THR A 110 11.08 -3.96 -5.16
CA THR A 110 12.43 -3.69 -5.64
C THR A 110 12.92 -2.33 -5.10
N SER A 111 11.97 -1.46 -4.82
CA SER A 111 12.28 -0.15 -4.31
C SER A 111 12.75 -0.24 -2.85
N ILE A 112 12.73 -1.47 -2.34
CA ILE A 112 13.13 -1.71 -0.97
C ILE A 112 14.39 -0.89 -0.67
N GLY A 113 14.67 -0.75 0.63
CA GLY A 113 15.83 0.00 1.06
C GLY A 113 15.82 0.18 2.58
N GLU A 114 16.77 0.98 3.06
CA GLU A 114 16.88 1.24 4.48
C GLU A 114 15.49 1.38 5.10
N LYS A 115 14.89 2.54 4.90
CA LYS A 115 13.56 2.81 5.43
C LYS A 115 12.75 3.61 4.41
N LEU A 116 11.53 3.95 4.81
CA LEU A 116 10.66 4.71 3.94
C LEU A 116 9.41 5.14 4.73
N THR A 117 9.17 6.44 4.74
CA THR A 117 8.03 6.97 5.44
C THR A 117 6.95 7.42 4.45
N ASP A 118 5.96 8.12 4.99
CA ASP A 118 4.87 8.62 4.16
C ASP A 118 5.16 10.06 3.74
N ALA A 119 5.95 10.74 4.57
CA ALA A 119 6.31 12.11 4.29
C ALA A 119 7.43 12.14 3.25
N GLU A 120 7.82 10.94 2.82
CA GLU A 120 8.88 10.82 1.83
C GLU A 120 8.75 11.91 0.77
N LEU A 121 7.51 12.18 0.39
CA LEU A 121 7.23 13.19 -0.61
C LEU A 121 6.50 14.36 0.04
N GLU A 122 5.27 14.08 0.47
CA GLU A 122 4.45 15.10 1.11
C GLU A 122 5.09 15.52 2.45
N HIS A 123 6.08 16.40 2.34
CA HIS A 123 6.76 16.88 3.52
C HIS A 123 6.41 18.35 3.75
N HIS A 124 6.72 18.83 4.94
CA HIS A 124 6.44 20.21 5.30
C HIS A 124 7.23 20.59 6.56
N HIS A 125 7.54 21.87 6.66
CA HIS A 125 8.28 22.36 7.82
C HIS A 125 7.35 23.20 8.70
N HIS A 126 7.72 23.29 9.97
CA HIS A 126 6.93 24.05 10.93
C HIS A 126 7.75 25.24 11.43
N HIS A 127 8.79 25.57 10.67
CA HIS A 127 9.65 26.68 11.04
C HIS A 127 9.42 27.84 10.07
N HIS A 128 8.89 28.93 10.62
CA HIS A 128 8.62 30.11 9.82
C HIS A 128 9.89 30.54 9.09
CA CA B . -4.29 -14.52 4.37
CA CA C . -11.59 -5.91 6.11
CA CA D . 2.64 6.99 -11.19
N SER A 1 -14.69 8.99 -13.61
CA SER A 1 -15.53 8.39 -12.58
C SER A 1 -15.54 6.86 -12.74
N SER A 2 -14.62 6.38 -13.57
CA SER A 2 -14.51 4.95 -13.82
C SER A 2 -13.36 4.37 -13.01
N ASN A 3 -13.65 3.23 -12.38
CA ASN A 3 -12.65 2.56 -11.56
C ASN A 3 -11.54 2.02 -12.47
N LEU A 4 -10.61 1.31 -11.84
CA LEU A 4 -9.50 0.73 -12.57
C LEU A 4 -10.03 -0.17 -13.68
N THR A 5 -9.11 -0.70 -14.47
CA THR A 5 -9.48 -1.57 -15.57
C THR A 5 -8.99 -3.00 -15.30
N GLU A 6 -9.57 -3.94 -16.03
CA GLU A 6 -9.20 -5.34 -15.89
C GLU A 6 -7.68 -5.49 -15.84
N GLU A 7 -7.02 -4.83 -16.78
CA GLU A 7 -5.58 -4.88 -16.87
C GLU A 7 -4.96 -4.63 -15.49
N GLN A 8 -5.15 -3.41 -15.00
CA GLN A 8 -4.63 -3.03 -13.71
C GLN A 8 -4.88 -4.14 -12.69
N ILE A 9 -6.04 -4.75 -12.80
CA ILE A 9 -6.41 -5.83 -11.90
C ILE A 9 -5.50 -7.04 -12.14
N ALA A 10 -5.26 -7.29 -13.41
CA ALA A 10 -4.40 -8.41 -13.80
C ALA A 10 -3.00 -8.19 -13.23
N GLU A 11 -2.69 -6.92 -12.99
CA GLU A 11 -1.38 -6.57 -12.46
C GLU A 11 -1.32 -6.89 -10.95
N PHE A 12 -2.28 -6.34 -10.23
CA PHE A 12 -2.34 -6.55 -8.79
C PHE A 12 -2.55 -8.03 -8.48
N LYS A 13 -3.26 -8.71 -9.37
CA LYS A 13 -3.53 -10.13 -9.19
C LYS A 13 -2.22 -10.86 -8.92
N GLU A 14 -1.13 -10.24 -9.33
CA GLU A 14 0.19 -10.83 -9.15
C GLU A 14 0.80 -10.34 -7.83
N ALA A 15 1.07 -9.05 -7.79
CA ALA A 15 1.66 -8.45 -6.60
C ALA A 15 0.92 -8.95 -5.36
N PHE A 16 -0.38 -8.76 -5.38
CA PHE A 16 -1.21 -9.19 -4.26
C PHE A 16 -0.91 -10.64 -3.87
N ALA A 17 -0.52 -11.42 -4.87
CA ALA A 17 -0.19 -12.81 -4.65
C ALA A 17 1.24 -12.91 -4.13
N LEU A 18 2.07 -11.98 -4.56
CA LEU A 18 3.46 -11.95 -4.15
C LEU A 18 3.53 -11.77 -2.63
N PHE A 19 2.54 -11.07 -2.10
CA PHE A 19 2.48 -10.83 -0.67
C PHE A 19 1.68 -11.93 0.04
N ASP A 20 0.66 -12.41 -0.65
CA ASP A 20 -0.19 -13.46 -0.10
C ASP A 20 0.57 -14.78 -0.11
N LYS A 21 0.48 -15.50 1.00
CA LYS A 21 1.14 -16.78 1.14
C LYS A 21 0.30 -17.87 0.46
N ASP A 22 -0.85 -18.09 1.02
CA ASP A 22 -1.78 -19.12 0.46
C ASP A 22 -2.60 -18.51 -0.68
N ASN A 23 -2.34 -17.26 -1.03
CA ASN A 23 -3.09 -16.61 -2.09
C ASN A 23 -4.56 -16.96 -1.96
N ASN A 24 -5.11 -16.66 -0.80
CA ASN A 24 -6.51 -16.94 -0.54
C ASN A 24 -7.36 -15.74 -0.98
N GLY A 25 -6.72 -14.58 -1.01
CA GLY A 25 -7.39 -13.36 -1.41
C GLY A 25 -7.47 -12.37 -0.24
N SER A 26 -7.07 -12.85 0.92
CA SER A 26 -7.09 -12.02 2.12
C SER A 26 -5.71 -12.04 2.79
N ILE A 27 -5.18 -10.85 3.01
CA ILE A 27 -3.88 -10.72 3.64
C ILE A 27 -4.07 -10.21 5.08
N SER A 28 -3.24 -10.74 5.96
CA SER A 28 -3.30 -10.35 7.37
C SER A 28 -2.03 -9.59 7.75
N SER A 29 -2.07 -9.00 8.94
CA SER A 29 -0.94 -8.24 9.44
C SER A 29 0.26 -9.17 9.68
N SER A 30 -0.06 -10.42 10.04
CA SER A 30 0.97 -11.40 10.31
C SER A 30 1.69 -11.75 9.01
N GLU A 31 0.94 -12.28 8.05
CA GLU A 31 1.50 -12.65 6.76
C GLU A 31 2.14 -11.44 6.09
N LEU A 32 1.45 -10.31 6.19
CA LEU A 32 1.93 -9.07 5.60
C LEU A 32 3.27 -8.70 6.23
N ALA A 33 3.30 -8.71 7.56
CA ALA A 33 4.50 -8.38 8.29
C ALA A 33 5.58 -9.41 7.98
N THR A 34 5.13 -10.64 7.76
CA THR A 34 6.05 -11.73 7.46
C THR A 34 6.77 -11.47 6.14
N VAL A 35 6.18 -10.58 5.34
CA VAL A 35 6.74 -10.24 4.05
C VAL A 35 7.77 -9.12 4.24
N MET A 36 7.44 -8.20 5.13
CA MET A 36 8.32 -7.08 5.42
C MET A 36 9.63 -7.56 6.05
N ARG A 37 9.50 -8.35 7.10
CA ARG A 37 10.66 -8.87 7.79
C ARG A 37 11.73 -9.31 6.79
N SER A 38 11.26 -9.80 5.65
CA SER A 38 12.16 -10.26 4.60
C SER A 38 12.89 -9.06 3.99
N LEU A 39 12.11 -8.08 3.57
CA LEU A 39 12.68 -6.88 2.96
C LEU A 39 13.92 -6.47 3.74
N GLY A 40 13.74 -6.28 5.04
CA GLY A 40 14.85 -5.88 5.90
C GLY A 40 14.33 -5.20 7.17
N LEU A 41 13.14 -4.62 7.05
CA LEU A 41 12.53 -3.94 8.17
C LEU A 41 11.90 -4.97 9.12
N SER A 42 11.22 -4.47 10.14
CA SER A 42 10.58 -5.33 11.11
C SER A 42 9.35 -4.64 11.69
N PRO A 43 8.19 -4.84 11.00
CA PRO A 43 6.94 -4.25 11.44
C PRO A 43 6.38 -4.98 12.65
N SER A 44 5.84 -4.20 13.57
CA SER A 44 5.26 -4.76 14.79
C SER A 44 3.77 -5.04 14.58
N GLU A 45 3.34 -6.19 15.09
CA GLU A 45 1.95 -6.60 14.97
C GLU A 45 1.03 -5.40 15.26
N ALA A 46 1.55 -4.48 16.05
CA ALA A 46 0.77 -3.29 16.41
C ALA A 46 0.89 -2.26 15.28
N GLU A 47 2.13 -2.04 14.85
CA GLU A 47 2.38 -1.08 13.78
C GLU A 47 1.66 -1.52 12.51
N VAL A 48 1.45 -2.81 12.39
CA VAL A 48 0.77 -3.36 11.22
C VAL A 48 -0.74 -3.14 11.36
N ASN A 49 -1.21 -3.29 12.59
CA ASN A 49 -2.63 -3.09 12.86
C ASN A 49 -3.04 -1.68 12.46
N ASP A 50 -2.04 -0.83 12.29
CA ASP A 50 -2.28 0.55 11.92
C ASP A 50 -2.46 0.63 10.40
N LEU A 51 -1.40 0.29 9.69
CA LEU A 51 -1.43 0.31 8.24
C LEU A 51 -2.64 -0.46 7.74
N MET A 52 -2.83 -1.64 8.31
CA MET A 52 -3.95 -2.49 7.94
C MET A 52 -5.29 -1.84 8.32
N ASN A 53 -5.23 -1.01 9.36
CA ASN A 53 -6.42 -0.33 9.83
C ASN A 53 -7.04 0.46 8.68
N GLU A 54 -6.19 1.20 7.99
CA GLU A 54 -6.64 2.00 6.86
C GLU A 54 -7.25 1.11 5.78
N ILE A 55 -6.46 0.16 5.32
CA ILE A 55 -6.90 -0.76 4.29
C ILE A 55 -8.11 -1.54 4.81
N ASP A 56 -8.23 -1.57 6.13
CA ASP A 56 -9.33 -2.29 6.76
C ASP A 56 -10.55 -1.36 6.85
N VAL A 57 -11.67 -1.86 6.34
CA VAL A 57 -12.90 -1.09 6.34
C VAL A 57 -13.69 -1.44 7.60
N ASP A 58 -13.45 -2.61 8.11
CA ASP A 58 -14.15 -3.07 9.34
C ASP A 58 -13.14 -3.39 10.44
N GLY A 59 -11.88 -3.63 10.07
CA GLY A 59 -10.86 -3.95 11.05
C GLY A 59 -10.90 -5.43 11.41
N ASN A 60 -11.00 -6.26 10.39
CA ASN A 60 -11.05 -7.70 10.58
C ASN A 60 -9.63 -8.27 10.46
N HIS A 61 -8.72 -7.41 10.02
CA HIS A 61 -7.33 -7.81 9.85
C HIS A 61 -7.20 -8.66 8.59
N GLN A 62 -7.97 -8.28 7.58
CA GLN A 62 -7.94 -9.00 6.32
C GLN A 62 -8.23 -8.05 5.16
N ILE A 63 -7.28 -7.98 4.24
CA ILE A 63 -7.42 -7.11 3.09
C ILE A 63 -8.03 -7.90 1.93
N GLU A 64 -9.22 -7.48 1.53
CA GLU A 64 -9.92 -8.14 0.43
C GLU A 64 -9.36 -7.68 -0.91
N PHE A 65 -9.61 -8.49 -1.93
CA PHE A 65 -9.14 -8.18 -3.27
C PHE A 65 -9.67 -6.83 -3.73
N SER A 66 -10.79 -6.43 -3.15
CA SER A 66 -11.43 -5.17 -3.50
C SER A 66 -10.86 -4.05 -2.63
N GLU A 67 -10.60 -4.39 -1.37
CA GLU A 67 -10.05 -3.42 -0.44
C GLU A 67 -8.64 -3.00 -0.86
N PHE A 68 -7.85 -3.99 -1.25
CA PHE A 68 -6.50 -3.75 -1.68
C PHE A 68 -6.46 -2.83 -2.91
N LEU A 69 -7.15 -3.26 -3.95
CA LEU A 69 -7.20 -2.49 -5.19
C LEU A 69 -7.75 -1.09 -4.87
N ALA A 70 -8.39 -0.98 -3.72
CA ALA A 70 -8.96 0.29 -3.30
C ALA A 70 -7.86 1.16 -2.68
N LEU A 71 -6.88 0.48 -2.09
CA LEU A 71 -5.78 1.18 -1.47
C LEU A 71 -4.90 1.83 -2.54
N MET A 72 -4.78 1.13 -3.67
CA MET A 72 -3.99 1.63 -4.77
C MET A 72 -4.72 2.75 -5.51
N SER A 73 -6.00 2.87 -5.24
CA SER A 73 -6.82 3.89 -5.86
C SER A 73 -6.92 5.12 -4.94
N ARG A 74 -6.63 4.87 -3.67
CA ARG A 74 -6.68 5.94 -2.68
C ARG A 74 -6.11 7.24 -3.26
N GLN A 75 -5.16 7.07 -4.17
CA GLN A 75 -4.53 8.22 -4.81
C GLN A 75 -5.31 8.61 -6.07
N LEU A 76 -6.63 8.58 -5.95
CA LEU A 76 -7.50 8.93 -7.06
C LEU A 76 -8.03 10.36 -6.87
N LYS A 77 -8.26 11.03 -7.98
CA LYS A 77 -8.76 12.39 -7.94
C LYS A 77 -9.91 12.48 -6.93
N SER A 78 -10.57 11.35 -6.74
CA SER A 78 -11.68 11.27 -5.81
C SER A 78 -11.19 10.79 -4.44
N ASN A 79 -10.16 11.46 -3.94
CA ASN A 79 -9.59 11.11 -2.66
C ASN A 79 -10.70 11.05 -1.61
N ASP A 80 -11.28 12.21 -1.34
CA ASP A 80 -12.35 12.31 -0.36
C ASP A 80 -11.94 11.58 0.91
N SER A 81 -10.65 11.64 1.20
CA SER A 81 -10.11 11.00 2.39
C SER A 81 -8.66 11.45 2.62
N GLU A 82 -8.22 11.30 3.85
CA GLU A 82 -6.87 11.68 4.21
C GLU A 82 -5.87 11.16 3.17
N GLN A 83 -4.92 12.03 2.83
CA GLN A 83 -3.92 11.67 1.85
C GLN A 83 -2.63 11.22 2.55
N GLU A 84 -2.72 11.12 3.86
CA GLU A 84 -1.58 10.70 4.65
C GLU A 84 -1.17 9.27 4.28
N LEU A 85 -2.15 8.51 3.81
CA LEU A 85 -1.91 7.13 3.43
C LEU A 85 -0.92 7.10 2.27
N LEU A 86 -1.16 7.97 1.30
CA LEU A 86 -0.31 8.05 0.13
C LEU A 86 1.08 8.54 0.55
N GLU A 87 1.11 9.26 1.66
CA GLU A 87 2.35 9.78 2.19
C GLU A 87 3.20 8.65 2.80
N ALA A 88 2.51 7.55 3.09
CA ALA A 88 3.19 6.40 3.68
C ALA A 88 3.56 5.41 2.57
N PHE A 89 2.74 5.40 1.53
CA PHE A 89 2.97 4.51 0.40
C PHE A 89 3.84 5.18 -0.66
N LYS A 90 4.64 6.14 -0.20
CA LYS A 90 5.53 6.86 -1.10
C LYS A 90 6.86 6.11 -1.21
N VAL A 91 7.09 5.24 -0.24
CA VAL A 91 8.31 4.45 -0.22
C VAL A 91 8.44 3.68 -1.53
N PHE A 92 7.29 3.30 -2.06
CA PHE A 92 7.26 2.54 -3.31
C PHE A 92 7.50 3.47 -4.51
N ASP A 93 7.28 4.74 -4.28
CA ASP A 93 7.50 5.73 -5.36
C ASP A 93 8.91 6.30 -5.31
N LYS A 94 9.85 5.70 -6.05
CA LYS A 94 11.22 6.16 -6.04
C LYS A 94 11.33 7.44 -6.87
N ASN A 95 10.63 7.43 -8.00
CA ASN A 95 10.65 8.58 -8.89
C ASN A 95 9.97 9.76 -8.20
N GLY A 96 9.20 9.44 -7.17
CA GLY A 96 8.48 10.47 -6.43
C GLY A 96 7.51 11.23 -7.32
N ASP A 97 6.44 10.54 -7.71
CA ASP A 97 5.44 11.14 -8.57
C ASP A 97 4.19 11.46 -7.74
N GLY A 98 4.08 10.77 -6.62
CA GLY A 98 2.94 10.98 -5.72
C GLY A 98 1.84 9.95 -6.01
N LEU A 99 2.09 9.12 -7.01
CA LEU A 99 1.13 8.10 -7.39
C LEU A 99 1.87 6.77 -7.58
N ILE A 100 1.24 5.70 -7.08
CA ILE A 100 1.82 4.37 -7.20
C ILE A 100 0.87 3.47 -7.98
N SER A 101 1.43 2.73 -8.92
CA SER A 101 0.65 1.82 -9.75
C SER A 101 0.99 0.37 -9.39
N ALA A 102 0.40 -0.54 -10.15
CA ALA A 102 0.63 -1.96 -9.93
C ALA A 102 2.12 -2.26 -10.08
N ALA A 103 2.61 -2.08 -11.30
CA ALA A 103 4.01 -2.33 -11.59
C ALA A 103 4.87 -1.74 -10.48
N GLU A 104 4.33 -0.69 -9.85
CA GLU A 104 5.04 -0.02 -8.76
C GLU A 104 4.95 -0.86 -7.49
N LEU A 105 3.75 -1.32 -7.20
CA LEU A 105 3.51 -2.12 -6.01
C LEU A 105 4.34 -3.41 -6.10
N LYS A 106 4.68 -3.77 -7.33
CA LYS A 106 5.47 -4.97 -7.57
C LYS A 106 6.95 -4.61 -7.61
N HIS A 107 7.21 -3.31 -7.72
CA HIS A 107 8.57 -2.81 -7.77
C HIS A 107 9.12 -2.68 -6.35
N VAL A 108 8.19 -2.62 -5.40
CA VAL A 108 8.57 -2.50 -4.00
C VAL A 108 9.36 -3.74 -3.57
N LEU A 109 9.13 -4.83 -4.29
CA LEU A 109 9.81 -6.07 -4.00
C LEU A 109 11.28 -5.95 -4.38
N THR A 110 11.59 -4.86 -5.08
CA THR A 110 12.96 -4.61 -5.51
C THR A 110 13.58 -3.49 -4.68
N SER A 111 12.71 -2.67 -4.09
CA SER A 111 13.16 -1.57 -3.27
C SER A 111 13.99 -2.09 -2.08
N ILE A 112 13.29 -2.78 -1.19
CA ILE A 112 13.93 -3.33 -0.01
C ILE A 112 14.38 -2.20 0.91
N GLY A 113 13.95 -1.00 0.56
CA GLY A 113 14.29 0.17 1.35
C GLY A 113 13.28 0.40 2.48
N GLU A 114 13.80 0.44 3.69
CA GLU A 114 12.95 0.65 4.85
C GLU A 114 11.96 1.79 4.59
N LYS A 115 10.93 1.85 5.43
CA LYS A 115 9.92 2.88 5.30
C LYS A 115 10.60 4.23 5.06
N LEU A 116 10.37 4.75 3.86
CA LEU A 116 10.95 6.04 3.48
C LEU A 116 10.21 7.16 4.21
N THR A 117 10.97 8.17 4.59
CA THR A 117 10.40 9.32 5.30
C THR A 117 9.04 9.67 4.71
N ASP A 118 8.08 9.89 5.60
CA ASP A 118 6.74 10.24 5.19
C ASP A 118 6.72 11.68 4.67
N ALA A 119 7.72 12.44 5.09
CA ALA A 119 7.83 13.82 4.68
C ALA A 119 8.31 13.88 3.22
N GLU A 120 8.59 12.70 2.68
CA GLU A 120 9.05 12.60 1.31
C GLU A 120 8.30 13.60 0.42
N LEU A 121 6.99 13.50 0.47
CA LEU A 121 6.14 14.38 -0.33
C LEU A 121 5.70 15.57 0.53
N GLU A 122 5.32 15.26 1.76
CA GLU A 122 4.88 16.28 2.69
C GLU A 122 6.01 17.28 2.95
N HIS A 123 6.14 18.23 2.02
CA HIS A 123 7.17 19.24 2.14
C HIS A 123 6.72 20.51 1.41
N HIS A 124 6.35 21.51 2.20
CA HIS A 124 5.89 22.77 1.65
C HIS A 124 5.96 23.86 2.72
N HIS A 125 6.56 24.98 2.35
CA HIS A 125 6.70 26.09 3.27
C HIS A 125 5.37 26.35 3.97
N HIS A 126 5.23 25.79 5.17
CA HIS A 126 4.02 25.95 5.93
C HIS A 126 3.83 27.43 6.28
N HIS A 127 2.59 27.76 6.62
CA HIS A 127 2.26 29.14 6.98
C HIS A 127 2.11 29.26 8.49
N HIS A 128 1.00 28.72 9.00
CA HIS A 128 0.74 28.76 10.42
C HIS A 128 1.76 27.89 11.16
CA CA B . -2.93 -14.84 3.13
CA CA C . -11.01 -5.35 6.07
CA CA D . 5.23 6.66 -9.86
N SER A 1 -8.24 4.60 -18.40
CA SER A 1 -9.49 4.54 -17.66
C SER A 1 -9.33 5.25 -16.31
N SER A 2 -10.45 5.66 -15.75
CA SER A 2 -10.45 6.34 -14.47
C SER A 2 -10.75 5.35 -13.34
N ASN A 3 -10.51 4.08 -13.64
CA ASN A 3 -10.75 3.02 -12.67
C ASN A 3 -9.95 1.78 -13.05
N LEU A 4 -10.10 0.74 -12.25
CA LEU A 4 -9.40 -0.50 -12.50
C LEU A 4 -10.20 -1.36 -13.48
N THR A 5 -9.48 -2.13 -14.26
CA THR A 5 -10.11 -3.00 -15.25
C THR A 5 -9.68 -4.45 -15.03
N GLU A 6 -10.13 -5.30 -15.94
CA GLU A 6 -9.80 -6.72 -15.87
C GLU A 6 -8.29 -6.92 -15.80
N GLU A 7 -7.58 -5.98 -16.42
CA GLU A 7 -6.12 -6.04 -16.44
C GLU A 7 -5.56 -5.63 -15.08
N GLN A 8 -5.67 -4.34 -14.79
CA GLN A 8 -5.19 -3.81 -13.52
C GLN A 8 -5.58 -4.74 -12.37
N ILE A 9 -6.80 -5.23 -12.45
CA ILE A 9 -7.30 -6.13 -11.41
C ILE A 9 -6.56 -7.47 -11.49
N ALA A 10 -6.48 -7.99 -12.71
CA ALA A 10 -5.80 -9.25 -12.94
C ALA A 10 -4.31 -9.10 -12.56
N GLU A 11 -3.87 -7.85 -12.54
CA GLU A 11 -2.48 -7.57 -12.21
C GLU A 11 -2.27 -7.64 -10.69
N PHE A 12 -3.24 -7.08 -9.97
CA PHE A 12 -3.17 -7.07 -8.51
C PHE A 12 -3.32 -8.49 -7.97
N LYS A 13 -4.03 -9.32 -8.72
CA LYS A 13 -4.26 -10.69 -8.32
C LYS A 13 -2.95 -11.32 -7.84
N GLU A 14 -1.87 -10.93 -8.53
CA GLU A 14 -0.55 -11.44 -8.20
C GLU A 14 0.15 -10.49 -7.22
N ALA A 15 0.28 -9.25 -7.64
CA ALA A 15 0.93 -8.24 -6.82
C ALA A 15 0.50 -8.42 -5.36
N PHE A 16 -0.72 -8.92 -5.20
CA PHE A 16 -1.26 -9.16 -3.87
C PHE A 16 -0.67 -10.43 -3.25
N ALA A 17 -0.72 -11.50 -4.02
CA ALA A 17 -0.20 -12.77 -3.56
C ALA A 17 1.27 -12.61 -3.18
N LEU A 18 1.95 -11.74 -3.91
CA LEU A 18 3.35 -11.48 -3.66
C LEU A 18 3.56 -11.16 -2.18
N PHE A 19 2.51 -10.61 -1.58
CA PHE A 19 2.55 -10.25 -0.17
C PHE A 19 1.91 -11.34 0.69
N ASP A 20 0.69 -11.71 0.31
CA ASP A 20 -0.05 -12.72 1.03
C ASP A 20 0.84 -13.94 1.23
N LYS A 21 0.80 -14.49 2.44
CA LYS A 21 1.60 -15.66 2.78
C LYS A 21 0.87 -16.92 2.29
N ASP A 22 -0.26 -17.17 2.89
CA ASP A 22 -1.06 -18.37 2.50
C ASP A 22 -1.91 -18.05 1.27
N ASN A 23 -1.92 -16.80 0.84
CA ASN A 23 -2.72 -16.41 -0.31
C ASN A 23 -4.19 -16.70 -0.03
N ASN A 24 -4.67 -16.14 1.06
CA ASN A 24 -6.05 -16.32 1.45
C ASN A 24 -6.88 -15.14 0.91
N GLY A 25 -6.22 -14.01 0.76
CA GLY A 25 -6.89 -12.82 0.26
C GLY A 25 -6.91 -11.73 1.32
N SER A 26 -6.76 -12.15 2.57
CA SER A 26 -6.77 -11.22 3.69
C SER A 26 -5.37 -11.11 4.28
N ILE A 27 -4.86 -9.89 4.31
CA ILE A 27 -3.53 -9.64 4.85
C ILE A 27 -3.66 -8.95 6.21
N SER A 28 -2.75 -9.31 7.11
CA SER A 28 -2.76 -8.74 8.44
C SER A 28 -1.48 -7.93 8.67
N SER A 29 -1.64 -6.87 9.45
CA SER A 29 -0.50 -6.00 9.76
C SER A 29 0.74 -6.85 10.04
N SER A 30 0.50 -8.03 10.61
CA SER A 30 1.59 -8.93 10.94
C SER A 30 2.27 -9.41 9.66
N GLU A 31 1.52 -10.13 8.85
CA GLU A 31 2.04 -10.66 7.60
C GLU A 31 2.64 -9.51 6.76
N LEU A 32 2.03 -8.35 6.89
CA LEU A 32 2.48 -7.18 6.15
C LEU A 32 3.87 -6.78 6.65
N ALA A 33 3.98 -6.62 7.96
CA ALA A 33 5.23 -6.23 8.57
C ALA A 33 6.32 -7.25 8.18
N THR A 34 5.92 -8.51 8.14
CA THR A 34 6.83 -9.57 7.79
C THR A 34 7.56 -9.24 6.48
N VAL A 35 6.80 -8.62 5.57
CA VAL A 35 7.35 -8.25 4.28
C VAL A 35 8.17 -6.96 4.44
N MET A 36 7.70 -6.11 5.33
CA MET A 36 8.37 -4.84 5.58
C MET A 36 9.81 -5.06 6.05
N ARG A 37 9.95 -5.95 7.02
CA ARG A 37 11.26 -6.26 7.57
C ARG A 37 12.21 -6.69 6.45
N SER A 38 11.63 -7.29 5.42
CA SER A 38 12.41 -7.75 4.29
C SER A 38 12.67 -6.59 3.33
N LEU A 39 11.75 -5.63 3.35
CA LEU A 39 11.87 -4.47 2.49
C LEU A 39 13.11 -3.68 2.87
N GLY A 40 13.19 -3.33 4.14
CA GLY A 40 14.32 -2.56 4.66
C GLY A 40 14.03 -2.02 6.06
N LEU A 41 12.78 -1.67 6.27
CA LEU A 41 12.36 -1.13 7.56
C LEU A 41 11.60 -2.21 8.33
N SER A 42 11.47 -1.98 9.63
CA SER A 42 10.76 -2.92 10.48
C SER A 42 9.70 -2.19 11.30
N PRO A 43 8.48 -2.08 10.71
CA PRO A 43 7.38 -1.40 11.37
C PRO A 43 6.78 -2.28 12.48
N SER A 44 6.44 -1.63 13.57
CA SER A 44 5.87 -2.34 14.70
C SER A 44 4.38 -2.64 14.44
N GLU A 45 3.92 -3.72 15.04
CA GLU A 45 2.53 -4.12 14.88
C GLU A 45 1.61 -2.90 14.95
N ALA A 46 1.80 -2.12 16.01
CA ALA A 46 0.98 -0.93 16.20
C ALA A 46 1.24 0.05 15.05
N GLU A 47 2.52 0.28 14.79
CA GLU A 47 2.92 1.18 13.72
C GLU A 47 2.26 0.76 12.40
N VAL A 48 2.02 -0.54 12.29
CA VAL A 48 1.40 -1.08 11.09
C VAL A 48 -0.09 -0.80 11.11
N ASN A 49 -0.69 -1.05 12.28
CA ASN A 49 -2.12 -0.82 12.45
C ASN A 49 -2.47 0.58 11.94
N ASP A 50 -1.50 1.47 12.02
CA ASP A 50 -1.70 2.84 11.58
C ASP A 50 -1.93 2.85 10.06
N LEU A 51 -1.19 1.99 9.38
CA LEU A 51 -1.31 1.90 7.94
C LEU A 51 -2.52 1.03 7.58
N MET A 52 -2.77 0.06 8.44
CA MET A 52 -3.89 -0.85 8.23
C MET A 52 -5.22 -0.14 8.51
N ASN A 53 -5.14 0.91 9.31
CA ASN A 53 -6.33 1.67 9.66
C ASN A 53 -6.95 2.27 8.39
N GLU A 54 -6.09 2.90 7.60
CA GLU A 54 -6.54 3.51 6.36
C GLU A 54 -7.01 2.45 5.38
N ILE A 55 -6.14 1.47 5.13
CA ILE A 55 -6.46 0.39 4.22
C ILE A 55 -7.72 -0.32 4.71
N ASP A 56 -7.95 -0.23 6.02
CA ASP A 56 -9.11 -0.85 6.61
C ASP A 56 -10.35 0.00 6.34
N VAL A 57 -11.38 -0.65 5.82
CA VAL A 57 -12.62 0.03 5.50
C VAL A 57 -13.57 -0.06 6.71
N ASP A 58 -13.40 -1.11 7.47
CA ASP A 58 -14.25 -1.31 8.66
C ASP A 58 -13.38 -1.33 9.93
N GLY A 59 -12.09 -1.59 9.78
CA GLY A 59 -11.20 -1.63 10.93
C GLY A 59 -11.17 -3.02 11.55
N ASN A 60 -10.96 -4.01 10.69
CA ASN A 60 -10.90 -5.39 11.14
C ASN A 60 -9.46 -5.90 11.03
N HIS A 61 -8.60 -5.05 10.49
CA HIS A 61 -7.21 -5.40 10.33
C HIS A 61 -7.08 -6.53 9.30
N GLN A 62 -7.71 -6.32 8.16
CA GLN A 62 -7.67 -7.31 7.09
C GLN A 62 -7.79 -6.62 5.73
N ILE A 63 -6.74 -6.78 4.93
CA ILE A 63 -6.70 -6.19 3.61
C ILE A 63 -7.19 -7.21 2.59
N GLU A 64 -8.27 -6.85 1.89
CA GLU A 64 -8.83 -7.73 0.89
C GLU A 64 -8.47 -7.23 -0.52
N PHE A 65 -8.48 -8.16 -1.46
CA PHE A 65 -8.15 -7.83 -2.84
C PHE A 65 -8.84 -6.55 -3.27
N SER A 66 -9.96 -6.25 -2.61
CA SER A 66 -10.72 -5.06 -2.93
C SER A 66 -10.05 -3.83 -2.31
N GLU A 67 -9.82 -3.91 -1.01
CA GLU A 67 -9.18 -2.82 -0.29
C GLU A 67 -7.87 -2.43 -0.97
N PHE A 68 -7.01 -3.43 -1.12
CA PHE A 68 -5.71 -3.21 -1.74
C PHE A 68 -5.86 -2.35 -3.01
N LEU A 69 -6.92 -2.64 -3.76
CA LEU A 69 -7.17 -1.91 -4.99
C LEU A 69 -7.58 -0.47 -4.65
N ALA A 70 -8.46 -0.36 -3.66
CA ALA A 70 -8.93 0.95 -3.23
C ALA A 70 -7.73 1.87 -2.99
N LEU A 71 -6.70 1.30 -2.39
CA LEU A 71 -5.49 2.06 -2.11
C LEU A 71 -5.11 2.89 -3.33
N MET A 72 -5.32 2.29 -4.50
CA MET A 72 -5.00 2.97 -5.75
C MET A 72 -6.22 3.71 -6.29
N SER A 73 -7.39 3.25 -5.88
CA SER A 73 -8.64 3.86 -6.31
C SER A 73 -8.78 5.26 -5.70
N ARG A 74 -7.88 5.56 -4.77
CA ARG A 74 -7.89 6.84 -4.10
C ARG A 74 -7.18 7.90 -4.96
N GLN A 75 -5.93 7.60 -5.28
CA GLN A 75 -5.14 8.52 -6.08
C GLN A 75 -5.87 8.85 -7.39
N LEU A 76 -6.67 9.90 -7.32
CA LEU A 76 -7.43 10.34 -8.48
C LEU A 76 -8.14 11.66 -8.15
N LYS A 77 -8.33 12.46 -9.18
CA LYS A 77 -9.00 13.74 -9.03
C LYS A 77 -10.45 13.51 -8.59
N SER A 78 -10.90 12.28 -8.77
CA SER A 78 -12.26 11.92 -8.40
C SER A 78 -12.24 10.75 -7.41
N ASN A 79 -12.46 11.09 -6.15
CA ASN A 79 -12.47 10.09 -5.10
C ASN A 79 -12.87 10.75 -3.78
N ASP A 80 -14.02 10.32 -3.25
CA ASP A 80 -14.51 10.86 -2.00
C ASP A 80 -14.05 9.97 -0.85
N SER A 81 -12.73 9.85 -0.73
CA SER A 81 -12.15 9.03 0.33
C SER A 81 -10.68 9.41 0.52
N GLU A 82 -10.17 9.09 1.71
CA GLU A 82 -8.79 9.39 2.03
C GLU A 82 -7.89 9.14 0.82
N GLN A 83 -7.21 10.20 0.41
CA GLN A 83 -6.32 10.11 -0.73
C GLN A 83 -4.87 10.37 -0.30
N GLU A 84 -4.73 10.81 0.93
CA GLU A 84 -3.41 11.10 1.48
C GLU A 84 -2.63 9.80 1.67
N LEU A 85 -3.33 8.69 1.50
CA LEU A 85 -2.71 7.39 1.66
C LEU A 85 -1.59 7.23 0.63
N LEU A 86 -1.71 7.99 -0.45
CA LEU A 86 -0.72 7.96 -1.51
C LEU A 86 0.62 8.47 -0.97
N GLU A 87 0.55 9.08 0.21
CA GLU A 87 1.75 9.61 0.84
C GLU A 87 2.52 8.50 1.54
N ALA A 88 1.78 7.51 2.01
CA ALA A 88 2.38 6.38 2.70
C ALA A 88 2.84 5.33 1.68
N PHE A 89 2.40 5.54 0.44
CA PHE A 89 2.76 4.63 -0.64
C PHE A 89 3.59 5.34 -1.71
N LYS A 90 4.30 6.37 -1.26
CA LYS A 90 5.13 7.14 -2.17
C LYS A 90 6.52 6.49 -2.26
N VAL A 91 6.93 5.88 -1.15
CA VAL A 91 8.22 5.22 -1.10
C VAL A 91 8.43 4.41 -2.38
N PHE A 92 7.31 3.99 -2.96
CA PHE A 92 7.37 3.21 -4.18
C PHE A 92 7.71 4.10 -5.39
N ASP A 93 7.06 5.23 -5.44
CA ASP A 93 7.30 6.18 -6.55
C ASP A 93 8.71 6.78 -6.44
N LYS A 94 9.69 6.17 -7.08
CA LYS A 94 11.05 6.67 -7.02
C LYS A 94 11.29 7.65 -8.17
N ASN A 95 10.36 7.62 -9.12
CA ASN A 95 10.46 8.50 -10.28
C ASN A 95 9.92 9.88 -9.91
N GLY A 96 9.29 9.95 -8.74
CA GLY A 96 8.73 11.19 -8.26
C GLY A 96 7.48 11.57 -9.07
N ASP A 97 6.48 10.71 -8.97
CA ASP A 97 5.22 10.93 -9.68
C ASP A 97 4.11 11.21 -8.67
N GLY A 98 4.35 10.77 -7.43
CA GLY A 98 3.39 10.98 -6.37
C GLY A 98 2.25 9.95 -6.46
N LEU A 99 2.29 9.16 -7.52
CA LEU A 99 1.28 8.13 -7.73
C LEU A 99 1.96 6.82 -8.12
N ILE A 100 1.44 5.73 -7.55
CA ILE A 100 1.98 4.42 -7.82
C ILE A 100 0.92 3.57 -8.53
N SER A 101 1.39 2.65 -9.36
CA SER A 101 0.51 1.77 -10.09
C SER A 101 0.66 0.33 -9.59
N ALA A 102 0.03 -0.58 -10.32
CA ALA A 102 0.09 -1.99 -9.97
C ALA A 102 1.44 -2.58 -10.40
N ALA A 103 2.02 -1.93 -11.41
CA ALA A 103 3.30 -2.37 -11.93
C ALA A 103 4.42 -1.72 -11.12
N GLU A 104 4.06 -0.71 -10.35
CA GLU A 104 5.02 0.00 -9.53
C GLU A 104 5.20 -0.72 -8.19
N LEU A 105 4.12 -0.74 -7.42
CA LEU A 105 4.14 -1.38 -6.11
C LEU A 105 4.53 -2.84 -6.28
N LYS A 106 4.29 -3.36 -7.48
CA LYS A 106 4.60 -4.75 -7.78
C LYS A 106 6.08 -4.85 -8.16
N HIS A 107 6.57 -3.79 -8.79
CA HIS A 107 7.96 -3.76 -9.20
C HIS A 107 8.84 -3.25 -8.05
N VAL A 108 8.17 -2.66 -7.07
CA VAL A 108 8.87 -2.13 -5.91
C VAL A 108 9.53 -3.28 -5.16
N LEU A 109 8.93 -4.46 -5.27
CA LEU A 109 9.44 -5.63 -4.59
C LEU A 109 10.96 -5.69 -4.77
N THR A 110 11.42 -5.10 -5.86
CA THR A 110 12.85 -5.07 -6.16
C THR A 110 13.43 -3.71 -5.84
N SER A 111 12.57 -2.69 -5.91
CA SER A 111 13.00 -1.33 -5.63
C SER A 111 13.62 -1.25 -4.24
N ILE A 112 13.33 -2.26 -3.44
CA ILE A 112 13.86 -2.32 -2.08
C ILE A 112 15.32 -1.86 -2.09
N GLY A 113 15.69 -1.20 -1.01
CA GLY A 113 17.06 -0.70 -0.88
C GLY A 113 17.13 0.45 0.12
N GLU A 114 18.25 1.14 0.10
CA GLU A 114 18.47 2.26 1.01
C GLU A 114 17.79 3.53 0.45
N LYS A 115 17.91 4.60 1.21
CA LYS A 115 17.31 5.86 0.81
C LYS A 115 15.84 5.65 0.47
N LEU A 116 15.20 4.82 1.28
CA LEU A 116 13.79 4.53 1.08
C LEU A 116 13.02 4.77 2.38
N THR A 117 11.94 5.51 2.27
CA THR A 117 11.12 5.82 3.42
C THR A 117 9.70 6.17 3.00
N ASP A 118 8.76 5.88 3.87
CA ASP A 118 7.36 6.17 3.60
C ASP A 118 7.02 7.58 4.08
N ALA A 119 8.04 8.25 4.60
CA ALA A 119 7.87 9.61 5.08
C ALA A 119 8.18 10.60 3.96
N GLU A 120 8.07 10.10 2.73
CA GLU A 120 8.35 10.93 1.57
C GLU A 120 7.39 12.13 1.54
N LEU A 121 6.10 11.83 1.53
CA LEU A 121 5.09 12.86 1.50
C LEU A 121 4.29 12.82 2.81
N GLU A 122 4.54 11.78 3.58
CA GLU A 122 3.84 11.60 4.85
C GLU A 122 4.42 12.55 5.90
N HIS A 123 4.45 13.83 5.55
CA HIS A 123 4.97 14.84 6.45
C HIS A 123 3.84 15.39 7.32
N HIS A 124 3.78 14.90 8.55
CA HIS A 124 2.76 15.32 9.48
C HIS A 124 3.23 15.05 10.92
N HIS A 125 3.58 16.14 11.60
CA HIS A 125 4.06 16.04 12.97
C HIS A 125 3.02 16.66 13.91
N HIS A 126 1.82 16.09 13.88
CA HIS A 126 0.74 16.59 14.72
C HIS A 126 0.30 15.48 15.68
N HIS A 127 0.99 15.45 16.82
CA HIS A 127 0.68 14.45 17.84
C HIS A 127 -0.74 14.65 18.35
N HIS A 128 -1.52 13.59 18.31
CA HIS A 128 -2.90 13.64 18.77
C HIS A 128 -2.96 13.22 20.24
CA CA B . -2.52 -13.84 4.61
CA CA C . -10.68 -4.05 6.33
CA CA D . 4.76 6.43 -11.03
N SER A 1 -11.43 8.55 -15.65
CA SER A 1 -10.12 8.03 -16.00
C SER A 1 -9.48 7.36 -14.79
N SER A 2 -8.31 6.78 -15.02
CA SER A 2 -7.59 6.10 -13.96
C SER A 2 -8.52 5.12 -13.23
N ASN A 3 -9.16 4.28 -14.02
CA ASN A 3 -10.09 3.30 -13.47
C ASN A 3 -9.46 1.91 -13.55
N LEU A 4 -9.79 1.07 -12.59
CA LEU A 4 -9.27 -0.29 -12.55
C LEU A 4 -10.08 -1.16 -13.52
N THR A 5 -9.35 -1.88 -14.36
CA THR A 5 -9.98 -2.76 -15.33
C THR A 5 -9.55 -4.20 -15.11
N GLU A 6 -10.04 -5.08 -15.96
CA GLU A 6 -9.72 -6.49 -15.87
C GLU A 6 -8.21 -6.69 -15.81
N GLU A 7 -7.52 -6.00 -16.71
CA GLU A 7 -6.07 -6.08 -16.77
C GLU A 7 -5.46 -5.80 -15.39
N GLN A 8 -5.54 -4.54 -15.00
CA GLN A 8 -5.01 -4.13 -13.71
C GLN A 8 -5.39 -5.13 -12.63
N ILE A 9 -6.70 -5.32 -12.47
CA ILE A 9 -7.21 -6.24 -11.48
C ILE A 9 -6.35 -7.51 -11.48
N ALA A 10 -6.13 -8.03 -12.67
CA ALA A 10 -5.33 -9.24 -12.83
C ALA A 10 -3.90 -8.95 -12.36
N GLU A 11 -3.39 -7.81 -12.78
CA GLU A 11 -2.04 -7.41 -12.42
C GLU A 11 -1.89 -7.38 -10.89
N PHE A 12 -2.98 -7.04 -10.23
CA PHE A 12 -2.97 -6.97 -8.78
C PHE A 12 -3.12 -8.37 -8.16
N LYS A 13 -3.88 -9.20 -8.86
CA LYS A 13 -4.11 -10.56 -8.39
C LYS A 13 -2.78 -11.19 -7.98
N GLU A 14 -1.70 -10.67 -8.58
CA GLU A 14 -0.37 -11.18 -8.29
C GLU A 14 0.26 -10.38 -7.14
N ALA A 15 0.41 -9.09 -7.38
CA ALA A 15 0.99 -8.20 -6.38
C ALA A 15 0.44 -8.58 -5.00
N PHE A 16 -0.78 -9.09 -5.00
CA PHE A 16 -1.42 -9.49 -3.76
C PHE A 16 -0.80 -10.77 -3.21
N ALA A 17 -0.86 -11.82 -4.03
CA ALA A 17 -0.32 -13.11 -3.64
C ALA A 17 1.16 -12.93 -3.26
N LEU A 18 1.78 -11.92 -3.86
CA LEU A 18 3.18 -11.64 -3.61
C LEU A 18 3.38 -11.45 -2.10
N PHE A 19 2.36 -10.92 -1.45
CA PHE A 19 2.42 -10.67 -0.02
C PHE A 19 1.70 -11.78 0.75
N ASP A 20 0.48 -12.07 0.32
CA ASP A 20 -0.32 -13.10 0.96
C ASP A 20 0.45 -14.42 0.93
N LYS A 21 0.43 -15.11 2.07
CA LYS A 21 1.12 -16.38 2.18
C LYS A 21 0.24 -17.49 1.58
N ASP A 22 -0.88 -17.71 2.22
CA ASP A 22 -1.81 -18.76 1.74
C ASP A 22 -2.74 -18.18 0.65
N ASN A 23 -2.53 -16.92 0.29
CA ASN A 23 -3.36 -16.30 -0.72
C ASN A 23 -4.82 -16.68 -0.49
N ASN A 24 -5.31 -16.32 0.69
CA ASN A 24 -6.68 -16.62 1.05
C ASN A 24 -7.57 -15.44 0.67
N GLY A 25 -6.93 -14.31 0.42
CA GLY A 25 -7.65 -13.11 0.04
C GLY A 25 -7.49 -12.02 1.10
N SER A 26 -7.22 -12.47 2.32
CA SER A 26 -7.05 -11.55 3.43
C SER A 26 -5.59 -11.55 3.89
N ILE A 27 -5.10 -10.39 4.27
CA ILE A 27 -3.73 -10.25 4.74
C ILE A 27 -3.72 -9.53 6.08
N SER A 28 -2.80 -9.94 6.94
CA SER A 28 -2.67 -9.34 8.26
C SER A 28 -1.33 -8.63 8.39
N SER A 29 -1.33 -7.56 9.17
CA SER A 29 -0.11 -6.79 9.38
C SER A 29 1.07 -7.74 9.65
N SER A 30 0.77 -8.84 10.30
CA SER A 30 1.78 -9.84 10.62
C SER A 30 2.39 -10.39 9.33
N GLU A 31 1.55 -11.06 8.56
CA GLU A 31 2.00 -11.64 7.30
C GLU A 31 2.66 -10.58 6.43
N LEU A 32 2.10 -9.39 6.47
CA LEU A 32 2.62 -8.28 5.69
C LEU A 32 4.04 -7.96 6.17
N ALA A 33 4.20 -7.92 7.47
CA ALA A 33 5.50 -7.63 8.06
C ALA A 33 6.48 -8.74 7.69
N THR A 34 6.00 -9.97 7.76
CA THR A 34 6.82 -11.12 7.44
C THR A 34 7.57 -10.89 6.13
N VAL A 35 6.98 -10.06 5.29
CA VAL A 35 7.57 -9.74 4.00
C VAL A 35 8.62 -8.63 4.19
N MET A 36 8.26 -7.65 5.01
CA MET A 36 9.14 -6.53 5.27
C MET A 36 10.47 -7.02 5.87
N ARG A 37 10.35 -7.96 6.79
CA ARG A 37 11.52 -8.51 7.45
C ARG A 37 12.46 -9.15 6.42
N SER A 38 11.87 -9.55 5.30
CA SER A 38 12.63 -10.17 4.23
C SER A 38 13.40 -9.11 3.44
N LEU A 39 12.67 -8.06 3.07
CA LEU A 39 13.27 -6.98 2.32
C LEU A 39 14.58 -6.54 3.00
N GLY A 40 14.44 -6.11 4.24
CA GLY A 40 15.60 -5.67 5.01
C GLY A 40 15.17 -4.91 6.26
N LEU A 41 14.02 -4.26 6.15
CA LEU A 41 13.48 -3.49 7.27
C LEU A 41 12.67 -4.42 8.18
N SER A 42 12.51 -3.98 9.41
CA SER A 42 11.76 -4.75 10.39
C SER A 42 10.66 -3.89 11.02
N PRO A 43 9.48 -3.87 10.34
CA PRO A 43 8.35 -3.10 10.81
C PRO A 43 7.69 -3.77 12.02
N SER A 44 7.29 -2.94 12.97
CA SER A 44 6.63 -3.44 14.17
C SER A 44 5.13 -3.57 13.94
N GLU A 45 4.55 -4.60 14.54
CA GLU A 45 3.12 -4.82 14.41
C GLU A 45 2.36 -3.50 14.45
N ALA A 46 2.83 -2.61 15.30
CA ALA A 46 2.21 -1.30 15.45
C ALA A 46 2.52 -0.46 14.21
N GLU A 47 3.79 -0.43 13.85
CA GLU A 47 4.22 0.33 12.68
C GLU A 47 3.44 -0.12 11.44
N VAL A 48 3.09 -1.40 11.43
CA VAL A 48 2.36 -1.97 10.31
C VAL A 48 0.89 -1.51 10.38
N ASN A 49 0.32 -1.64 11.58
CA ASN A 49 -1.06 -1.24 11.80
C ASN A 49 -1.29 0.14 11.18
N ASP A 50 -0.25 0.94 11.21
CA ASP A 50 -0.33 2.29 10.65
C ASP A 50 -0.64 2.21 9.17
N LEU A 51 0.02 1.26 8.50
CA LEU A 51 -0.18 1.07 7.08
C LEU A 51 -1.50 0.31 6.85
N MET A 52 -1.81 -0.56 7.80
CA MET A 52 -3.03 -1.34 7.71
C MET A 52 -4.26 -0.48 7.98
N ASN A 53 -4.04 0.61 8.70
CA ASN A 53 -5.11 1.53 9.02
C ASN A 53 -5.70 2.11 7.74
N GLU A 54 -4.81 2.61 6.89
CA GLU A 54 -5.22 3.19 5.63
C GLU A 54 -5.83 2.12 4.72
N ILE A 55 -5.08 1.05 4.54
CA ILE A 55 -5.53 -0.05 3.70
C ILE A 55 -6.84 -0.62 4.28
N ASP A 56 -7.01 -0.42 5.57
CA ASP A 56 -8.20 -0.91 6.25
C ASP A 56 -9.38 0.01 5.92
N VAL A 57 -10.45 -0.60 5.45
CA VAL A 57 -11.64 0.15 5.09
C VAL A 57 -12.58 0.21 6.31
N ASP A 58 -12.57 -0.84 7.06
CA ASP A 58 -13.44 -0.90 8.28
C ASP A 58 -12.57 -0.95 9.54
N GLY A 59 -11.31 -1.35 9.41
CA GLY A 59 -10.42 -1.43 10.55
C GLY A 59 -10.57 -2.78 11.27
N ASN A 60 -10.42 -3.84 10.49
CA ASN A 60 -10.54 -5.19 11.02
C ASN A 60 -9.16 -5.85 11.01
N HIS A 61 -8.24 -5.22 10.29
CA HIS A 61 -6.89 -5.75 10.19
C HIS A 61 -6.85 -6.87 9.15
N GLN A 62 -7.48 -6.61 8.02
CA GLN A 62 -7.52 -7.59 6.94
C GLN A 62 -7.58 -6.89 5.59
N ILE A 63 -6.55 -7.13 4.79
CA ILE A 63 -6.47 -6.53 3.47
C ILE A 63 -7.10 -7.48 2.44
N GLU A 64 -8.13 -6.99 1.77
CA GLU A 64 -8.82 -7.78 0.76
C GLU A 64 -8.46 -7.28 -0.64
N PHE A 65 -8.58 -8.18 -1.60
CA PHE A 65 -8.28 -7.85 -2.98
C PHE A 65 -8.93 -6.52 -3.39
N SER A 66 -10.02 -6.20 -2.70
CA SER A 66 -10.74 -4.97 -2.97
C SER A 66 -9.99 -3.78 -2.38
N GLU A 67 -9.64 -3.92 -1.10
CA GLU A 67 -8.93 -2.86 -0.42
C GLU A 67 -7.62 -2.54 -1.14
N PHE A 68 -6.83 -3.58 -1.36
CA PHE A 68 -5.55 -3.42 -2.04
C PHE A 68 -5.70 -2.53 -3.29
N LEU A 69 -6.78 -2.77 -4.01
CA LEU A 69 -7.06 -2.00 -5.22
C LEU A 69 -7.60 -0.62 -4.82
N ALA A 70 -8.27 -0.59 -3.68
CA ALA A 70 -8.84 0.66 -3.19
C ALA A 70 -7.70 1.62 -2.81
N LEU A 71 -6.54 1.04 -2.59
CA LEU A 71 -5.37 1.82 -2.22
C LEU A 71 -5.05 2.82 -3.33
N MET A 72 -5.29 2.38 -4.56
CA MET A 72 -5.03 3.22 -5.72
C MET A 72 -6.33 3.86 -6.22
N SER A 73 -7.44 3.33 -5.74
CA SER A 73 -8.75 3.83 -6.13
C SER A 73 -9.10 5.06 -5.29
N ARG A 74 -8.59 5.07 -4.07
CA ARG A 74 -8.85 6.16 -3.15
C ARG A 74 -7.83 7.28 -3.37
N GLN A 75 -6.77 6.95 -4.09
CA GLN A 75 -5.73 7.91 -4.37
C GLN A 75 -6.28 9.08 -5.18
N LEU A 76 -7.48 8.89 -5.70
CA LEU A 76 -8.14 9.91 -6.50
C LEU A 76 -8.21 11.20 -5.69
N LYS A 77 -8.88 12.18 -6.27
CA LYS A 77 -9.02 13.48 -5.61
C LYS A 77 -10.50 13.75 -5.35
N SER A 78 -11.34 12.84 -5.85
CA SER A 78 -12.78 12.97 -5.67
C SER A 78 -13.09 13.49 -4.27
N ASN A 79 -12.43 12.87 -3.29
CA ASN A 79 -12.63 13.26 -1.90
C ASN A 79 -12.29 14.73 -1.73
N ASP A 80 -13.09 15.40 -0.90
CA ASP A 80 -12.89 16.82 -0.65
C ASP A 80 -11.39 17.10 -0.53
N SER A 81 -10.66 16.09 -0.06
CA SER A 81 -9.23 16.22 0.11
C SER A 81 -8.58 14.83 0.15
N GLU A 82 -7.45 14.72 -0.53
CA GLU A 82 -6.72 13.46 -0.57
C GLU A 82 -6.63 12.85 0.82
N GLN A 83 -6.16 11.61 0.87
CA GLN A 83 -6.03 10.90 2.13
C GLN A 83 -4.55 10.76 2.49
N GLU A 84 -4.31 10.01 3.56
CA GLU A 84 -2.95 9.79 4.03
C GLU A 84 -2.39 8.50 3.44
N LEU A 85 -3.30 7.64 3.01
CA LEU A 85 -2.91 6.36 2.42
C LEU A 85 -1.67 6.57 1.53
N LEU A 86 -1.87 7.36 0.48
CA LEU A 86 -0.79 7.66 -0.45
C LEU A 86 0.44 8.12 0.34
N GLU A 87 0.23 9.14 1.15
CA GLU A 87 1.31 9.68 1.96
C GLU A 87 2.01 8.56 2.74
N ALA A 88 1.29 7.46 2.90
CA ALA A 88 1.82 6.32 3.62
C ALA A 88 2.44 5.33 2.62
N PHE A 89 1.96 5.40 1.39
CA PHE A 89 2.45 4.52 0.34
C PHE A 89 3.42 5.27 -0.58
N LYS A 90 3.76 6.48 -0.16
CA LYS A 90 4.68 7.31 -0.94
C LYS A 90 6.05 6.62 -0.99
N VAL A 91 6.27 5.74 -0.04
CA VAL A 91 7.53 5.01 0.04
C VAL A 91 7.81 4.33 -1.30
N PHE A 92 6.78 3.66 -1.80
CA PHE A 92 6.90 2.96 -3.07
C PHE A 92 7.24 3.93 -4.20
N ASP A 93 6.86 5.16 -4.01
CA ASP A 93 7.13 6.20 -5.03
C ASP A 93 8.57 6.73 -4.87
N LYS A 94 9.55 5.98 -5.33
CA LYS A 94 10.94 6.40 -5.20
C LYS A 94 11.22 7.50 -6.23
N ASN A 95 10.31 7.62 -7.18
CA ASN A 95 10.44 8.63 -8.23
C ASN A 95 9.85 9.95 -7.73
N GLY A 96 9.06 9.85 -6.67
CA GLY A 96 8.43 11.02 -6.10
C GLY A 96 7.48 11.68 -7.10
N ASP A 97 6.35 11.02 -7.32
CA ASP A 97 5.36 11.54 -8.25
C ASP A 97 4.12 11.96 -7.47
N GLY A 98 3.98 11.42 -6.27
CA GLY A 98 2.85 11.74 -5.42
C GLY A 98 1.70 10.74 -5.63
N LEU A 99 2.05 9.61 -6.24
CA LEU A 99 1.07 8.57 -6.52
C LEU A 99 1.80 7.28 -6.89
N ILE A 100 1.27 6.18 -6.37
CA ILE A 100 1.85 4.87 -6.64
C ILE A 100 0.87 4.03 -7.45
N SER A 101 1.42 3.15 -8.27
CA SER A 101 0.60 2.29 -9.11
C SER A 101 0.71 0.84 -8.62
N ALA A 102 0.29 -0.07 -9.49
CA ALA A 102 0.33 -1.49 -9.16
C ALA A 102 1.76 -2.01 -9.32
N ALA A 103 2.21 -2.01 -10.56
CA ALA A 103 3.56 -2.47 -10.86
C ALA A 103 4.55 -1.78 -9.93
N GLU A 104 4.17 -0.60 -9.47
CA GLU A 104 5.01 0.17 -8.57
C GLU A 104 5.19 -0.58 -7.25
N LEU A 105 4.10 -0.65 -6.50
CA LEU A 105 4.13 -1.34 -5.21
C LEU A 105 4.56 -2.79 -5.42
N LYS A 106 4.42 -3.25 -6.66
CA LYS A 106 4.78 -4.61 -7.00
C LYS A 106 6.30 -4.71 -7.14
N HIS A 107 6.88 -3.66 -7.71
CA HIS A 107 8.32 -3.63 -7.91
C HIS A 107 9.01 -3.32 -6.58
N VAL A 108 8.21 -2.85 -5.63
CA VAL A 108 8.73 -2.52 -4.32
C VAL A 108 9.37 -3.77 -3.70
N LEU A 109 8.81 -4.92 -4.04
CA LEU A 109 9.30 -6.18 -3.53
C LEU A 109 10.76 -6.37 -3.98
N THR A 110 11.08 -5.71 -5.07
CA THR A 110 12.43 -5.80 -5.62
C THR A 110 13.24 -4.55 -5.22
N SER A 111 12.54 -3.56 -4.70
CA SER A 111 13.17 -2.32 -4.29
C SER A 111 14.22 -2.60 -3.21
N ILE A 112 13.72 -3.03 -2.06
CA ILE A 112 14.60 -3.34 -0.94
C ILE A 112 15.20 -2.05 -0.40
N GLY A 113 14.71 -0.94 -0.92
CA GLY A 113 15.19 0.38 -0.51
C GLY A 113 14.66 0.73 0.88
N GLU A 114 15.59 1.01 1.79
CA GLU A 114 15.22 1.36 3.15
C GLU A 114 14.90 2.85 3.24
N LYS A 115 15.65 3.63 2.48
CA LYS A 115 15.46 5.07 2.46
C LYS A 115 14.01 5.38 2.08
N LEU A 116 13.16 5.44 3.09
CA LEU A 116 11.75 5.72 2.88
C LEU A 116 11.07 5.95 4.24
N THR A 117 9.97 6.68 4.19
CA THR A 117 9.22 6.97 5.40
C THR A 117 7.78 7.34 5.06
N ASP A 118 6.92 7.21 6.05
CA ASP A 118 5.51 7.53 5.87
C ASP A 118 5.28 9.01 6.14
N ALA A 119 6.34 9.67 6.58
CA ALA A 119 6.28 11.10 6.89
C ALA A 119 6.67 11.90 5.65
N GLU A 120 6.53 11.25 4.49
CA GLU A 120 6.87 11.89 3.23
C GLU A 120 5.86 12.98 2.91
N LEU A 121 4.60 12.57 2.78
CA LEU A 121 3.53 13.51 2.46
C LEU A 121 2.63 13.67 3.69
N GLU A 122 2.85 12.80 4.66
CA GLU A 122 2.06 12.84 5.89
C GLU A 122 2.46 14.03 6.74
N HIS A 123 3.44 14.78 6.24
CA HIS A 123 3.93 15.95 6.95
C HIS A 123 2.85 17.03 6.94
N HIS A 124 3.24 18.22 7.41
CA HIS A 124 2.31 19.34 7.47
C HIS A 124 2.27 20.04 6.11
N HIS A 125 1.18 19.81 5.39
CA HIS A 125 1.01 20.41 4.07
C HIS A 125 -0.39 21.00 3.96
N HIS A 126 -1.36 20.12 3.77
CA HIS A 126 -2.75 20.54 3.65
C HIS A 126 -3.55 20.01 4.84
N HIS A 127 -3.86 18.73 4.79
CA HIS A 127 -4.61 18.09 5.85
C HIS A 127 -6.04 18.65 5.87
N HIS A 128 -6.55 18.92 4.67
CA HIS A 128 -7.89 19.45 4.54
C HIS A 128 -8.90 18.30 4.44
CA CA B . -2.93 -14.51 4.53
CA CA C . -10.02 -3.96 6.32
CA CA D . 4.88 6.98 -9.51
N SER A 1 -10.97 9.08 -11.95
CA SER A 1 -11.51 7.76 -12.21
C SER A 1 -12.08 7.16 -10.91
N SER A 2 -13.05 6.27 -11.08
CA SER A 2 -13.69 5.63 -9.94
C SER A 2 -12.76 4.55 -9.36
N ASN A 3 -12.59 3.49 -10.13
CA ASN A 3 -11.74 2.39 -9.70
C ASN A 3 -10.83 1.99 -10.87
N LEU A 4 -9.74 1.31 -10.51
CA LEU A 4 -8.78 0.86 -11.51
C LEU A 4 -9.51 0.03 -12.57
N THR A 5 -8.75 -0.36 -13.58
CA THR A 5 -9.31 -1.15 -14.67
C THR A 5 -8.96 -2.63 -14.49
N GLU A 6 -9.72 -3.47 -15.17
CA GLU A 6 -9.51 -4.90 -15.09
C GLU A 6 -8.04 -5.24 -15.35
N GLU A 7 -7.48 -4.59 -16.37
CA GLU A 7 -6.09 -4.82 -16.72
C GLU A 7 -5.19 -4.66 -15.49
N GLN A 8 -5.39 -3.54 -14.80
CA GLN A 8 -4.61 -3.25 -13.61
C GLN A 8 -4.76 -4.39 -12.59
N ILE A 9 -6.00 -4.66 -12.25
CA ILE A 9 -6.28 -5.73 -11.28
C ILE A 9 -5.54 -6.99 -11.71
N ALA A 10 -5.59 -7.28 -13.00
CA ALA A 10 -4.93 -8.45 -13.53
C ALA A 10 -3.46 -8.45 -13.10
N GLU A 11 -2.87 -7.26 -13.13
CA GLU A 11 -1.47 -7.11 -12.74
C GLU A 11 -1.33 -7.28 -11.22
N PHE A 12 -2.38 -6.90 -10.51
CA PHE A 12 -2.38 -7.00 -9.07
C PHE A 12 -2.56 -8.45 -8.62
N LYS A 13 -3.24 -9.22 -9.46
CA LYS A 13 -3.48 -10.62 -9.16
C LYS A 13 -2.17 -11.28 -8.72
N GLU A 14 -1.09 -10.80 -9.29
CA GLU A 14 0.23 -11.33 -8.97
C GLU A 14 0.87 -10.52 -7.85
N ALA A 15 1.03 -9.23 -8.10
CA ALA A 15 1.62 -8.33 -7.12
C ALA A 15 1.09 -8.68 -5.73
N PHE A 16 -0.14 -9.19 -5.70
CA PHE A 16 -0.76 -9.57 -4.45
C PHE A 16 -0.30 -10.96 -4.01
N ALA A 17 -0.29 -11.88 -4.96
CA ALA A 17 0.13 -13.24 -4.68
C ALA A 17 1.54 -13.23 -4.09
N LEU A 18 2.32 -12.25 -4.53
CA LEU A 18 3.69 -12.12 -4.06
C LEU A 18 3.69 -11.99 -2.53
N PHE A 19 2.61 -11.43 -2.02
CA PHE A 19 2.46 -11.26 -0.59
C PHE A 19 1.70 -12.42 0.04
N ASP A 20 0.54 -12.71 -0.55
CA ASP A 20 -0.30 -13.79 -0.07
C ASP A 20 0.55 -15.06 0.07
N LYS A 21 0.33 -15.77 1.16
CA LYS A 21 1.06 -17.00 1.42
C LYS A 21 0.36 -18.16 0.69
N ASP A 22 -0.84 -18.43 1.11
CA ASP A 22 -1.62 -19.53 0.48
C ASP A 22 -2.34 -19.01 -0.77
N ASN A 23 -2.30 -17.71 -1.01
CA ASN A 23 -2.96 -17.13 -2.16
C ASN A 23 -4.47 -17.26 -1.99
N ASN A 24 -4.96 -16.74 -0.88
CA ASN A 24 -6.38 -16.79 -0.58
C ASN A 24 -7.06 -15.53 -1.13
N GLY A 25 -6.25 -14.51 -1.34
CA GLY A 25 -6.75 -13.24 -1.84
C GLY A 25 -6.66 -12.14 -0.78
N SER A 26 -6.68 -12.57 0.47
CA SER A 26 -6.59 -11.63 1.58
C SER A 26 -5.31 -11.87 2.37
N ILE A 27 -4.72 -10.78 2.84
CA ILE A 27 -3.49 -10.87 3.61
C ILE A 27 -3.78 -10.48 5.06
N SER A 28 -3.05 -11.10 5.96
CA SER A 28 -3.22 -10.83 7.39
C SER A 28 -1.98 -10.13 7.93
N SER A 29 -2.17 -9.39 9.02
CA SER A 29 -1.09 -8.66 9.65
C SER A 29 0.13 -9.58 9.80
N SER A 30 -0.14 -10.82 10.18
CA SER A 30 0.92 -11.79 10.37
C SER A 30 1.59 -12.10 9.03
N GLU A 31 0.80 -12.64 8.11
CA GLU A 31 1.30 -12.99 6.80
C GLU A 31 2.01 -11.79 6.17
N LEU A 32 1.63 -10.60 6.63
CA LEU A 32 2.22 -9.37 6.13
C LEU A 32 3.57 -9.14 6.81
N ALA A 33 3.57 -9.30 8.13
CA ALA A 33 4.78 -9.13 8.91
C ALA A 33 5.80 -10.19 8.51
N THR A 34 5.29 -11.30 8.00
CA THR A 34 6.15 -12.39 7.57
C THR A 34 6.86 -12.03 6.27
N VAL A 35 6.28 -11.08 5.55
CA VAL A 35 6.86 -10.63 4.29
C VAL A 35 7.94 -9.58 4.57
N MET A 36 7.56 -8.60 5.37
CA MET A 36 8.49 -7.53 5.73
C MET A 36 9.85 -8.11 6.15
N ARG A 37 9.80 -9.01 7.12
CA ARG A 37 11.02 -9.63 7.61
C ARG A 37 11.93 -10.02 6.45
N SER A 38 11.31 -10.53 5.40
CA SER A 38 12.05 -10.94 4.21
C SER A 38 12.76 -9.73 3.59
N LEU A 39 12.03 -8.63 3.52
CA LEU A 39 12.56 -7.41 2.96
C LEU A 39 13.78 -6.97 3.77
N GLY A 40 13.52 -6.65 5.03
CA GLY A 40 14.58 -6.21 5.92
C GLY A 40 14.02 -5.77 7.27
N LEU A 41 12.85 -5.14 7.21
CA LEU A 41 12.20 -4.67 8.42
C LEU A 41 11.29 -5.77 8.97
N SER A 42 10.92 -5.60 10.23
CA SER A 42 10.06 -6.58 10.89
C SER A 42 9.08 -5.87 11.82
N PRO A 43 7.87 -5.57 11.28
CA PRO A 43 6.84 -4.90 12.04
C PRO A 43 6.19 -5.85 13.05
N SER A 44 5.90 -5.30 14.23
CA SER A 44 5.28 -6.09 15.28
C SER A 44 3.79 -6.27 14.99
N GLU A 45 3.27 -7.41 15.42
CA GLU A 45 1.86 -7.71 15.23
C GLU A 45 1.00 -6.50 15.59
N ALA A 46 1.20 -6.03 16.81
CA ALA A 46 0.45 -4.88 17.29
C ALA A 46 0.77 -3.67 16.43
N GLU A 47 1.96 -3.70 15.84
CA GLU A 47 2.40 -2.61 14.99
C GLU A 47 1.79 -2.75 13.59
N VAL A 48 1.45 -3.99 13.25
CA VAL A 48 0.87 -4.27 11.95
C VAL A 48 -0.63 -3.96 11.99
N ASN A 49 -1.26 -4.37 13.09
CA ASN A 49 -2.69 -4.15 13.26
C ASN A 49 -2.97 -2.65 13.17
N ASP A 50 -1.91 -1.86 13.34
CA ASP A 50 -2.04 -0.42 13.29
C ASP A 50 -2.03 0.04 11.83
N LEU A 51 -1.02 -0.42 11.11
CA LEU A 51 -0.88 -0.08 9.71
C LEU A 51 -2.01 -0.72 8.91
N MET A 52 -2.59 -1.76 9.49
CA MET A 52 -3.68 -2.47 8.86
C MET A 52 -5.04 -1.85 9.24
N ASN A 53 -5.00 -1.01 10.25
CA ASN A 53 -6.21 -0.35 10.72
C ASN A 53 -6.65 0.70 9.70
N GLU A 54 -5.66 1.23 8.99
CA GLU A 54 -5.91 2.24 7.97
C GLU A 54 -6.49 1.59 6.71
N ILE A 55 -5.96 0.42 6.39
CA ILE A 55 -6.41 -0.31 5.22
C ILE A 55 -7.69 -1.08 5.56
N ASP A 56 -7.88 -1.29 6.85
CA ASP A 56 -9.05 -2.01 7.32
C ASP A 56 -10.24 -1.07 7.38
N VAL A 57 -11.26 -1.41 6.61
CA VAL A 57 -12.47 -0.59 6.56
C VAL A 57 -13.48 -1.12 7.58
N ASP A 58 -13.31 -2.36 7.94
CA ASP A 58 -14.21 -2.99 8.94
C ASP A 58 -13.42 -3.39 10.19
N GLY A 59 -12.11 -3.52 10.07
CA GLY A 59 -11.28 -3.91 11.20
C GLY A 59 -11.30 -5.43 11.40
N ASN A 60 -11.05 -6.14 10.31
CA ASN A 60 -11.04 -7.59 10.35
C ASN A 60 -9.59 -8.09 10.22
N HIS A 61 -8.69 -7.14 10.00
CA HIS A 61 -7.29 -7.47 9.85
C HIS A 61 -7.08 -8.34 8.61
N GLN A 62 -7.66 -7.87 7.51
CA GLN A 62 -7.54 -8.60 6.25
C GLN A 62 -7.63 -7.63 5.07
N ILE A 63 -6.56 -7.59 4.30
CA ILE A 63 -6.50 -6.71 3.14
C ILE A 63 -7.06 -7.45 1.92
N GLU A 64 -8.13 -6.90 1.38
CA GLU A 64 -8.78 -7.49 0.22
C GLU A 64 -8.19 -6.91 -1.07
N PHE A 65 -8.62 -7.46 -2.19
CA PHE A 65 -8.15 -7.01 -3.48
C PHE A 65 -8.64 -5.59 -3.78
N SER A 66 -9.79 -5.26 -3.20
CA SER A 66 -10.38 -3.95 -3.40
C SER A 66 -9.66 -2.91 -2.53
N GLU A 67 -9.51 -3.27 -1.27
CA GLU A 67 -8.85 -2.39 -0.31
C GLU A 67 -7.41 -2.09 -0.77
N PHE A 68 -6.64 -3.16 -0.93
CA PHE A 68 -5.26 -3.03 -1.36
C PHE A 68 -5.14 -2.04 -2.53
N LEU A 69 -6.09 -2.14 -3.45
CA LEU A 69 -6.10 -1.27 -4.61
C LEU A 69 -6.66 0.10 -4.20
N ALA A 70 -7.56 0.07 -3.23
CA ALA A 70 -8.16 1.30 -2.74
C ALA A 70 -7.07 2.25 -2.24
N LEU A 71 -6.00 1.65 -1.75
CA LEU A 71 -4.88 2.42 -1.24
C LEU A 71 -4.28 3.25 -2.37
N MET A 72 -4.44 2.74 -3.59
CA MET A 72 -3.93 3.43 -4.76
C MET A 72 -5.05 4.12 -5.53
N SER A 73 -6.26 3.93 -5.04
CA SER A 73 -7.43 4.52 -5.67
C SER A 73 -7.95 5.69 -4.84
N ARG A 74 -7.53 5.71 -3.58
CA ARG A 74 -7.94 6.77 -2.67
C ARG A 74 -7.03 7.99 -2.82
N GLN A 75 -6.20 7.93 -3.86
CA GLN A 75 -5.27 9.02 -4.12
C GLN A 75 -6.04 10.33 -4.33
N LEU A 76 -5.28 11.37 -4.65
CA LEU A 76 -5.87 12.68 -4.88
C LEU A 76 -6.68 12.65 -6.18
N LYS A 77 -7.82 11.96 -6.12
CA LYS A 77 -8.69 11.85 -7.27
C LYS A 77 -9.97 11.11 -6.87
N SER A 78 -11.08 11.58 -7.42
CA SER A 78 -12.37 10.98 -7.13
C SER A 78 -12.45 10.60 -5.65
N ASN A 79 -11.74 11.36 -4.83
CA ASN A 79 -11.72 11.12 -3.40
C ASN A 79 -10.91 12.22 -2.71
N ASP A 80 -11.61 12.97 -1.86
CA ASP A 80 -10.98 14.06 -1.14
C ASP A 80 -11.15 13.83 0.36
N SER A 81 -11.38 12.57 0.71
CA SER A 81 -11.56 12.20 2.11
C SER A 81 -10.21 12.17 2.82
N GLU A 82 -9.44 11.14 2.52
CA GLU A 82 -8.13 10.98 3.11
C GLU A 82 -7.03 11.17 2.07
N GLN A 83 -6.27 12.24 2.23
CA GLN A 83 -5.19 12.55 1.31
C GLN A 83 -3.85 12.59 2.05
N GLU A 84 -3.88 12.11 3.28
CA GLU A 84 -2.68 12.08 4.10
C GLU A 84 -2.03 10.69 4.04
N LEU A 85 -2.74 9.77 3.42
CA LEU A 85 -2.25 8.41 3.28
C LEU A 85 -1.32 8.33 2.08
N LEU A 86 -1.68 9.04 1.03
CA LEU A 86 -0.90 9.06 -0.19
C LEU A 86 0.56 9.34 0.15
N GLU A 87 0.75 10.10 1.22
CA GLU A 87 2.08 10.45 1.67
C GLU A 87 2.62 9.38 2.63
N ALA A 88 1.76 8.94 3.53
CA ALA A 88 2.12 7.93 4.49
C ALA A 88 2.33 6.60 3.78
N PHE A 89 1.93 6.57 2.52
CA PHE A 89 2.06 5.37 1.71
C PHE A 89 2.96 5.62 0.50
N LYS A 90 3.80 6.64 0.62
CA LYS A 90 4.70 7.00 -0.46
C LYS A 90 5.89 6.02 -0.46
N VAL A 91 5.96 5.24 0.61
CA VAL A 91 7.03 4.26 0.74
C VAL A 91 7.27 3.59 -0.61
N PHE A 92 6.20 3.50 -1.39
CA PHE A 92 6.28 2.88 -2.70
C PHE A 92 6.72 3.90 -3.76
N ASP A 93 5.97 4.97 -3.84
CA ASP A 93 6.31 6.04 -4.82
C ASP A 93 7.68 6.64 -4.51
N LYS A 94 8.74 6.10 -5.10
CA LYS A 94 10.07 6.61 -4.86
C LYS A 94 10.32 7.83 -5.74
N ASN A 95 9.44 8.00 -6.72
CA ASN A 95 9.56 9.12 -7.64
C ASN A 95 8.82 10.33 -7.06
N GLY A 96 8.45 10.20 -5.79
CA GLY A 96 7.74 11.27 -5.11
C GLY A 96 6.68 11.89 -6.02
N ASP A 97 5.72 11.06 -6.40
CA ASP A 97 4.63 11.51 -7.26
C ASP A 97 3.34 11.58 -6.46
N GLY A 98 3.32 10.85 -5.36
CA GLY A 98 2.14 10.82 -4.50
C GLY A 98 1.17 9.73 -4.93
N LEU A 99 1.36 9.26 -6.16
CA LEU A 99 0.51 8.22 -6.70
C LEU A 99 1.32 6.93 -6.86
N ILE A 100 0.65 5.81 -6.59
CA ILE A 100 1.28 4.52 -6.69
C ILE A 100 0.33 3.54 -7.40
N SER A 101 0.92 2.74 -8.28
CA SER A 101 0.14 1.76 -9.02
C SER A 101 0.54 0.35 -8.60
N ALA A 102 -0.03 -0.62 -9.30
CA ALA A 102 0.25 -2.02 -9.01
C ALA A 102 1.74 -2.29 -9.20
N ALA A 103 2.19 -2.11 -10.44
CA ALA A 103 3.58 -2.32 -10.77
C ALA A 103 4.47 -1.63 -9.74
N GLU A 104 4.30 -0.32 -9.65
CA GLU A 104 5.07 0.46 -8.70
C GLU A 104 5.13 -0.23 -7.34
N LEU A 105 4.10 -1.03 -7.08
CA LEU A 105 4.02 -1.76 -5.82
C LEU A 105 4.78 -3.08 -5.96
N LYS A 106 4.60 -3.71 -7.12
CA LYS A 106 5.26 -4.97 -7.39
C LYS A 106 6.78 -4.77 -7.35
N HIS A 107 7.19 -3.54 -7.58
CA HIS A 107 8.60 -3.20 -7.58
C HIS A 107 9.05 -2.86 -6.16
N VAL A 108 8.06 -2.62 -5.30
CA VAL A 108 8.33 -2.29 -3.92
C VAL A 108 9.10 -3.45 -3.26
N LEU A 109 8.83 -4.65 -3.76
CA LEU A 109 9.48 -5.84 -3.23
C LEU A 109 10.98 -5.73 -3.47
N THR A 110 11.34 -4.87 -4.41
CA THR A 110 12.75 -4.67 -4.74
C THR A 110 13.24 -3.33 -4.20
N SER A 111 12.32 -2.61 -3.58
CA SER A 111 12.65 -1.31 -3.01
C SER A 111 13.54 -1.49 -1.77
N ILE A 112 12.95 -2.06 -0.74
CA ILE A 112 13.68 -2.30 0.49
C ILE A 112 14.14 -0.96 1.08
N GLY A 113 13.58 0.11 0.53
CA GLY A 113 13.92 1.45 0.98
C GLY A 113 13.37 1.72 2.39
N GLU A 114 14.02 1.12 3.37
CA GLU A 114 13.61 1.29 4.75
C GLU A 114 13.10 2.71 4.98
N LYS A 115 13.98 3.67 4.73
CA LYS A 115 13.63 5.07 4.91
C LYS A 115 12.24 5.33 4.32
N LEU A 116 11.45 6.08 5.07
CA LEU A 116 10.10 6.41 4.64
C LEU A 116 9.47 7.38 5.63
N THR A 117 8.84 8.41 5.08
CA THR A 117 8.19 9.42 5.90
C THR A 117 6.96 9.99 5.18
N ASP A 118 6.36 10.98 5.81
CA ASP A 118 5.18 11.62 5.25
C ASP A 118 5.60 12.83 4.42
N ALA A 119 6.64 13.50 4.91
CA ALA A 119 7.15 14.68 4.23
C ALA A 119 8.23 14.26 3.23
N GLU A 120 8.24 12.97 2.91
CA GLU A 120 9.22 12.43 1.99
C GLU A 120 8.94 12.95 0.57
N LEU A 121 7.67 13.24 0.31
CA LEU A 121 7.27 13.75 -0.99
C LEU A 121 6.74 15.16 -0.84
N GLU A 122 5.93 15.35 0.19
CA GLU A 122 5.35 16.65 0.47
C GLU A 122 6.44 17.72 0.55
N HIS A 123 6.44 18.60 -0.45
CA HIS A 123 7.41 19.67 -0.50
C HIS A 123 6.70 21.02 -0.56
N HIS A 124 7.39 22.05 -0.09
CA HIS A 124 6.83 23.38 -0.08
C HIS A 124 6.09 23.63 -1.39
N HIS A 125 4.78 23.46 -1.33
CA HIS A 125 3.94 23.67 -2.51
C HIS A 125 2.48 23.78 -2.09
N HIS A 126 1.69 24.39 -2.95
CA HIS A 126 0.27 24.56 -2.68
C HIS A 126 -0.55 23.64 -3.59
N HIS A 127 -1.62 23.11 -3.02
CA HIS A 127 -2.49 22.21 -3.76
C HIS A 127 -3.89 22.26 -3.17
N HIS A 128 -4.84 21.74 -3.94
CA HIS A 128 -6.23 21.71 -3.51
C HIS A 128 -6.45 20.53 -2.56
CA CA B . -3.31 -15.33 3.07
CA CA C . -10.51 -5.06 5.92
CA CA D . 4.17 7.28 -9.46
N SER A 1 -9.46 9.51 -15.57
CA SER A 1 -10.01 8.21 -15.90
C SER A 1 -8.93 7.14 -15.79
N SER A 2 -8.67 6.73 -14.57
CA SER A 2 -7.67 5.70 -14.31
C SER A 2 -8.32 4.45 -13.75
N ASN A 3 -9.43 4.07 -14.36
CA ASN A 3 -10.17 2.90 -13.92
C ASN A 3 -9.29 1.66 -14.10
N LEU A 4 -9.45 0.72 -13.18
CA LEU A 4 -8.68 -0.52 -13.22
C LEU A 4 -9.16 -1.38 -14.39
N THR A 5 -8.20 -2.02 -15.03
CA THR A 5 -8.51 -2.88 -16.17
C THR A 5 -8.13 -4.33 -15.86
N GLU A 6 -8.61 -5.23 -16.71
CA GLU A 6 -8.34 -6.64 -16.54
C GLU A 6 -6.84 -6.87 -16.38
N GLU A 7 -6.07 -6.17 -17.21
CA GLU A 7 -4.62 -6.28 -17.17
C GLU A 7 -4.11 -6.08 -15.74
N GLN A 8 -4.47 -4.93 -15.18
CA GLN A 8 -4.05 -4.61 -13.82
C GLN A 8 -4.56 -5.67 -12.84
N ILE A 9 -5.86 -5.89 -12.88
CA ILE A 9 -6.48 -6.87 -12.00
C ILE A 9 -5.69 -8.19 -12.08
N ALA A 10 -5.21 -8.48 -13.28
CA ALA A 10 -4.44 -9.70 -13.50
C ALA A 10 -3.08 -9.56 -12.81
N GLU A 11 -2.59 -8.32 -12.77
CA GLU A 11 -1.31 -8.05 -12.16
C GLU A 11 -1.41 -8.18 -10.63
N PHE A 12 -2.44 -7.54 -10.08
CA PHE A 12 -2.67 -7.58 -8.65
C PHE A 12 -2.83 -9.02 -8.16
N LYS A 13 -3.48 -9.82 -8.98
CA LYS A 13 -3.72 -11.21 -8.64
C LYS A 13 -2.43 -11.82 -8.07
N GLU A 14 -1.32 -11.46 -8.69
CA GLU A 14 -0.02 -11.95 -8.25
C GLU A 14 0.61 -10.98 -7.26
N ALA A 15 0.69 -9.72 -7.68
CA ALA A 15 1.27 -8.69 -6.83
C ALA A 15 0.81 -8.91 -5.38
N PHE A 16 -0.38 -9.46 -5.26
CA PHE A 16 -0.95 -9.72 -3.94
C PHE A 16 -0.29 -10.94 -3.29
N ALA A 17 -0.36 -12.06 -3.99
CA ALA A 17 0.23 -13.29 -3.50
C ALA A 17 1.70 -13.06 -3.16
N LEU A 18 2.29 -12.08 -3.85
CA LEU A 18 3.69 -11.75 -3.63
C LEU A 18 3.89 -11.40 -2.17
N PHE A 19 2.88 -10.76 -1.59
CA PHE A 19 2.94 -10.37 -0.19
C PHE A 19 2.40 -11.48 0.72
N ASP A 20 1.24 -11.99 0.35
CA ASP A 20 0.60 -13.04 1.12
C ASP A 20 1.65 -14.07 1.52
N LYS A 21 1.60 -14.46 2.79
CA LYS A 21 2.54 -15.43 3.32
C LYS A 21 2.06 -16.84 2.96
N ASP A 22 0.93 -17.20 3.52
CA ASP A 22 0.36 -18.55 3.24
C ASP A 22 -0.41 -18.54 1.92
N ASN A 23 -0.58 -17.35 1.33
CA ASN A 23 -1.32 -17.26 0.08
C ASN A 23 -2.78 -17.63 0.30
N ASN A 24 -3.36 -17.02 1.32
CA ASN A 24 -4.75 -17.28 1.66
C ASN A 24 -5.65 -16.37 0.83
N GLY A 25 -5.05 -15.31 0.30
CA GLY A 25 -5.79 -14.36 -0.51
C GLY A 25 -5.85 -12.99 0.16
N SER A 26 -5.73 -13.01 1.48
CA SER A 26 -5.77 -11.79 2.26
C SER A 26 -4.44 -11.59 3.00
N ILE A 27 -4.29 -10.40 3.56
CA ILE A 27 -3.07 -10.07 4.29
C ILE A 27 -3.45 -9.51 5.67
N SER A 28 -2.60 -9.80 6.64
CA SER A 28 -2.83 -9.33 7.99
C SER A 28 -1.72 -8.36 8.41
N SER A 29 -2.09 -7.41 9.25
CA SER A 29 -1.14 -6.42 9.72
C SER A 29 0.20 -7.08 10.05
N SER A 30 0.13 -8.11 10.88
CA SER A 30 1.33 -8.83 11.26
C SER A 30 2.11 -9.27 10.02
N GLU A 31 1.45 -10.09 9.21
CA GLU A 31 2.06 -10.58 7.99
C GLU A 31 2.60 -9.41 7.14
N LEU A 32 1.96 -8.26 7.32
CA LEU A 32 2.35 -7.06 6.59
C LEU A 32 3.67 -6.54 7.17
N ALA A 33 3.72 -6.50 8.50
CA ALA A 33 4.91 -6.02 9.19
C ALA A 33 6.07 -6.97 8.92
N THR A 34 5.71 -8.21 8.59
CA THR A 34 6.72 -9.22 8.31
C THR A 34 7.41 -8.93 6.97
N VAL A 35 6.69 -8.22 6.12
CA VAL A 35 7.22 -7.87 4.80
C VAL A 35 8.09 -6.63 4.93
N MET A 36 7.59 -5.67 5.69
CA MET A 36 8.31 -4.42 5.89
C MET A 36 9.76 -4.68 6.33
N ARG A 37 9.88 -5.50 7.37
CA ARG A 37 11.19 -5.85 7.89
C ARG A 37 12.14 -6.21 6.75
N SER A 38 11.58 -6.83 5.73
CA SER A 38 12.36 -7.24 4.58
C SER A 38 12.86 -6.00 3.82
N LEU A 39 11.97 -5.03 3.71
CA LEU A 39 12.31 -3.78 3.02
C LEU A 39 13.41 -3.06 3.78
N GLY A 40 13.18 -2.88 5.08
CA GLY A 40 14.13 -2.21 5.94
C GLY A 40 13.47 -1.74 7.24
N LEU A 41 12.27 -1.19 7.09
CA LEU A 41 11.53 -0.72 8.24
C LEU A 41 10.81 -1.88 8.91
N SER A 42 10.41 -1.66 10.15
CA SER A 42 9.72 -2.68 10.91
C SER A 42 8.62 -2.04 11.77
N PRO A 43 7.38 -2.01 11.20
CA PRO A 43 6.25 -1.43 11.90
C PRO A 43 5.75 -2.36 13.01
N SER A 44 5.35 -1.77 14.12
CA SER A 44 4.86 -2.52 15.25
C SER A 44 3.45 -3.02 14.96
N GLU A 45 3.19 -4.26 15.37
CA GLU A 45 1.89 -4.86 15.17
C GLU A 45 0.78 -3.83 15.41
N ALA A 46 0.91 -3.12 16.51
CA ALA A 46 -0.06 -2.10 16.86
C ALA A 46 -0.06 -0.99 15.80
N GLU A 47 1.15 -0.55 15.48
CA GLU A 47 1.31 0.50 14.49
C GLU A 47 0.67 0.09 13.16
N VAL A 48 0.71 -1.21 12.90
CA VAL A 48 0.13 -1.75 11.69
C VAL A 48 -1.40 -1.74 11.80
N ASN A 49 -1.88 -2.25 12.92
CA ASN A 49 -3.32 -2.30 13.17
C ASN A 49 -3.93 -0.94 12.81
N ASP A 50 -3.13 0.10 12.95
CA ASP A 50 -3.58 1.44 12.65
C ASP A 50 -3.83 1.57 11.15
N LEU A 51 -2.75 1.42 10.39
CA LEU A 51 -2.84 1.51 8.94
C LEU A 51 -3.96 0.61 8.44
N MET A 52 -3.99 -0.61 8.99
CA MET A 52 -5.02 -1.57 8.61
C MET A 52 -6.41 -1.07 8.97
N ASN A 53 -6.46 -0.28 10.03
CA ASN A 53 -7.72 0.28 10.49
C ASN A 53 -8.38 1.07 9.36
N GLU A 54 -7.53 1.64 8.53
CA GLU A 54 -8.01 2.44 7.41
C GLU A 54 -8.48 1.51 6.27
N ILE A 55 -7.52 0.86 5.65
CA ILE A 55 -7.81 -0.04 4.55
C ILE A 55 -8.95 -0.98 4.97
N ASP A 56 -9.07 -1.17 6.28
CA ASP A 56 -10.10 -2.04 6.82
C ASP A 56 -11.48 -1.50 6.44
N VAL A 57 -12.23 -2.34 5.75
CA VAL A 57 -13.57 -1.96 5.31
C VAL A 57 -14.59 -2.38 6.38
N ASP A 58 -14.24 -3.41 7.10
CA ASP A 58 -15.14 -3.92 8.17
C ASP A 58 -14.42 -3.91 9.52
N GLY A 59 -13.08 -3.90 9.49
CA GLY A 59 -12.32 -3.90 10.73
C GLY A 59 -12.07 -5.32 11.23
N ASN A 60 -11.56 -6.15 10.32
CA ASN A 60 -11.28 -7.54 10.65
C ASN A 60 -9.77 -7.77 10.61
N HIS A 61 -9.07 -6.78 10.06
CA HIS A 61 -7.62 -6.88 9.95
C HIS A 61 -7.25 -7.87 8.85
N GLN A 62 -7.90 -7.69 7.70
CA GLN A 62 -7.64 -8.56 6.56
C GLN A 62 -7.88 -7.80 5.26
N ILE A 63 -6.81 -7.69 4.47
CA ILE A 63 -6.89 -6.99 3.20
C ILE A 63 -7.39 -7.95 2.12
N GLU A 64 -8.34 -7.47 1.34
CA GLU A 64 -8.91 -8.28 0.27
C GLU A 64 -8.54 -7.69 -1.09
N PHE A 65 -8.69 -8.52 -2.11
CA PHE A 65 -8.37 -8.10 -3.46
C PHE A 65 -9.11 -6.82 -3.83
N SER A 66 -10.17 -6.55 -3.08
CA SER A 66 -10.98 -5.36 -3.31
C SER A 66 -10.38 -4.17 -2.54
N GLU A 67 -10.28 -4.35 -1.24
CA GLU A 67 -9.74 -3.31 -0.38
C GLU A 67 -8.42 -2.79 -0.95
N PHE A 68 -7.65 -3.71 -1.52
CA PHE A 68 -6.37 -3.35 -2.10
C PHE A 68 -6.55 -2.49 -3.35
N LEU A 69 -7.20 -3.06 -4.35
CA LEU A 69 -7.44 -2.35 -5.59
C LEU A 69 -8.21 -1.07 -5.29
N ALA A 70 -8.84 -1.05 -4.13
CA ALA A 70 -9.61 0.12 -3.71
C ALA A 70 -8.65 1.25 -3.35
N LEU A 71 -7.53 0.88 -2.76
CA LEU A 71 -6.53 1.85 -2.36
C LEU A 71 -6.08 2.64 -3.60
N MET A 72 -5.95 1.93 -4.70
CA MET A 72 -5.52 2.54 -5.95
C MET A 72 -6.73 3.01 -6.77
N SER A 73 -7.89 2.97 -6.13
CA SER A 73 -9.12 3.38 -6.79
C SER A 73 -9.71 4.60 -6.06
N ARG A 74 -9.12 4.91 -4.92
CA ARG A 74 -9.59 6.04 -4.14
C ARG A 74 -8.93 7.34 -4.63
N GLN A 75 -7.88 7.17 -5.41
CA GLN A 75 -7.16 8.30 -5.95
C GLN A 75 -7.92 8.90 -7.14
N LEU A 76 -8.83 8.10 -7.68
CA LEU A 76 -9.64 8.53 -8.81
C LEU A 76 -10.07 9.98 -8.60
N LYS A 77 -10.32 10.32 -7.34
CA LYS A 77 -10.74 11.66 -6.99
C LYS A 77 -9.94 12.67 -7.82
N SER A 78 -10.67 13.41 -8.65
CA SER A 78 -10.04 14.41 -9.50
C SER A 78 -9.97 15.75 -8.76
N ASN A 79 -9.50 15.68 -7.53
CA ASN A 79 -9.36 16.87 -6.71
C ASN A 79 -8.69 16.50 -5.39
N ASP A 80 -7.66 17.27 -5.06
CA ASP A 80 -6.92 17.03 -3.83
C ASP A 80 -7.86 17.18 -2.63
N SER A 81 -8.44 16.06 -2.23
CA SER A 81 -9.36 16.05 -1.11
C SER A 81 -8.76 15.28 0.06
N GLU A 82 -8.73 13.97 -0.09
CA GLU A 82 -8.18 13.11 0.96
C GLU A 82 -6.65 13.08 0.86
N GLN A 83 -6.17 12.39 -0.16
CA GLN A 83 -4.73 12.28 -0.38
C GLN A 83 -4.02 12.08 0.96
N GLU A 84 -4.73 11.46 1.89
CA GLU A 84 -4.17 11.21 3.21
C GLU A 84 -3.65 9.77 3.30
N LEU A 85 -4.39 8.87 2.67
CA LEU A 85 -4.02 7.46 2.67
C LEU A 85 -3.19 7.17 1.42
N LEU A 86 -3.33 8.04 0.43
CA LEU A 86 -2.60 7.87 -0.82
C LEU A 86 -1.13 8.23 -0.59
N GLU A 87 -0.92 9.40 -0.03
CA GLU A 87 0.44 9.87 0.24
C GLU A 87 1.25 8.76 0.92
N ALA A 88 0.54 7.90 1.63
CA ALA A 88 1.18 6.80 2.33
C ALA A 88 1.61 5.74 1.32
N PHE A 89 0.69 5.43 0.40
CA PHE A 89 0.95 4.44 -0.62
C PHE A 89 1.70 5.05 -1.81
N LYS A 90 2.16 6.28 -1.60
CA LYS A 90 2.89 6.99 -2.65
C LYS A 90 4.37 6.59 -2.60
N VAL A 91 4.72 5.91 -1.52
CA VAL A 91 6.10 5.47 -1.34
C VAL A 91 6.51 4.59 -2.53
N PHE A 92 5.49 4.04 -3.19
CA PHE A 92 5.73 3.19 -4.34
C PHE A 92 5.94 4.03 -5.61
N ASP A 93 5.51 5.25 -5.54
CA ASP A 93 5.67 6.17 -6.70
C ASP A 93 6.95 7.00 -6.55
N LYS A 94 8.00 6.66 -7.28
CA LYS A 94 9.25 7.40 -7.19
C LYS A 94 9.24 8.52 -8.23
N ASN A 95 8.32 8.42 -9.16
CA ASN A 95 8.20 9.41 -10.20
C ASN A 95 7.26 10.54 -9.75
N GLY A 96 7.01 10.56 -8.44
CA GLY A 96 6.15 11.57 -7.87
C GLY A 96 4.95 11.84 -8.77
N ASP A 97 4.16 10.80 -8.97
CA ASP A 97 2.97 10.90 -9.81
C ASP A 97 1.72 10.84 -8.93
N GLY A 98 1.96 10.67 -7.64
CA GLY A 98 0.86 10.58 -6.68
C GLY A 98 -0.16 9.52 -7.10
N LEU A 99 0.35 8.48 -7.74
CA LEU A 99 -0.51 7.41 -8.21
C LEU A 99 0.36 6.19 -8.57
N ILE A 100 -0.10 5.02 -8.17
CA ILE A 100 0.61 3.79 -8.45
C ILE A 100 -0.39 2.68 -8.77
N SER A 101 0.04 1.77 -9.62
CA SER A 101 -0.81 0.66 -10.02
C SER A 101 -0.20 -0.65 -9.55
N ALA A 102 -0.85 -1.75 -9.91
CA ALA A 102 -0.38 -3.07 -9.53
C ALA A 102 1.09 -3.22 -9.92
N ALA A 103 1.39 -2.79 -11.14
CA ALA A 103 2.74 -2.87 -11.65
C ALA A 103 3.68 -2.11 -10.71
N GLU A 104 3.43 -0.81 -10.59
CA GLU A 104 4.23 0.03 -9.73
C GLU A 104 4.26 -0.53 -8.31
N LEU A 105 3.21 -1.27 -7.98
CA LEU A 105 3.10 -1.87 -6.66
C LEU A 105 3.90 -3.16 -6.62
N LYS A 106 4.02 -3.79 -7.79
CA LYS A 106 4.75 -5.04 -7.91
C LYS A 106 6.25 -4.75 -7.83
N HIS A 107 6.63 -3.59 -8.35
CA HIS A 107 8.02 -3.19 -8.35
C HIS A 107 8.40 -2.66 -6.97
N VAL A 108 7.38 -2.37 -6.17
CA VAL A 108 7.60 -1.86 -4.84
C VAL A 108 8.41 -2.87 -4.03
N LEU A 109 8.39 -4.12 -4.51
CA LEU A 109 9.12 -5.18 -3.85
C LEU A 109 10.61 -4.95 -4.03
N THR A 110 10.97 -4.45 -5.20
CA THR A 110 12.37 -4.18 -5.51
C THR A 110 12.63 -2.67 -5.50
N SER A 111 11.57 -1.93 -5.25
CA SER A 111 11.68 -0.48 -5.21
C SER A 111 12.33 -0.04 -3.90
N ILE A 112 12.63 -1.02 -3.06
CA ILE A 112 13.25 -0.75 -1.78
C ILE A 112 14.33 0.32 -1.96
N GLY A 113 15.55 -0.14 -2.20
CA GLY A 113 16.66 0.77 -2.39
C GLY A 113 17.26 1.21 -1.05
N GLU A 114 17.60 2.48 -0.99
CA GLU A 114 18.17 3.04 0.24
C GLU A 114 17.06 3.44 1.21
N LYS A 115 17.46 4.05 2.30
CA LYS A 115 16.52 4.49 3.32
C LYS A 115 15.34 5.20 2.64
N LEU A 116 14.14 4.82 3.06
CA LEU A 116 12.94 5.41 2.50
C LEU A 116 12.00 5.81 3.64
N THR A 117 11.15 6.79 3.35
CA THR A 117 10.20 7.27 4.34
C THR A 117 8.85 7.58 3.68
N ASP A 118 7.91 7.96 4.51
CA ASP A 118 6.57 8.28 4.03
C ASP A 118 6.46 9.80 3.82
N ALA A 119 7.61 10.45 3.83
CA ALA A 119 7.66 11.89 3.64
C ALA A 119 8.01 12.21 2.19
N GLU A 120 7.86 11.20 1.34
CA GLU A 120 8.16 11.36 -0.07
C GLU A 120 7.49 12.62 -0.62
N LEU A 121 6.22 12.77 -0.29
CA LEU A 121 5.46 13.93 -0.73
C LEU A 121 5.05 14.77 0.48
N GLU A 122 4.69 14.06 1.54
CA GLU A 122 4.27 14.72 2.77
C GLU A 122 5.49 15.26 3.52
N HIS A 123 5.96 16.41 3.07
CA HIS A 123 7.11 17.05 3.67
C HIS A 123 6.67 17.80 4.93
N HIS A 124 6.42 17.03 5.99
CA HIS A 124 6.00 17.60 7.25
C HIS A 124 7.12 17.49 8.28
N HIS A 125 6.93 18.16 9.41
CA HIS A 125 7.91 18.13 10.46
C HIS A 125 8.36 16.69 10.72
N HIS A 126 9.61 16.41 10.36
CA HIS A 126 10.17 15.09 10.54
C HIS A 126 10.24 14.76 12.03
N HIS A 127 9.64 13.63 12.39
CA HIS A 127 9.62 13.20 13.77
C HIS A 127 9.84 11.68 13.83
N HIS A 128 9.80 11.16 15.05
CA HIS A 128 9.99 9.73 15.26
C HIS A 128 8.69 9.00 14.94
CA CA B . -1.81 -14.05 4.60
CA CA C . -10.81 -5.51 6.19
CA CA D . 3.21 6.41 -11.41
N SER A 1 -4.60 4.56 -19.51
CA SER A 1 -4.74 3.81 -18.28
C SER A 1 -4.84 4.77 -17.09
N SER A 2 -5.99 5.41 -16.98
CA SER A 2 -6.23 6.35 -15.90
C SER A 2 -7.01 5.67 -14.77
N ASN A 3 -7.14 4.36 -14.89
CA ASN A 3 -7.85 3.57 -13.90
C ASN A 3 -7.37 2.12 -13.95
N LEU A 4 -7.84 1.35 -12.99
CA LEU A 4 -7.46 -0.06 -12.92
C LEU A 4 -8.31 -0.86 -13.91
N THR A 5 -7.62 -1.67 -14.70
CA THR A 5 -8.28 -2.49 -15.71
C THR A 5 -7.95 -3.97 -15.49
N GLU A 6 -8.49 -4.79 -16.37
CA GLU A 6 -8.25 -6.22 -16.30
C GLU A 6 -6.74 -6.52 -16.36
N GLU A 7 -6.07 -5.75 -17.20
CA GLU A 7 -4.62 -5.92 -17.36
C GLU A 7 -3.92 -5.74 -16.02
N GLN A 8 -4.22 -4.62 -15.38
CA GLN A 8 -3.62 -4.31 -14.09
C GLN A 8 -3.91 -5.43 -13.09
N ILE A 9 -5.19 -5.70 -12.92
CA ILE A 9 -5.62 -6.74 -11.99
C ILE A 9 -4.79 -8.00 -12.23
N ALA A 10 -4.62 -8.33 -13.51
CA ALA A 10 -3.85 -9.50 -13.87
C ALA A 10 -2.46 -9.44 -13.22
N GLU A 11 -1.94 -8.22 -13.14
CA GLU A 11 -0.63 -8.00 -12.55
C GLU A 11 -0.74 -8.04 -11.02
N PHE A 12 -1.79 -7.43 -10.51
CA PHE A 12 -2.03 -7.38 -9.07
C PHE A 12 -2.26 -8.79 -8.52
N LYS A 13 -2.78 -9.65 -9.38
CA LYS A 13 -3.06 -11.02 -8.98
C LYS A 13 -1.84 -11.60 -8.26
N GLU A 14 -0.67 -11.32 -8.83
CA GLU A 14 0.57 -11.80 -8.26
C GLU A 14 1.07 -10.83 -7.18
N ALA A 15 1.21 -9.57 -7.58
CA ALA A 15 1.68 -8.55 -6.66
C ALA A 15 1.03 -8.76 -5.29
N PHE A 16 -0.18 -9.31 -5.33
CA PHE A 16 -0.91 -9.58 -4.10
C PHE A 16 -0.44 -10.87 -3.44
N ALA A 17 -0.45 -11.94 -4.22
CA ALA A 17 -0.03 -13.23 -3.73
C ALA A 17 1.38 -13.11 -3.13
N LEU A 18 2.11 -12.13 -3.61
CA LEU A 18 3.47 -11.90 -3.14
C LEU A 18 3.43 -11.68 -1.63
N PHE A 19 2.37 -11.02 -1.17
CA PHE A 19 2.20 -10.74 0.24
C PHE A 19 1.49 -11.89 0.95
N ASP A 20 0.48 -12.43 0.27
CA ASP A 20 -0.28 -13.53 0.81
C ASP A 20 0.66 -14.68 1.18
N LYS A 21 0.41 -15.25 2.35
CA LYS A 21 1.23 -16.37 2.82
C LYS A 21 0.73 -17.66 2.19
N ASP A 22 -0.46 -18.03 2.55
CA ASP A 22 -1.06 -19.27 1.99
C ASP A 22 -1.73 -18.99 0.65
N ASN A 23 -1.81 -17.72 0.26
CA ASN A 23 -2.43 -17.36 -1.00
C ASN A 23 -3.93 -17.65 -0.93
N ASN A 24 -4.56 -17.09 0.10
CA ASN A 24 -5.98 -17.27 0.31
C ASN A 24 -6.75 -16.17 -0.43
N GLY A 25 -6.06 -15.05 -0.64
CA GLY A 25 -6.66 -13.92 -1.32
C GLY A 25 -6.79 -12.71 -0.39
N SER A 26 -6.72 -13.00 0.90
CA SER A 26 -6.83 -11.96 1.91
C SER A 26 -5.52 -11.85 2.69
N ILE A 27 -5.24 -10.63 3.15
CA ILE A 27 -4.03 -10.38 3.91
C ILE A 27 -4.40 -9.81 5.28
N SER A 28 -3.65 -10.24 6.28
CA SER A 28 -3.89 -9.78 7.64
C SER A 28 -2.69 -8.98 8.14
N SER A 29 -2.95 -8.14 9.13
CA SER A 29 -1.91 -7.30 9.71
C SER A 29 -0.66 -8.14 9.98
N SER A 30 -0.89 -9.31 10.57
CA SER A 30 0.21 -10.22 10.89
C SER A 30 0.91 -10.66 9.60
N GLU A 31 0.15 -11.37 8.77
CA GLU A 31 0.68 -11.86 7.51
C GLU A 31 1.33 -10.71 6.72
N LEU A 32 0.90 -9.51 7.04
CA LEU A 32 1.43 -8.32 6.38
C LEU A 32 2.82 -8.02 6.91
N ALA A 33 2.93 -7.99 8.23
CA ALA A 33 4.20 -7.72 8.88
C ALA A 33 5.20 -8.81 8.51
N THR A 34 4.66 -9.94 8.10
CA THR A 34 5.49 -11.08 7.72
C THR A 34 6.08 -10.85 6.33
N VAL A 35 5.40 -10.02 5.55
CA VAL A 35 5.84 -9.71 4.21
C VAL A 35 6.88 -8.59 4.25
N MET A 36 6.65 -7.67 5.18
CA MET A 36 7.55 -6.54 5.34
C MET A 36 8.96 -7.01 5.74
N ARG A 37 8.98 -7.96 6.66
CA ARG A 37 10.24 -8.50 7.13
C ARG A 37 11.08 -9.02 5.96
N SER A 38 10.38 -9.40 4.91
CA SER A 38 11.04 -9.91 3.72
C SER A 38 11.44 -8.77 2.81
N LEU A 39 10.80 -7.63 3.03
CA LEU A 39 11.09 -6.44 2.23
C LEU A 39 12.34 -5.74 2.78
N GLY A 40 12.17 -5.13 3.95
CA GLY A 40 13.28 -4.43 4.58
C GLY A 40 12.78 -3.63 5.79
N LEU A 41 11.86 -4.23 6.53
CA LEU A 41 11.30 -3.58 7.70
C LEU A 41 10.39 -4.57 8.43
N SER A 42 10.05 -4.21 9.66
CA SER A 42 9.20 -5.05 10.49
C SER A 42 8.23 -4.18 11.29
N PRO A 43 7.02 -3.98 10.71
CA PRO A 43 6.01 -3.17 11.36
C PRO A 43 5.36 -3.93 12.52
N SER A 44 5.09 -3.20 13.60
CA SER A 44 4.47 -3.79 14.78
C SER A 44 3.00 -4.10 14.50
N GLU A 45 2.54 -5.21 15.05
CA GLU A 45 1.16 -5.63 14.88
C GLU A 45 0.23 -4.43 15.06
N ALA A 46 0.40 -3.74 16.18
CA ALA A 46 -0.41 -2.58 16.48
C ALA A 46 -0.16 -1.50 15.43
N GLU A 47 1.05 -1.48 14.92
CA GLU A 47 1.44 -0.50 13.91
C GLU A 47 0.83 -0.88 12.56
N VAL A 48 0.57 -2.17 12.40
CA VAL A 48 -0.01 -2.67 11.16
C VAL A 48 -1.51 -2.42 11.17
N ASN A 49 -2.13 -2.74 12.30
CA ASN A 49 -3.56 -2.55 12.44
C ASN A 49 -3.94 -1.14 12.00
N ASP A 50 -2.99 -0.22 12.19
CA ASP A 50 -3.21 1.17 11.81
C ASP A 50 -3.42 1.26 10.30
N LEU A 51 -2.65 0.46 9.58
CA LEU A 51 -2.73 0.44 8.13
C LEU A 51 -3.93 -0.41 7.71
N MET A 52 -4.17 -1.47 8.47
CA MET A 52 -5.27 -2.37 8.18
C MET A 52 -6.61 -1.70 8.50
N ASN A 53 -6.55 -0.71 9.37
CA ASN A 53 -7.75 0.02 9.76
C ASN A 53 -8.33 0.73 8.54
N GLU A 54 -7.46 1.43 7.84
CA GLU A 54 -7.87 2.17 6.66
C GLU A 54 -8.12 1.21 5.50
N ILE A 55 -7.16 0.31 5.30
CA ILE A 55 -7.25 -0.67 4.23
C ILE A 55 -8.54 -1.47 4.40
N ASP A 56 -9.03 -1.50 5.62
CA ASP A 56 -10.26 -2.22 5.93
C ASP A 56 -11.46 -1.35 5.58
N VAL A 57 -12.36 -1.92 4.80
CA VAL A 57 -13.55 -1.21 4.38
C VAL A 57 -14.68 -1.50 5.38
N ASP A 58 -14.61 -2.66 5.96
CA ASP A 58 -15.65 -3.07 6.96
C ASP A 58 -15.02 -3.22 8.34
N GLY A 59 -13.70 -3.40 8.40
CA GLY A 59 -13.03 -3.56 9.68
C GLY A 59 -13.01 -5.03 10.11
N ASN A 60 -12.59 -5.88 9.19
CA ASN A 60 -12.52 -7.30 9.46
C ASN A 60 -11.06 -7.72 9.63
N HIS A 61 -10.18 -6.83 9.19
CA HIS A 61 -8.74 -7.10 9.27
C HIS A 61 -8.33 -8.06 8.16
N GLN A 62 -8.81 -7.77 6.96
CA GLN A 62 -8.49 -8.60 5.81
C GLN A 62 -8.53 -7.76 4.54
N ILE A 63 -7.38 -7.68 3.88
CA ILE A 63 -7.26 -6.91 2.65
C ILE A 63 -7.81 -7.74 1.49
N GLU A 64 -8.75 -7.14 0.76
CA GLU A 64 -9.36 -7.81 -0.37
C GLU A 64 -8.79 -7.26 -1.67
N PHE A 65 -8.82 -8.11 -2.70
CA PHE A 65 -8.31 -7.73 -4.00
C PHE A 65 -8.82 -6.34 -4.41
N SER A 66 -9.95 -5.96 -3.83
CA SER A 66 -10.55 -4.67 -4.11
C SER A 66 -9.88 -3.59 -3.27
N GLU A 67 -9.73 -3.88 -1.99
CA GLU A 67 -9.10 -2.93 -1.08
C GLU A 67 -7.65 -2.69 -1.48
N PHE A 68 -6.91 -3.78 -1.58
CA PHE A 68 -5.50 -3.70 -1.96
C PHE A 68 -5.31 -2.76 -3.16
N LEU A 69 -6.24 -2.86 -4.09
CA LEU A 69 -6.19 -2.03 -5.28
C LEU A 69 -6.77 -0.65 -4.97
N ALA A 70 -7.64 -0.62 -3.97
CA ALA A 70 -8.27 0.62 -3.56
C ALA A 70 -7.22 1.55 -2.96
N LEU A 71 -6.17 0.93 -2.44
CA LEU A 71 -5.09 1.69 -1.82
C LEU A 71 -4.45 2.61 -2.87
N MET A 72 -4.63 2.23 -4.13
CA MET A 72 -4.09 3.00 -5.23
C MET A 72 -5.20 3.74 -5.98
N SER A 73 -6.43 3.48 -5.57
CA SER A 73 -7.58 4.11 -6.19
C SER A 73 -8.42 4.83 -5.13
N ARG A 74 -7.77 5.16 -4.03
CA ARG A 74 -8.44 5.85 -2.94
C ARG A 74 -8.04 7.33 -2.92
N GLN A 75 -7.27 7.71 -3.93
CA GLN A 75 -6.82 9.09 -4.03
C GLN A 75 -7.06 9.62 -5.45
N LEU A 76 -8.03 9.00 -6.11
CA LEU A 76 -8.38 9.40 -7.46
C LEU A 76 -9.89 9.53 -7.58
N LYS A 77 -10.55 9.60 -6.43
CA LYS A 77 -11.99 9.71 -6.38
C LYS A 77 -12.40 10.43 -5.09
N SER A 78 -13.50 11.16 -5.18
CA SER A 78 -14.01 11.90 -4.04
C SER A 78 -13.97 11.02 -2.78
N ASN A 79 -12.89 11.17 -2.02
CA ASN A 79 -12.71 10.40 -0.81
C ASN A 79 -13.09 11.26 0.40
N ASP A 80 -12.87 10.70 1.57
CA ASP A 80 -13.19 11.40 2.81
C ASP A 80 -12.01 12.29 3.21
N SER A 81 -11.52 13.03 2.23
CA SER A 81 -10.38 13.92 2.47
C SER A 81 -9.20 13.12 3.01
N GLU A 82 -9.19 11.84 2.69
CA GLU A 82 -8.12 10.96 3.14
C GLU A 82 -6.94 11.04 2.17
N GLN A 83 -5.87 11.66 2.65
CA GLN A 83 -4.67 11.81 1.86
C GLN A 83 -3.43 11.45 2.69
N GLU A 84 -3.69 10.91 3.87
CA GLU A 84 -2.61 10.52 4.76
C GLU A 84 -2.06 9.16 4.36
N LEU A 85 -2.94 8.34 3.81
CA LEU A 85 -2.57 7.00 3.37
C LEU A 85 -1.75 7.09 2.08
N LEU A 86 -2.31 7.83 1.12
CA LEU A 86 -1.65 8.01 -0.16
C LEU A 86 -0.27 8.63 0.06
N GLU A 87 -0.12 9.25 1.22
CA GLU A 87 1.14 9.90 1.56
C GLU A 87 2.18 8.85 1.96
N ALA A 88 1.80 8.01 2.91
CA ALA A 88 2.68 6.96 3.38
C ALA A 88 2.92 5.94 2.26
N PHE A 89 1.93 5.83 1.39
CA PHE A 89 2.00 4.91 0.27
C PHE A 89 2.68 5.57 -0.94
N LYS A 90 3.29 6.72 -0.68
CA LYS A 90 3.97 7.45 -1.72
C LYS A 90 5.41 6.96 -1.84
N VAL A 91 5.94 6.50 -0.71
CA VAL A 91 7.30 6.00 -0.67
C VAL A 91 7.56 5.12 -1.89
N PHE A 92 6.70 4.13 -2.05
CA PHE A 92 6.82 3.21 -3.17
C PHE A 92 6.90 3.97 -4.49
N ASP A 93 6.27 5.11 -4.52
CA ASP A 93 6.28 5.95 -5.74
C ASP A 93 7.50 6.87 -5.74
N LYS A 94 8.43 6.67 -6.66
CA LYS A 94 9.63 7.50 -6.72
C LYS A 94 9.37 8.69 -7.65
N ASN A 95 8.60 8.43 -8.70
CA ASN A 95 8.28 9.46 -9.66
C ASN A 95 7.51 10.59 -8.96
N GLY A 96 6.99 10.26 -7.79
CA GLY A 96 6.24 11.22 -7.00
C GLY A 96 5.17 11.92 -7.87
N ASP A 97 4.22 11.11 -8.31
CA ASP A 97 3.14 11.63 -9.14
C ASP A 97 1.87 11.77 -8.29
N GLY A 98 1.84 11.02 -7.20
CA GLY A 98 0.70 11.04 -6.30
C GLY A 98 -0.22 9.83 -6.55
N LEU A 99 0.37 8.80 -7.13
CA LEU A 99 -0.38 7.59 -7.43
C LEU A 99 0.59 6.45 -7.75
N ILE A 100 0.27 5.28 -7.25
CA ILE A 100 1.09 4.11 -7.47
C ILE A 100 0.33 3.10 -8.34
N SER A 101 1.10 2.34 -9.10
CA SER A 101 0.51 1.35 -9.98
C SER A 101 0.75 -0.05 -9.40
N ALA A 102 0.40 -1.06 -10.20
CA ALA A 102 0.56 -2.43 -9.79
C ALA A 102 2.03 -2.84 -9.93
N ALA A 103 2.52 -2.76 -11.16
CA ALA A 103 3.90 -3.12 -11.45
C ALA A 103 4.82 -2.35 -10.51
N GLU A 104 4.36 -1.16 -10.12
CA GLU A 104 5.14 -0.32 -9.22
C GLU A 104 5.07 -0.86 -7.79
N LEU A 105 3.91 -1.42 -7.45
CA LEU A 105 3.71 -1.97 -6.13
C LEU A 105 4.43 -3.31 -6.02
N LYS A 106 4.59 -3.95 -7.18
CA LYS A 106 5.27 -5.24 -7.22
C LYS A 106 6.77 -5.02 -7.49
N HIS A 107 7.05 -3.90 -8.16
CA HIS A 107 8.43 -3.57 -8.48
C HIS A 107 9.09 -2.90 -7.28
N VAL A 108 8.26 -2.28 -6.45
CA VAL A 108 8.74 -1.61 -5.26
C VAL A 108 8.98 -2.63 -4.15
N LEU A 109 8.26 -3.74 -4.25
CA LEU A 109 8.38 -4.80 -3.27
C LEU A 109 9.85 -5.02 -2.93
N THR A 110 10.70 -4.71 -3.91
CA THR A 110 12.13 -4.87 -3.72
C THR A 110 12.80 -3.51 -3.58
N SER A 111 12.15 -2.49 -4.11
CA SER A 111 12.67 -1.13 -4.04
C SER A 111 12.67 -0.65 -2.59
N ILE A 112 11.97 -1.41 -1.74
CA ILE A 112 11.89 -1.07 -0.33
C ILE A 112 13.26 -0.58 0.15
N GLY A 113 13.23 0.20 1.22
CA GLY A 113 14.46 0.74 1.79
C GLY A 113 14.45 2.27 1.77
N GLU A 114 13.42 2.81 1.12
CA GLU A 114 13.30 4.25 1.02
C GLU A 114 13.32 4.89 2.41
N LYS A 115 12.96 6.16 2.45
CA LYS A 115 12.94 6.89 3.70
C LYS A 115 11.69 6.53 4.49
N LEU A 116 10.90 5.63 3.90
CA LEU A 116 9.67 5.19 4.53
C LEU A 116 8.94 6.39 5.14
N THR A 117 9.18 7.54 4.54
CA THR A 117 8.57 8.77 5.01
C THR A 117 7.25 9.02 4.27
N ASP A 118 6.25 9.43 5.03
CA ASP A 118 4.94 9.71 4.46
C ASP A 118 4.83 11.21 4.15
N ALA A 119 5.54 11.99 4.94
CA ALA A 119 5.52 13.44 4.76
C ALA A 119 6.41 13.81 3.56
N GLU A 120 7.01 12.78 2.97
CA GLU A 120 7.88 12.99 1.83
C GLU A 120 7.31 14.06 0.91
N LEU A 121 6.01 13.98 0.69
CA LEU A 121 5.32 14.94 -0.17
C LEU A 121 4.61 15.97 0.71
N GLU A 122 4.36 15.59 1.95
CA GLU A 122 3.69 16.46 2.89
C GLU A 122 4.69 17.06 3.88
N HIS A 123 5.80 17.52 3.33
CA HIS A 123 6.84 18.13 4.14
C HIS A 123 6.78 19.65 4.02
N HIS A 124 7.69 20.31 4.72
CA HIS A 124 7.75 21.76 4.70
C HIS A 124 9.18 22.21 4.44
N HIS A 125 9.38 23.52 4.51
CA HIS A 125 10.70 24.10 4.30
C HIS A 125 11.39 24.34 5.64
N HIS A 126 12.66 24.66 5.57
CA HIS A 126 13.45 24.92 6.76
C HIS A 126 13.35 23.72 7.70
N HIS A 127 13.22 22.54 7.11
CA HIS A 127 13.12 21.32 7.88
C HIS A 127 14.52 20.81 8.24
N HIS A 128 14.66 20.40 9.49
CA HIS A 128 15.94 19.90 9.97
C HIS A 128 15.79 18.44 10.39
CA CA B . -3.34 -15.02 3.93
CA CA C . -11.61 -5.35 4.85
CA CA D . 3.55 5.77 -10.29
N SER A 1 -3.92 6.21 -15.95
CA SER A 1 -3.91 5.63 -14.62
C SER A 1 -4.86 6.38 -13.71
N SER A 2 -5.71 7.19 -14.32
CA SER A 2 -6.69 7.97 -13.57
C SER A 2 -7.62 7.04 -12.79
N ASN A 3 -7.81 5.84 -13.34
CA ASN A 3 -8.67 4.87 -12.71
C ASN A 3 -8.10 3.46 -12.96
N LEU A 4 -8.62 2.51 -12.20
CA LEU A 4 -8.18 1.13 -12.32
C LEU A 4 -8.87 0.48 -13.51
N THR A 5 -8.08 -0.24 -14.30
CA THR A 5 -8.60 -0.91 -15.47
C THR A 5 -8.38 -2.43 -15.36
N GLU A 6 -9.05 -3.15 -16.24
CA GLU A 6 -8.93 -4.60 -16.26
C GLU A 6 -7.46 -5.02 -16.17
N GLU A 7 -6.61 -4.18 -16.75
CA GLU A 7 -5.18 -4.45 -16.75
C GLU A 7 -4.63 -4.38 -15.32
N GLN A 8 -4.92 -3.26 -14.67
CA GLN A 8 -4.45 -3.05 -13.32
C GLN A 8 -4.95 -4.18 -12.40
N ILE A 9 -6.26 -4.35 -12.39
CA ILE A 9 -6.88 -5.39 -11.58
C ILE A 9 -6.09 -6.69 -11.74
N ALA A 10 -5.77 -7.01 -12.99
CA ALA A 10 -5.03 -8.22 -13.29
C ALA A 10 -3.68 -8.17 -12.56
N GLU A 11 -3.06 -7.01 -12.59
CA GLU A 11 -1.78 -6.83 -11.94
C GLU A 11 -1.92 -7.06 -10.43
N PHE A 12 -2.84 -6.33 -9.84
CA PHE A 12 -3.09 -6.44 -8.41
C PHE A 12 -3.36 -7.89 -8.02
N LYS A 13 -4.19 -8.55 -8.81
CA LYS A 13 -4.54 -9.94 -8.54
C LYS A 13 -3.27 -10.73 -8.23
N GLU A 14 -2.16 -10.26 -8.80
CA GLU A 14 -0.88 -10.90 -8.59
C GLU A 14 -0.14 -10.26 -7.42
N ALA A 15 0.09 -8.96 -7.55
CA ALA A 15 0.78 -8.22 -6.51
C ALA A 15 0.26 -8.66 -5.14
N PHE A 16 -0.99 -9.09 -5.14
CA PHE A 16 -1.62 -9.54 -3.90
C PHE A 16 -1.04 -10.87 -3.44
N ALA A 17 -1.21 -11.88 -4.29
CA ALA A 17 -0.70 -13.20 -3.99
C ALA A 17 0.79 -13.12 -3.63
N LEU A 18 1.46 -12.20 -4.32
CA LEU A 18 2.88 -12.00 -4.09
C LEU A 18 3.15 -11.94 -2.58
N PHE A 19 2.20 -11.36 -1.87
CA PHE A 19 2.32 -11.22 -0.43
C PHE A 19 1.53 -12.32 0.29
N ASP A 20 0.29 -12.50 -0.15
CA ASP A 20 -0.57 -13.51 0.44
C ASP A 20 0.13 -14.86 0.41
N LYS A 21 0.06 -15.55 1.54
CA LYS A 21 0.69 -16.85 1.66
C LYS A 21 -0.26 -17.92 1.11
N ASP A 22 -1.36 -18.08 1.80
CA ASP A 22 -2.37 -19.08 1.36
C ASP A 22 -3.23 -18.51 0.23
N ASN A 23 -2.94 -17.29 -0.21
CA ASN A 23 -3.71 -16.68 -1.27
C ASN A 23 -5.20 -16.97 -1.06
N ASN A 24 -5.68 -16.57 0.10
CA ASN A 24 -7.08 -16.78 0.45
C ASN A 24 -7.92 -15.61 -0.09
N GLY A 25 -7.22 -14.55 -0.45
CA GLY A 25 -7.89 -13.36 -0.97
C GLY A 25 -7.72 -12.18 -0.03
N SER A 26 -7.15 -12.46 1.14
CA SER A 26 -6.92 -11.43 2.14
C SER A 26 -5.51 -11.55 2.71
N ILE A 27 -4.97 -10.41 3.12
CA ILE A 27 -3.63 -10.38 3.69
C ILE A 27 -3.73 -10.02 5.17
N SER A 28 -2.81 -10.58 5.94
CA SER A 28 -2.77 -10.32 7.37
C SER A 28 -1.50 -9.55 7.73
N SER A 29 -1.50 -9.01 8.94
CA SER A 29 -0.35 -8.24 9.42
C SER A 29 0.82 -9.19 9.72
N SER A 30 0.46 -10.41 10.10
CA SER A 30 1.47 -11.41 10.41
C SER A 30 2.14 -11.90 9.13
N GLU A 31 1.33 -12.01 8.08
CA GLU A 31 1.84 -12.46 6.79
C GLU A 31 2.43 -11.29 6.01
N LEU A 32 1.90 -10.10 6.30
CA LEU A 32 2.38 -8.91 5.63
C LEU A 32 3.73 -8.49 6.21
N ALA A 33 3.75 -8.34 7.52
CA ALA A 33 4.97 -7.96 8.21
C ALA A 33 6.09 -8.93 7.83
N THR A 34 5.70 -10.16 7.57
CA THR A 34 6.66 -11.19 7.18
C THR A 34 7.40 -10.78 5.91
N VAL A 35 6.70 -10.05 5.06
CA VAL A 35 7.28 -9.59 3.81
C VAL A 35 8.18 -8.39 4.08
N MET A 36 7.81 -7.64 5.10
CA MET A 36 8.58 -6.46 5.47
C MET A 36 9.97 -6.85 5.97
N ARG A 37 9.99 -7.81 6.89
CA ARG A 37 11.25 -8.28 7.45
C ARG A 37 12.20 -8.72 6.32
N SER A 38 11.61 -9.08 5.20
CA SER A 38 12.39 -9.51 4.05
C SER A 38 12.91 -8.29 3.27
N LEU A 39 12.20 -7.20 3.42
CA LEU A 39 12.57 -5.96 2.75
C LEU A 39 13.81 -5.38 3.42
N GLY A 40 13.61 -4.89 4.65
CA GLY A 40 14.70 -4.31 5.41
C GLY A 40 14.23 -3.91 6.81
N LEU A 41 13.03 -3.37 6.86
CA LEU A 41 12.45 -2.94 8.13
C LEU A 41 11.87 -4.15 8.86
N SER A 42 11.51 -3.93 10.11
CA SER A 42 10.93 -4.98 10.92
C SER A 42 9.68 -4.48 11.63
N PRO A 43 8.56 -4.47 10.85
CA PRO A 43 7.28 -4.01 11.39
C PRO A 43 6.67 -5.07 12.31
N SER A 44 6.07 -4.59 13.39
CA SER A 44 5.43 -5.48 14.35
C SER A 44 3.93 -5.54 14.10
N GLU A 45 3.31 -6.55 14.70
CA GLU A 45 1.88 -6.73 14.54
C GLU A 45 1.12 -5.49 15.04
N ALA A 46 1.80 -4.73 15.89
CA ALA A 46 1.21 -3.52 16.44
C ALA A 46 1.48 -2.36 15.49
N GLU A 47 2.65 -2.39 14.89
CA GLU A 47 3.05 -1.33 13.96
C GLU A 47 2.37 -1.55 12.60
N VAL A 48 1.95 -2.79 12.37
CA VAL A 48 1.30 -3.13 11.13
C VAL A 48 -0.21 -2.92 11.28
N ASN A 49 -0.72 -3.27 12.44
CA ASN A 49 -2.15 -3.13 12.72
C ASN A 49 -2.54 -1.66 12.57
N ASP A 50 -1.57 -0.79 12.84
CA ASP A 50 -1.80 0.64 12.74
C ASP A 50 -1.98 1.02 11.27
N LEU A 51 -1.07 0.51 10.44
CA LEU A 51 -1.11 0.79 9.02
C LEU A 51 -2.24 -0.01 8.38
N MET A 52 -2.64 -1.08 9.07
CA MET A 52 -3.71 -1.92 8.59
C MET A 52 -5.07 -1.45 9.09
N ASN A 53 -5.02 -0.55 10.07
CA ASN A 53 -6.24 -0.01 10.65
C ASN A 53 -6.87 0.96 9.65
N GLU A 54 -6.04 1.51 8.79
CA GLU A 54 -6.51 2.45 7.78
C GLU A 54 -7.15 1.70 6.61
N ILE A 55 -6.60 0.53 6.33
CA ILE A 55 -7.11 -0.30 5.25
C ILE A 55 -8.24 -1.20 5.77
N ASP A 56 -8.30 -1.30 7.09
CA ASP A 56 -9.33 -2.10 7.72
C ASP A 56 -10.62 -1.29 7.85
N VAL A 57 -11.69 -1.86 7.34
CA VAL A 57 -12.98 -1.20 7.39
C VAL A 57 -13.72 -1.64 8.66
N ASP A 58 -13.39 -2.81 9.11
CA ASP A 58 -14.04 -3.35 10.34
C ASP A 58 -12.98 -3.54 11.45
N GLY A 59 -11.72 -3.63 11.08
CA GLY A 59 -10.66 -3.83 12.05
C GLY A 59 -10.41 -5.31 12.31
N ASN A 60 -10.44 -6.08 11.23
CA ASN A 60 -10.22 -7.51 11.32
C ASN A 60 -8.79 -7.83 10.90
N HIS A 61 -8.01 -6.78 10.71
CA HIS A 61 -6.63 -6.93 10.30
C HIS A 61 -6.55 -7.84 9.07
N GLN A 62 -7.35 -7.49 8.07
CA GLN A 62 -7.38 -8.25 6.84
C GLN A 62 -7.67 -7.33 5.65
N ILE A 63 -6.71 -7.28 4.74
CA ILE A 63 -6.84 -6.45 3.55
C ILE A 63 -7.56 -7.25 2.46
N GLU A 64 -8.67 -6.69 2.00
CA GLU A 64 -9.46 -7.33 0.96
C GLU A 64 -9.14 -6.71 -0.40
N PHE A 65 -9.66 -7.34 -1.44
CA PHE A 65 -9.45 -6.86 -2.79
C PHE A 65 -10.12 -5.51 -3.01
N SER A 66 -11.12 -5.24 -2.18
CA SER A 66 -11.84 -3.99 -2.26
C SER A 66 -11.11 -2.89 -1.48
N GLU A 67 -10.64 -3.27 -0.30
CA GLU A 67 -9.91 -2.34 0.55
C GLU A 67 -8.60 -1.95 -0.10
N PHE A 68 -7.96 -2.93 -0.72
CA PHE A 68 -6.68 -2.70 -1.38
C PHE A 68 -6.86 -1.79 -2.60
N LEU A 69 -7.77 -2.19 -3.47
CA LEU A 69 -8.03 -1.42 -4.68
C LEU A 69 -8.46 -0.01 -4.28
N ALA A 70 -9.33 0.06 -3.29
CA ALA A 70 -9.82 1.34 -2.82
C ALA A 70 -8.67 2.13 -2.20
N LEU A 71 -7.61 1.41 -1.87
CA LEU A 71 -6.44 2.02 -1.28
C LEU A 71 -5.52 2.54 -2.38
N MET A 72 -5.59 1.87 -3.52
CA MET A 72 -4.76 2.25 -4.66
C MET A 72 -5.52 3.19 -5.59
N SER A 73 -6.73 3.53 -5.18
CA SER A 73 -7.56 4.43 -5.96
C SER A 73 -7.71 5.77 -5.25
N ARG A 74 -7.44 5.75 -3.95
CA ARG A 74 -7.53 6.96 -3.15
C ARG A 74 -7.00 8.16 -3.93
N GLN A 75 -5.79 8.00 -4.44
CA GLN A 75 -5.16 9.07 -5.21
C GLN A 75 -6.01 9.41 -6.44
N LEU A 76 -6.08 10.70 -6.73
CA LEU A 76 -6.85 11.17 -7.86
C LEU A 76 -8.33 10.84 -7.64
N LYS A 77 -8.78 11.06 -6.42
CA LYS A 77 -10.16 10.78 -6.08
C LYS A 77 -10.44 11.25 -4.64
N SER A 78 -11.67 11.70 -4.43
CA SER A 78 -12.06 12.19 -3.12
C SER A 78 -11.81 11.12 -2.06
N ASN A 79 -11.34 11.57 -0.91
CA ASN A 79 -11.05 10.67 0.19
C ASN A 79 -11.50 11.30 1.51
N ASP A 80 -11.64 10.46 2.52
CA ASP A 80 -12.06 10.93 3.83
C ASP A 80 -10.86 11.52 4.57
N SER A 81 -10.22 12.47 3.92
CA SER A 81 -9.06 13.12 4.49
C SER A 81 -7.93 12.10 4.68
N GLU A 82 -8.00 11.04 3.89
CA GLU A 82 -6.99 10.00 3.95
C GLU A 82 -5.70 10.46 3.25
N GLN A 83 -5.72 10.33 1.94
CA GLN A 83 -4.57 10.73 1.14
C GLN A 83 -3.27 10.46 1.91
N GLU A 84 -3.28 9.37 2.64
CA GLU A 84 -2.11 8.99 3.43
C GLU A 84 -1.30 7.92 2.69
N LEU A 85 -1.97 7.24 1.79
CA LEU A 85 -1.32 6.19 1.01
C LEU A 85 -0.70 6.81 -0.25
N LEU A 86 -0.61 8.12 -0.24
CA LEU A 86 -0.03 8.84 -1.38
C LEU A 86 1.45 9.08 -1.12
N GLU A 87 1.73 9.72 0.00
CA GLU A 87 3.11 10.02 0.37
C GLU A 87 3.71 8.86 1.17
N ALA A 88 2.89 8.32 2.07
CA ALA A 88 3.31 7.21 2.91
C ALA A 88 3.78 6.05 2.02
N PHE A 89 2.99 5.79 0.99
CA PHE A 89 3.30 4.71 0.06
C PHE A 89 3.98 5.26 -1.19
N LYS A 90 4.72 6.36 -1.01
CA LYS A 90 5.43 6.98 -2.12
C LYS A 90 6.79 6.31 -2.28
N VAL A 91 7.24 5.68 -1.21
CA VAL A 91 8.52 5.01 -1.22
C VAL A 91 8.55 3.98 -2.35
N PHE A 92 7.37 3.45 -2.65
CA PHE A 92 7.24 2.46 -3.72
C PHE A 92 7.15 3.14 -5.08
N ASP A 93 6.96 4.43 -5.05
CA ASP A 93 6.86 5.20 -6.32
C ASP A 93 8.24 5.70 -6.74
N LYS A 94 9.08 4.81 -7.27
CA LYS A 94 10.41 5.20 -7.69
C LYS A 94 10.31 6.25 -8.80
N ASN A 95 9.12 6.37 -9.35
CA ASN A 95 8.87 7.34 -10.40
C ASN A 95 8.78 8.74 -9.80
N GLY A 96 8.89 8.79 -8.48
CA GLY A 96 8.81 10.06 -7.76
C GLY A 96 7.76 10.97 -8.38
N ASP A 97 6.55 10.44 -8.51
CA ASP A 97 5.46 11.20 -9.07
C ASP A 97 4.35 11.34 -8.03
N GLY A 98 4.52 10.63 -6.94
CA GLY A 98 3.54 10.66 -5.86
C GLY A 98 2.47 9.58 -6.05
N LEU A 99 2.23 9.26 -7.32
CA LEU A 99 1.24 8.25 -7.64
C LEU A 99 1.90 6.87 -7.63
N ILE A 100 1.11 5.86 -7.31
CA ILE A 100 1.60 4.49 -7.27
C ILE A 100 0.65 3.59 -8.04
N SER A 101 1.24 2.71 -8.84
CA SER A 101 0.47 1.78 -9.65
C SER A 101 0.74 0.34 -9.19
N ALA A 102 0.15 -0.59 -9.93
CA ALA A 102 0.32 -2.00 -9.62
C ALA A 102 1.76 -2.42 -9.94
N ALA A 103 2.43 -1.58 -10.71
CA ALA A 103 3.80 -1.86 -11.09
C ALA A 103 4.74 -1.37 -9.98
N GLU A 104 4.56 -0.13 -9.60
CA GLU A 104 5.39 0.47 -8.56
C GLU A 104 5.21 -0.29 -7.25
N LEU A 105 3.96 -0.63 -6.95
CA LEU A 105 3.64 -1.35 -5.74
C LEU A 105 4.33 -2.71 -5.76
N LYS A 106 4.33 -3.32 -6.94
CA LYS A 106 4.96 -4.62 -7.12
C LYS A 106 6.48 -4.45 -7.09
N HIS A 107 6.93 -3.31 -7.58
CA HIS A 107 8.35 -3.02 -7.61
C HIS A 107 8.89 -2.92 -6.17
N VAL A 108 7.96 -2.77 -5.24
CA VAL A 108 8.32 -2.67 -3.83
C VAL A 108 9.18 -3.87 -3.43
N LEU A 109 8.78 -5.03 -3.95
CA LEU A 109 9.49 -6.26 -3.64
C LEU A 109 10.93 -6.15 -4.17
N THR A 110 11.10 -5.28 -5.15
CA THR A 110 12.41 -5.06 -5.74
C THR A 110 13.04 -3.78 -5.19
N SER A 111 12.24 -3.02 -4.46
CA SER A 111 12.70 -1.77 -3.88
C SER A 111 13.83 -2.06 -2.89
N ILE A 112 13.47 -2.71 -1.79
CA ILE A 112 14.45 -3.05 -0.77
C ILE A 112 14.90 -1.77 -0.07
N GLY A 113 14.24 -0.68 -0.41
CA GLY A 113 14.57 0.61 0.18
C GLY A 113 14.35 0.60 1.69
N GLU A 114 15.45 0.66 2.42
CA GLU A 114 15.39 0.67 3.87
C GLU A 114 14.31 1.63 4.35
N LYS A 115 14.05 1.56 5.65
CA LYS A 115 13.04 2.43 6.26
C LYS A 115 13.17 3.83 5.66
N LEU A 116 12.23 4.16 4.78
CA LEU A 116 12.23 5.46 4.13
C LEU A 116 11.51 6.47 5.03
N THR A 117 11.35 7.67 4.51
CA THR A 117 10.68 8.73 5.26
C THR A 117 9.37 9.11 4.57
N ASP A 118 8.54 9.83 5.31
CA ASP A 118 7.26 10.27 4.79
C ASP A 118 7.38 11.70 4.27
N ALA A 119 8.40 12.39 4.76
CA ALA A 119 8.64 13.75 4.35
C ALA A 119 9.30 13.77 2.97
N GLU A 120 9.51 12.58 2.43
CA GLU A 120 10.11 12.43 1.12
C GLU A 120 9.59 13.52 0.18
N LEU A 121 8.28 13.48 -0.04
CA LEU A 121 7.64 14.45 -0.91
C LEU A 121 6.77 15.39 -0.08
N GLU A 122 6.14 14.81 0.93
CA GLU A 122 5.28 15.59 1.81
C GLU A 122 5.89 16.97 2.07
N HIS A 123 5.01 17.97 2.09
CA HIS A 123 5.45 19.34 2.31
C HIS A 123 4.24 20.20 2.67
N HIS A 124 4.51 21.48 2.88
CA HIS A 124 3.46 22.42 3.24
C HIS A 124 2.41 22.47 2.12
N HIS A 125 1.38 21.67 2.28
CA HIS A 125 0.31 21.61 1.30
C HIS A 125 -1.03 21.89 1.98
N HIS A 126 -1.11 23.04 2.63
CA HIS A 126 -2.31 23.43 3.33
C HIS A 126 -3.06 24.48 2.50
N HIS A 127 -4.39 24.40 2.55
CA HIS A 127 -5.23 25.32 1.81
C HIS A 127 -6.07 26.14 2.80
N HIS A 128 -6.87 25.42 3.57
CA HIS A 128 -7.73 26.06 4.55
C HIS A 128 -6.94 27.11 5.34
CA CA B . -3.17 -14.58 3.85
CA CA C . -10.83 -5.25 6.84
CA CA D . 4.13 7.05 -10.53
N SER A 1 -13.74 10.55 -13.40
CA SER A 1 -12.32 10.43 -13.12
C SER A 1 -11.82 9.04 -13.52
N SER A 2 -10.50 8.91 -13.57
CA SER A 2 -9.89 7.64 -13.95
C SER A 2 -10.37 6.53 -13.00
N ASN A 3 -10.35 5.31 -13.51
CA ASN A 3 -10.78 4.17 -12.74
C ASN A 3 -9.94 2.94 -13.13
N LEU A 4 -9.67 2.11 -12.14
CA LEU A 4 -8.88 0.91 -12.37
C LEU A 4 -9.52 0.10 -13.51
N THR A 5 -8.64 -0.43 -14.35
CA THR A 5 -9.10 -1.22 -15.48
C THR A 5 -8.78 -2.70 -15.26
N GLU A 6 -9.36 -3.53 -16.12
CA GLU A 6 -9.15 -4.97 -16.02
C GLU A 6 -7.66 -5.28 -15.86
N GLU A 7 -6.87 -4.70 -16.76
CA GLU A 7 -5.43 -4.92 -16.72
C GLU A 7 -4.89 -4.71 -15.31
N GLN A 8 -5.08 -3.49 -14.81
CA GLN A 8 -4.62 -3.15 -13.47
C GLN A 8 -5.01 -4.26 -12.48
N ILE A 9 -6.32 -4.48 -12.39
CA ILE A 9 -6.83 -5.49 -11.48
C ILE A 9 -5.99 -6.77 -11.61
N ALA A 10 -5.73 -7.14 -12.87
CA ALA A 10 -4.94 -8.32 -13.14
C ALA A 10 -3.55 -8.17 -12.53
N GLU A 11 -3.00 -6.97 -12.69
CA GLU A 11 -1.68 -6.68 -12.15
C GLU A 11 -1.66 -6.88 -10.64
N PHE A 12 -2.72 -6.40 -10.00
CA PHE A 12 -2.83 -6.52 -8.56
C PHE A 12 -2.99 -7.99 -8.15
N LYS A 13 -3.70 -8.74 -8.98
CA LYS A 13 -3.92 -10.15 -8.71
C LYS A 13 -2.58 -10.85 -8.51
N GLU A 14 -1.54 -10.23 -9.05
CA GLU A 14 -0.20 -10.78 -8.94
C GLU A 14 0.51 -10.19 -7.73
N ALA A 15 0.78 -8.90 -7.81
CA ALA A 15 1.45 -8.19 -6.73
C ALA A 15 0.92 -8.70 -5.39
N PHE A 16 -0.39 -8.86 -5.34
CA PHE A 16 -1.03 -9.33 -4.12
C PHE A 16 -0.64 -10.78 -3.82
N ALA A 17 -0.90 -11.65 -4.78
CA ALA A 17 -0.58 -13.06 -4.63
C ALA A 17 0.89 -13.20 -4.19
N LEU A 18 1.69 -12.22 -4.60
CA LEU A 18 3.10 -12.22 -4.25
C LEU A 18 3.25 -12.02 -2.74
N PHE A 19 2.36 -11.20 -2.20
CA PHE A 19 2.39 -10.92 -0.77
C PHE A 19 1.63 -11.98 0.01
N ASP A 20 0.65 -12.58 -0.65
CA ASP A 20 -0.15 -13.61 -0.03
C ASP A 20 0.68 -14.89 0.10
N LYS A 21 0.56 -15.52 1.27
CA LYS A 21 1.30 -16.75 1.53
C LYS A 21 0.54 -17.93 0.93
N ASP A 22 -0.62 -18.17 1.48
CA ASP A 22 -1.47 -19.29 0.99
C ASP A 22 -2.30 -18.84 -0.21
N ASN A 23 -2.26 -17.56 -0.53
CA ASN A 23 -3.03 -17.04 -1.66
C ASN A 23 -4.52 -17.21 -1.37
N ASN A 24 -4.93 -16.70 -0.22
CA ASN A 24 -6.33 -16.79 0.18
C ASN A 24 -7.08 -15.55 -0.29
N GLY A 25 -6.34 -14.46 -0.39
CA GLY A 25 -6.92 -13.20 -0.83
C GLY A 25 -6.90 -12.15 0.30
N SER A 26 -6.72 -12.65 1.51
CA SER A 26 -6.68 -11.78 2.68
C SER A 26 -5.27 -11.78 3.28
N ILE A 27 -4.71 -10.58 3.39
CA ILE A 27 -3.37 -10.43 3.95
C ILE A 27 -3.48 -9.93 5.40
N SER A 28 -2.62 -10.47 6.24
CA SER A 28 -2.61 -10.09 7.64
C SER A 28 -1.32 -9.35 7.97
N SER A 29 -1.36 -8.63 9.09
CA SER A 29 -0.20 -7.87 9.53
C SER A 29 1.01 -8.79 9.67
N SER A 30 0.72 -10.04 10.00
CA SER A 30 1.77 -11.03 10.19
C SER A 30 2.43 -11.36 8.84
N GLU A 31 1.59 -11.75 7.89
CA GLU A 31 2.07 -12.10 6.56
C GLU A 31 2.66 -10.86 5.88
N LEU A 32 2.15 -9.70 6.28
CA LEU A 32 2.62 -8.44 5.71
C LEU A 32 4.03 -8.15 6.23
N ALA A 33 4.14 -8.07 7.56
CA ALA A 33 5.41 -7.80 8.18
C ALA A 33 6.46 -8.79 7.66
N THR A 34 6.04 -10.02 7.51
CA THR A 34 6.91 -11.07 7.02
C THR A 34 7.66 -10.59 5.77
N VAL A 35 7.01 -9.72 5.03
CA VAL A 35 7.61 -9.19 3.82
C VAL A 35 8.50 -7.99 4.18
N MET A 36 8.08 -7.27 5.21
CA MET A 36 8.83 -6.11 5.66
C MET A 36 10.24 -6.50 6.08
N ARG A 37 10.33 -7.62 6.80
CA ARG A 37 11.61 -8.12 7.27
C ARG A 37 12.53 -8.39 6.08
N SER A 38 11.93 -8.73 4.96
CA SER A 38 12.69 -9.01 3.76
C SER A 38 13.06 -7.71 3.05
N LEU A 39 12.43 -6.64 3.50
CA LEU A 39 12.69 -5.33 2.92
C LEU A 39 13.93 -4.71 3.59
N GLY A 40 14.01 -4.89 4.89
CA GLY A 40 15.13 -4.36 5.65
C GLY A 40 14.63 -3.58 6.88
N LEU A 41 13.68 -4.18 7.58
CA LEU A 41 13.12 -3.56 8.77
C LEU A 41 12.52 -4.63 9.68
N SER A 42 11.91 -4.17 10.76
CA SER A 42 11.30 -5.09 11.71
C SER A 42 10.06 -4.43 12.34
N PRO A 43 8.97 -4.39 11.53
CA PRO A 43 7.73 -3.80 12.00
C PRO A 43 7.02 -4.74 12.98
N SER A 44 6.42 -4.13 14.00
CA SER A 44 5.70 -4.89 15.00
C SER A 44 4.22 -4.99 14.62
N GLU A 45 3.64 -6.16 14.91
CA GLU A 45 2.24 -6.39 14.61
C GLU A 45 1.41 -5.17 14.98
N ALA A 46 1.91 -4.41 15.95
CA ALA A 46 1.22 -3.21 16.39
C ALA A 46 1.42 -2.10 15.37
N GLU A 47 2.67 -1.91 14.98
CA GLU A 47 3.02 -0.88 14.01
C GLU A 47 2.32 -1.17 12.68
N VAL A 48 2.23 -2.44 12.35
CA VAL A 48 1.59 -2.87 11.11
C VAL A 48 0.09 -2.66 11.22
N ASN A 49 -0.48 -3.22 12.28
CA ASN A 49 -1.91 -3.11 12.52
C ASN A 49 -2.33 -1.64 12.34
N ASP A 50 -1.38 -0.75 12.57
CA ASP A 50 -1.65 0.67 12.43
C ASP A 50 -1.92 1.00 10.95
N LEU A 51 -1.10 0.41 10.10
CA LEU A 51 -1.23 0.62 8.66
C LEU A 51 -2.40 -0.20 8.13
N MET A 52 -2.62 -1.34 8.78
CA MET A 52 -3.70 -2.23 8.39
C MET A 52 -5.06 -1.69 8.87
N ASN A 53 -4.99 -0.77 9.82
CA ASN A 53 -6.20 -0.18 10.37
C ASN A 53 -6.90 0.64 9.28
N GLU A 54 -6.10 1.45 8.60
CA GLU A 54 -6.62 2.29 7.53
C GLU A 54 -7.23 1.43 6.43
N ILE A 55 -6.48 0.42 6.02
CA ILE A 55 -6.95 -0.48 4.98
C ILE A 55 -8.09 -1.34 5.52
N ASP A 56 -8.14 -1.44 6.84
CA ASP A 56 -9.17 -2.22 7.49
C ASP A 56 -10.45 -1.39 7.60
N VAL A 57 -11.53 -1.94 7.08
CA VAL A 57 -12.81 -1.27 7.10
C VAL A 57 -13.58 -1.69 8.36
N ASP A 58 -13.20 -2.83 8.88
CA ASP A 58 -13.87 -3.35 10.10
C ASP A 58 -12.84 -3.58 11.21
N GLY A 59 -11.57 -3.70 10.84
CA GLY A 59 -10.53 -3.93 11.82
C GLY A 59 -10.36 -5.43 12.11
N ASN A 60 -10.40 -6.21 11.05
CA ASN A 60 -10.27 -7.65 11.17
C ASN A 60 -8.84 -8.05 10.79
N HIS A 61 -8.00 -7.04 10.60
CA HIS A 61 -6.62 -7.27 10.23
C HIS A 61 -6.57 -8.20 9.01
N GLN A 62 -7.28 -7.80 7.97
CA GLN A 62 -7.32 -8.58 6.74
C GLN A 62 -7.65 -7.68 5.55
N ILE A 63 -6.70 -7.62 4.63
CA ILE A 63 -6.87 -6.81 3.44
C ILE A 63 -7.48 -7.66 2.33
N GLU A 64 -8.68 -7.26 1.91
CA GLU A 64 -9.37 -7.98 0.85
C GLU A 64 -8.94 -7.46 -0.52
N PHE A 65 -9.25 -8.24 -1.53
CA PHE A 65 -8.90 -7.88 -2.90
C PHE A 65 -9.54 -6.55 -3.29
N SER A 66 -10.61 -6.22 -2.59
CA SER A 66 -11.32 -4.97 -2.84
C SER A 66 -10.72 -3.84 -2.00
N GLU A 67 -10.59 -4.12 -0.71
CA GLU A 67 -10.02 -3.13 0.21
C GLU A 67 -8.65 -2.68 -0.28
N PHE A 68 -7.86 -3.64 -0.74
CA PHE A 68 -6.53 -3.35 -1.24
C PHE A 68 -6.59 -2.39 -2.42
N LEU A 69 -7.21 -2.85 -3.49
CA LEU A 69 -7.33 -2.04 -4.70
C LEU A 69 -7.68 -0.60 -4.30
N ALA A 70 -8.36 -0.48 -3.17
CA ALA A 70 -8.76 0.83 -2.67
C ALA A 70 -7.51 1.69 -2.45
N LEU A 71 -6.55 1.11 -1.74
CA LEU A 71 -5.31 1.82 -1.45
C LEU A 71 -4.65 2.24 -2.78
N MET A 72 -4.68 1.31 -3.72
CA MET A 72 -4.09 1.56 -5.03
C MET A 72 -4.87 2.63 -5.79
N SER A 73 -6.02 2.99 -5.23
CA SER A 73 -6.86 4.00 -5.84
C SER A 73 -7.04 5.18 -4.89
N ARG A 74 -6.50 5.01 -3.68
CA ARG A 74 -6.60 6.06 -2.67
C ARG A 74 -5.90 7.33 -3.15
N GLN A 75 -5.12 7.17 -4.21
CA GLN A 75 -4.39 8.29 -4.78
C GLN A 75 -5.05 8.75 -6.08
N LEU A 76 -6.19 9.39 -5.93
CA LEU A 76 -6.93 9.88 -7.09
C LEU A 76 -7.18 11.39 -6.91
N LYS A 77 -8.14 11.70 -6.06
CA LYS A 77 -8.50 13.08 -5.81
C LYS A 77 -7.30 13.80 -5.19
N SER A 78 -7.06 15.01 -5.68
CA SER A 78 -5.95 15.81 -5.19
C SER A 78 -6.32 16.45 -3.84
N ASN A 79 -5.51 16.15 -2.84
CA ASN A 79 -5.75 16.68 -1.51
C ASN A 79 -7.05 16.12 -0.95
N ASP A 80 -7.20 14.80 -1.10
CA ASP A 80 -8.39 14.13 -0.62
C ASP A 80 -8.25 13.87 0.88
N SER A 81 -9.33 13.38 1.47
CA SER A 81 -9.35 13.08 2.88
C SER A 81 -9.01 11.61 3.12
N GLU A 82 -8.95 10.87 2.03
CA GLU A 82 -8.65 9.46 2.11
C GLU A 82 -7.25 9.18 1.53
N GLN A 83 -6.74 10.18 0.82
CA GLN A 83 -5.42 10.06 0.22
C GLN A 83 -4.34 10.09 1.30
N GLU A 84 -4.78 10.33 2.52
CA GLU A 84 -3.85 10.38 3.65
C GLU A 84 -2.98 9.13 3.68
N LEU A 85 -3.46 8.08 3.02
CA LEU A 85 -2.74 6.83 2.96
C LEU A 85 -1.86 6.81 1.72
N LEU A 86 -1.54 8.00 1.24
CA LEU A 86 -0.71 8.13 0.06
C LEU A 86 0.76 8.28 0.47
N GLU A 87 1.05 9.44 1.05
CA GLU A 87 2.41 9.72 1.50
C GLU A 87 2.84 8.70 2.55
N ALA A 88 1.87 8.29 3.35
CA ALA A 88 2.14 7.32 4.40
C ALA A 88 2.49 5.97 3.77
N PHE A 89 2.17 5.85 2.49
CA PHE A 89 2.45 4.62 1.76
C PHE A 89 3.39 4.89 0.58
N LYS A 90 4.22 5.90 0.75
CA LYS A 90 5.18 6.27 -0.28
C LYS A 90 6.33 5.26 -0.29
N VAL A 91 6.41 4.51 0.79
CA VAL A 91 7.46 3.51 0.93
C VAL A 91 7.61 2.75 -0.39
N PHE A 92 6.48 2.58 -1.07
CA PHE A 92 6.46 1.88 -2.33
C PHE A 92 7.10 2.73 -3.44
N ASP A 93 6.49 3.85 -3.69
CA ASP A 93 7.02 4.76 -4.75
C ASP A 93 8.49 5.09 -4.47
N LYS A 94 9.40 4.40 -5.14
CA LYS A 94 10.82 4.64 -4.93
C LYS A 94 11.29 5.76 -5.86
N ASN A 95 10.44 6.06 -6.84
CA ASN A 95 10.75 7.10 -7.80
C ASN A 95 10.26 8.45 -7.26
N GLY A 96 9.91 8.45 -5.98
CA GLY A 96 9.44 9.66 -5.33
C GLY A 96 8.47 10.43 -6.25
N ASP A 97 7.36 9.78 -6.56
CA ASP A 97 6.36 10.39 -7.41
C ASP A 97 5.11 10.72 -6.58
N GLY A 98 5.00 10.03 -5.46
CA GLY A 98 3.86 10.25 -4.57
C GLY A 98 2.70 9.33 -4.95
N LEU A 99 2.81 8.72 -6.11
CA LEU A 99 1.78 7.82 -6.59
C LEU A 99 2.37 6.42 -6.78
N ILE A 100 1.51 5.43 -6.60
CA ILE A 100 1.93 4.05 -6.74
C ILE A 100 0.90 3.29 -7.59
N SER A 101 1.42 2.52 -8.54
CA SER A 101 0.56 1.74 -9.42
C SER A 101 0.79 0.25 -9.18
N ALA A 102 0.16 -0.55 -10.04
CA ALA A 102 0.29 -2.00 -9.94
C ALA A 102 1.74 -2.40 -10.23
N ALA A 103 2.14 -2.18 -11.47
CA ALA A 103 3.49 -2.52 -11.89
C ALA A 103 4.49 -2.04 -10.83
N GLU A 104 4.08 -1.01 -10.10
CA GLU A 104 4.92 -0.45 -9.06
C GLU A 104 4.83 -1.32 -7.79
N LEU A 105 3.61 -1.71 -7.47
CA LEU A 105 3.38 -2.54 -6.30
C LEU A 105 4.23 -3.80 -6.40
N LYS A 106 4.35 -4.31 -7.62
CA LYS A 106 5.13 -5.51 -7.86
C LYS A 106 6.61 -5.19 -7.74
N HIS A 107 6.93 -3.91 -7.95
CA HIS A 107 8.30 -3.46 -7.87
C HIS A 107 8.68 -3.22 -6.40
N VAL A 108 7.66 -3.14 -5.57
CA VAL A 108 7.87 -2.92 -4.14
C VAL A 108 8.77 -4.02 -3.59
N LEU A 109 8.52 -5.24 -4.07
CA LEU A 109 9.29 -6.39 -3.63
C LEU A 109 10.74 -6.22 -4.05
N THR A 110 10.95 -5.31 -5.00
CA THR A 110 12.28 -5.03 -5.50
C THR A 110 12.78 -3.69 -4.98
N SER A 111 11.92 -3.01 -4.23
CA SER A 111 12.25 -1.72 -3.67
C SER A 111 13.34 -1.88 -2.60
N ILE A 112 12.97 -2.53 -1.51
CA ILE A 112 13.90 -2.74 -0.41
C ILE A 112 14.32 -1.41 0.17
N GLY A 113 13.60 -0.37 -0.22
CA GLY A 113 13.88 0.98 0.26
C GLY A 113 13.63 1.09 1.77
N GLU A 114 14.61 1.63 2.46
CA GLU A 114 14.51 1.80 3.90
C GLU A 114 13.80 3.12 4.23
N LYS A 115 14.47 4.20 3.89
CA LYS A 115 13.93 5.52 4.14
C LYS A 115 12.44 5.55 3.76
N LEU A 116 11.65 6.17 4.61
CA LEU A 116 10.22 6.28 4.37
C LEU A 116 9.59 7.19 5.43
N THR A 117 8.73 8.07 4.95
CA THR A 117 8.05 9.00 5.85
C THR A 117 6.65 9.32 5.32
N ASP A 118 5.96 10.18 6.05
CA ASP A 118 4.61 10.57 5.68
C ASP A 118 4.60 12.04 5.26
N ALA A 119 5.47 12.81 5.91
CA ALA A 119 5.59 14.22 5.61
C ALA A 119 6.54 14.42 4.43
N GLU A 120 6.92 13.30 3.82
CA GLU A 120 7.82 13.34 2.68
C GLU A 120 7.16 14.10 1.52
N LEU A 121 5.85 13.94 1.40
CA LEU A 121 5.11 14.59 0.35
C LEU A 121 4.24 15.70 0.95
N GLU A 122 3.48 15.32 1.96
CA GLU A 122 2.60 16.27 2.63
C GLU A 122 3.36 17.55 2.96
N HIS A 123 4.68 17.41 3.08
CA HIS A 123 5.53 18.54 3.39
C HIS A 123 5.04 19.78 2.62
N HIS A 124 4.47 19.51 1.45
CA HIS A 124 3.96 20.59 0.61
C HIS A 124 2.86 21.34 1.35
N HIS A 125 2.23 22.27 0.63
CA HIS A 125 1.16 23.06 1.22
C HIS A 125 0.17 23.46 0.11
N HIS A 126 -0.90 24.11 0.54
CA HIS A 126 -1.93 24.54 -0.40
C HIS A 126 -2.50 23.33 -1.13
N HIS A 127 -2.70 22.26 -0.38
CA HIS A 127 -3.24 21.03 -0.96
C HIS A 127 -4.68 21.29 -1.43
N HIS A 128 -4.79 21.72 -2.67
CA HIS A 128 -6.09 21.99 -3.25
C HIS A 128 -6.01 21.91 -4.78
CA CA B . -3.17 -14.58 3.85
CA CA C . -10.83 -5.25 6.84
CA CA D . 4.13 7.05 -10.53
#